data_4AGI
#
_entry.id   4AGI
#
_cell.length_a   46.691
_cell.length_b   79.847
_cell.length_c   84.389
_cell.angle_alpha   91.09
_cell.angle_beta   88.89
_cell.angle_gamma   103.00
#
_symmetry.space_group_name_H-M   'P 1'
#
loop_
_entity.id
_entity.type
_entity.pdbx_description
1 polymer 'FUCOSE-SPECIFIC LECTIN FLEA'
2 non-polymer 'methyl 1-seleno-alpha-L-fucopyranoside'
3 water water
#
_entity_poly.entity_id   1
_entity_poly.type   'polypeptide(L)'
_entity_poly.pdbx_seq_one_letter_code
;MSTPGAQQVLFRTGIAAVNSTNHLRVYFQDVYGSIRESLYEGSWANGTEKNVIGNAKLGSPVAATSKELKHIRVYTLTEG
NTLQEFAYDSGTGWYNGGLGGAKFQVAPYS(CSK)IAAVFLAGTDALQLRIYAQKPDNTIQEYMWNGDGWKEGTNLGGAL
PGTGIGATSFRYTDYNGPSIRIWFQTDDLKLVQRAYDPHKGWYPDLVTIFDRAPPRTAIAATSFGAGNSSIYMRIYFVNS
DNTIWQV(CSD)WDHGKGYHDKGTITPVIQGSEVAIISWGSFANNGPDLRLYFQNGTYISAVSEWVWNRAHGSQLGRSAL
PPA
;
_entity_poly.pdbx_strand_id   A,B,C,D
#
loop_
_chem_comp.id
_chem_comp.type
_chem_comp.name
_chem_comp.formula
SFU L-saccharide 'methyl 1-seleno-alpha-L-fucopyranoside' 'C7 H14 O4 Se'
#
# COMPACT_ATOMS: atom_id res chain seq x y z
N SER A 2 -7.56 -23.09 30.47
CA SER A 2 -6.11 -22.86 30.30
C SER A 2 -5.58 -22.35 31.64
N THR A 3 -4.36 -21.82 31.62
CA THR A 3 -3.80 -21.13 32.73
C THR A 3 -3.23 -19.86 32.13
N PRO A 4 -3.05 -18.84 32.98
CA PRO A 4 -2.50 -17.62 32.48
C PRO A 4 -1.11 -17.85 31.91
N GLY A 5 -0.29 -18.64 32.61
CA GLY A 5 1.03 -18.93 32.15
C GLY A 5 0.98 -19.62 30.81
N ALA A 6 0.14 -20.64 30.65
CA ALA A 6 0.13 -21.36 29.40
C ALA A 6 -0.20 -20.39 28.23
N GLN A 7 -1.06 -19.43 28.53
CA GLN A 7 -1.56 -18.45 27.54
C GLN A 7 -0.44 -17.56 26.96
N GLN A 8 0.71 -17.54 27.62
CA GLN A 8 1.85 -16.78 27.18
C GLN A 8 2.61 -17.47 26.08
N VAL A 9 2.42 -18.77 25.97
CA VAL A 9 3.18 -19.60 24.98
C VAL A 9 2.47 -19.52 23.63
N LEU A 10 3.22 -19.18 22.59
CA LEU A 10 2.68 -19.13 21.25
C LEU A 10 2.15 -20.53 20.83
N PHE A 11 0.94 -20.51 20.32
CA PHE A 11 0.34 -21.72 19.72
C PHE A 11 1.10 -22.10 18.46
N ARG A 12 1.57 -23.36 18.42
CA ARG A 12 2.47 -23.83 17.36
C ARG A 12 3.83 -23.14 17.36
N THR A 13 4.27 -22.74 18.55
CA THR A 13 5.63 -22.24 18.74
C THR A 13 6.68 -23.22 18.21
N GLY A 14 7.77 -22.70 17.68
CA GLY A 14 8.98 -23.49 17.54
C GLY A 14 9.50 -23.92 18.89
N ILE A 15 10.06 -25.12 18.94
CA ILE A 15 10.54 -25.65 20.20
C ILE A 15 11.92 -26.25 19.96
N ALA A 16 12.83 -25.96 20.89
CA ALA A 16 14.15 -26.59 20.88
C ALA A 16 14.55 -26.95 22.33
N ALA A 17 15.51 -27.87 22.44
CA ALA A 17 15.96 -28.31 23.75
C ALA A 17 17.43 -28.72 23.69
N VAL A 18 18.13 -28.49 24.80
CA VAL A 18 19.49 -28.95 25.00
C VAL A 18 19.63 -29.53 26.40
N ASN A 19 20.74 -30.20 26.65
CA ASN A 19 20.95 -30.85 27.92
C ASN A 19 22.40 -31.24 28.16
N SER A 20 22.69 -31.45 29.44
CA SER A 20 23.84 -32.23 29.84
C SER A 20 23.27 -33.25 30.75
N THR A 21 23.35 -34.50 30.32
CA THR A 21 22.55 -35.57 30.93
C THR A 21 21.13 -35.10 31.32
N ASN A 22 20.72 -35.22 32.60
CA ASN A 22 19.38 -34.84 33.02
C ASN A 22 19.22 -33.38 33.47
N HIS A 23 20.17 -32.52 33.07
CA HIS A 23 20.08 -31.08 33.29
C HIS A 23 19.61 -30.51 31.98
N LEU A 24 18.40 -29.96 31.95
CA LEU A 24 17.69 -29.66 30.66
C LEU A 24 17.38 -28.19 30.49
N ARG A 25 17.34 -27.76 29.24
CA ARG A 25 16.85 -26.42 28.88
C ARG A 25 15.92 -26.57 27.69
N VAL A 26 14.80 -25.85 27.71
CA VAL A 26 13.84 -25.86 26.59
C VAL A 26 13.58 -24.41 26.19
N TYR A 27 13.66 -24.16 24.88
CA TYR A 27 13.39 -22.89 24.25
C TYR A 27 12.08 -22.90 23.48
N PHE A 28 11.37 -21.77 23.56
CA PHE A 28 10.14 -21.60 22.85
C PHE A 28 9.89 -20.12 22.68
N GLN A 29 8.86 -19.78 21.89
CA GLN A 29 8.52 -18.42 21.62
C GLN A 29 7.23 -18.08 22.34
N ASP A 30 7.21 -16.91 22.97
CA ASP A 30 5.98 -16.39 23.60
C ASP A 30 5.11 -15.67 22.56
N VAL A 31 3.93 -15.26 23.00
CA VAL A 31 2.99 -14.62 22.09
C VAL A 31 3.42 -13.26 21.57
N TYR A 32 4.40 -12.65 22.24
CA TYR A 32 4.99 -11.37 21.80
C TYR A 32 6.19 -11.52 20.90
N GLY A 33 6.59 -12.75 20.60
CA GLY A 33 7.78 -13.00 19.78
C GLY A 33 9.10 -13.17 20.50
N SER A 34 9.14 -13.03 21.80
CA SER A 34 10.37 -13.26 22.56
C SER A 34 10.64 -14.76 22.70
N ILE A 35 11.90 -15.10 22.73
CA ILE A 35 12.37 -16.46 22.91
C ILE A 35 12.71 -16.63 24.40
N ARG A 36 12.07 -17.58 25.06
CA ARG A 36 12.23 -17.82 26.45
C ARG A 36 12.89 -19.16 26.69
N GLU A 37 13.52 -19.26 27.86
CA GLU A 37 14.09 -20.49 28.33
C GLU A 37 13.43 -21.01 29.59
N SER A 38 13.02 -22.30 29.54
CA SER A 38 12.61 -23.06 30.71
C SER A 38 13.73 -24.03 31.04
N LEU A 39 13.82 -24.39 32.32
CA LEU A 39 14.98 -25.05 32.86
C LEU A 39 14.59 -26.21 33.74
N TYR A 40 15.34 -27.31 33.71
CA TYR A 40 15.15 -28.42 34.64
C TYR A 40 16.47 -28.78 35.28
N GLU A 41 16.57 -28.53 36.60
CA GLU A 41 17.72 -28.96 37.41
C GLU A 41 17.16 -29.64 38.64
N GLY A 42 16.52 -30.77 38.45
CA GLY A 42 15.79 -31.41 39.51
C GLY A 42 14.33 -31.07 39.62
N SER A 43 13.96 -29.88 39.14
CA SER A 43 12.61 -29.46 39.04
C SER A 43 12.52 -28.44 37.91
N TRP A 44 11.30 -28.20 37.44
CA TRP A 44 11.04 -27.28 36.33
C TRP A 44 10.94 -25.87 36.81
N ALA A 45 11.53 -24.94 36.06
CA ALA A 45 11.67 -23.55 36.48
C ALA A 45 11.61 -22.67 35.26
N ASN A 46 11.44 -21.39 35.52
CA ASN A 46 11.66 -20.32 34.57
C ASN A 46 10.58 -20.23 33.48
N GLY A 47 10.95 -19.97 32.22
CA GLY A 47 9.98 -19.77 31.18
C GLY A 47 9.14 -18.49 31.24
N THR A 48 9.55 -17.53 32.07
CA THR A 48 8.78 -16.32 32.31
C THR A 48 9.28 -15.17 31.46
N GLU A 49 8.61 -14.03 31.58
CA GLU A 49 9.07 -12.78 30.97
C GLU A 49 10.48 -12.38 31.41
N LYS A 50 10.93 -12.87 32.56
CA LYS A 50 12.26 -12.59 33.04
C LYS A 50 13.32 -13.54 32.49
N ASN A 51 12.89 -14.53 31.68
CA ASN A 51 13.77 -15.56 31.15
C ASN A 51 13.84 -15.48 29.64
N VAL A 52 13.78 -14.27 29.12
CA VAL A 52 13.89 -14.04 27.71
C VAL A 52 15.35 -13.91 27.28
N ILE A 53 15.72 -14.61 26.21
CA ILE A 53 17.10 -14.61 25.74
C ILE A 53 17.29 -13.86 24.41
N GLY A 54 16.18 -13.41 23.84
CA GLY A 54 16.21 -12.64 22.59
C GLY A 54 14.83 -12.57 21.99
N ASN A 55 14.72 -11.89 20.85
CA ASN A 55 13.52 -11.74 20.07
C ASN A 55 13.68 -12.20 18.64
N ALA A 56 12.62 -12.81 18.12
CA ALA A 56 12.62 -13.30 16.71
C ALA A 56 11.27 -12.98 16.05
N LYS A 57 11.23 -13.07 14.73
CA LYS A 57 9.95 -12.87 14.02
C LYS A 57 8.89 -13.81 14.60
N LEU A 58 7.67 -13.34 14.71
CA LEU A 58 6.60 -14.21 15.18
C LEU A 58 6.46 -15.43 14.28
N GLY A 59 6.40 -16.61 14.91
CA GLY A 59 6.35 -17.81 14.15
C GLY A 59 7.66 -18.38 13.71
N SER A 60 8.75 -17.76 14.13
CA SER A 60 10.08 -18.23 13.76
C SER A 60 10.32 -19.70 14.08
N PRO A 61 11.14 -20.36 13.26
CA PRO A 61 11.72 -21.58 13.74
C PRO A 61 12.59 -21.33 14.98
N VAL A 62 12.74 -22.35 15.81
CA VAL A 62 13.57 -22.27 16.99
C VAL A 62 14.38 -23.54 17.03
N ALA A 63 15.71 -23.43 16.91
CA ALA A 63 16.66 -24.54 16.95
C ALA A 63 17.74 -24.28 17.98
N ALA A 64 18.29 -25.35 18.52
CA ALA A 64 19.34 -25.19 19.53
C ALA A 64 20.23 -26.42 19.60
N THR A 65 21.47 -26.19 19.95
CA THR A 65 22.50 -27.21 20.16
C THR A 65 23.44 -26.73 21.27
N SER A 66 24.15 -27.68 21.88
CA SER A 66 25.03 -27.35 22.99
C SER A 66 26.19 -28.33 23.09
N LYS A 67 27.20 -27.91 23.81
CA LYS A 67 28.27 -28.76 24.33
C LYS A 67 27.99 -28.81 25.81
N GLU A 68 27.38 -29.92 26.22
CA GLU A 68 26.81 -30.04 27.57
C GLU A 68 25.99 -28.76 27.87
N LEU A 69 26.19 -28.12 29.02
CA LEU A 69 25.54 -26.81 29.27
C LEU A 69 26.62 -25.75 29.41
N LYS A 70 27.81 -26.03 28.90
CA LYS A 70 28.89 -25.04 28.89
C LYS A 70 28.74 -24.02 27.74
N HIS A 71 28.26 -24.50 26.60
CA HIS A 71 28.07 -23.63 25.42
C HIS A 71 26.74 -24.00 24.85
N ILE A 72 25.84 -23.01 24.70
CA ILE A 72 24.52 -23.26 24.15
C ILE A 72 24.37 -22.22 23.05
N ARG A 73 23.78 -22.65 21.94
CA ARG A 73 23.50 -21.79 20.79
C ARG A 73 22.08 -21.99 20.36
N VAL A 74 21.33 -20.89 20.21
CA VAL A 74 19.89 -20.95 19.89
C VAL A 74 19.67 -20.09 18.64
N TYR A 75 19.02 -20.71 17.65
CA TYR A 75 18.93 -20.16 16.27
C TYR A 75 17.49 -19.89 15.92
N THR A 76 17.27 -18.68 15.40
CA THR A 76 15.93 -18.25 15.00
C THR A 76 16.11 -17.33 13.80
N LEU A 77 15.00 -16.85 13.26
CA LEU A 77 14.97 -15.88 12.17
C LEU A 77 14.64 -14.46 12.65
N THR A 78 15.32 -13.47 12.05
CA THR A 78 15.02 -12.09 12.25
C THR A 78 13.78 -11.71 11.45
N GLU A 79 13.21 -10.55 11.77
CA GLU A 79 12.17 -9.98 10.90
C GLU A 79 12.57 -9.89 9.44
N GLY A 80 13.84 -9.69 9.18
CA GLY A 80 14.39 -9.64 7.84
C GLY A 80 14.67 -10.98 7.17
N ASN A 81 14.29 -12.06 7.83
CA ASN A 81 14.54 -13.43 7.33
C ASN A 81 16.02 -13.76 7.14
N THR A 82 16.83 -13.28 8.07
CA THR A 82 18.19 -13.70 8.18
C THR A 82 18.33 -14.62 9.41
N LEU A 83 19.29 -15.52 9.35
CA LEU A 83 19.64 -16.40 10.47
C LEU A 83 20.23 -15.57 11.59
N GLN A 84 19.85 -15.84 12.83
CA GLN A 84 20.51 -15.23 13.96
C GLN A 84 20.72 -16.26 15.05
N GLU A 85 21.51 -15.86 16.03
CA GLU A 85 22.04 -16.75 17.04
C GLU A 85 22.12 -16.08 18.40
N PHE A 86 21.59 -16.71 19.43
CA PHE A 86 21.75 -16.28 20.82
C PHE A 86 22.68 -17.28 21.47
N ALA A 87 23.73 -16.80 22.12
CA ALA A 87 24.81 -17.63 22.58
C ALA A 87 24.98 -17.54 24.05
N TYR A 88 25.22 -18.69 24.69
CA TYR A 88 25.53 -18.74 26.08
C TYR A 88 26.83 -19.50 26.22
N ASP A 89 27.80 -18.87 26.92
CA ASP A 89 29.03 -19.55 27.37
C ASP A 89 29.16 -19.41 28.87
N SER A 90 29.50 -20.50 29.57
CA SER A 90 29.82 -20.41 30.99
CA SER A 90 29.76 -20.39 30.99
C SER A 90 30.80 -19.29 31.21
N GLY A 91 30.57 -18.49 32.24
CA GLY A 91 31.51 -17.42 32.60
C GLY A 91 31.32 -16.14 31.80
N THR A 92 30.41 -16.17 30.85
CA THR A 92 29.98 -14.94 30.16
C THR A 92 28.51 -14.68 30.36
N GLY A 93 27.71 -15.72 30.15
CA GLY A 93 26.28 -15.59 30.11
C GLY A 93 25.84 -15.49 28.62
N TRP A 94 24.70 -14.87 28.41
CA TRP A 94 24.06 -14.79 27.12
C TRP A 94 24.54 -13.56 26.40
N TYR A 95 24.74 -13.70 25.09
CA TYR A 95 25.06 -12.58 24.24
C TYR A 95 24.57 -12.85 22.83
N ASN A 96 24.55 -11.83 22.01
CA ASN A 96 24.20 -11.96 20.63
C ASN A 96 25.35 -12.57 19.86
N GLY A 97 25.16 -13.77 19.33
CA GLY A 97 26.18 -14.52 18.61
C GLY A 97 26.47 -13.92 17.25
N GLY A 98 27.61 -14.29 16.69
CA GLY A 98 28.07 -13.74 15.42
C GLY A 98 27.28 -14.07 14.14
N LEU A 99 26.41 -15.07 14.18
CA LEU A 99 25.78 -15.53 12.97
C LEU A 99 24.99 -14.40 12.29
N GLY A 100 24.24 -13.64 13.05
CA GLY A 100 23.37 -12.60 12.51
C GLY A 100 24.14 -11.59 11.71
N GLY A 101 25.39 -11.33 12.09
CA GLY A 101 26.18 -10.37 11.32
C GLY A 101 26.49 -10.79 9.89
N ALA A 102 26.53 -12.10 9.62
CA ALA A 102 26.75 -12.62 8.26
C ALA A 102 25.54 -12.32 7.31
N LYS A 103 24.38 -12.03 7.89
CA LYS A 103 23.17 -11.70 7.15
C LYS A 103 22.83 -12.76 6.07
N PHE A 104 22.84 -14.02 6.49
CA PHE A 104 22.47 -15.11 5.62
C PHE A 104 20.96 -15.03 5.44
N GLN A 105 20.54 -14.69 4.22
CA GLN A 105 19.14 -14.57 3.88
C GLN A 105 18.58 -15.94 3.51
N VAL A 106 17.47 -16.32 4.15
CA VAL A 106 16.86 -17.58 3.88
C VAL A 106 15.42 -17.35 3.44
N ALA A 107 14.74 -18.40 3.00
CA ALA A 107 13.31 -18.31 2.67
C ALA A 107 12.53 -17.86 3.92
N PRO A 108 11.49 -17.03 3.75
CA PRO A 108 10.76 -16.62 4.95
C PRO A 108 10.17 -17.79 5.74
N TYR A 109 9.85 -18.87 5.01
CA TYR A 109 9.27 -20.09 5.55
C TYR A 109 10.31 -21.14 5.91
N SER A 110 11.58 -20.78 5.91
CA SER A 110 12.66 -21.72 6.33
C SER A 110 12.53 -22.25 7.76
N CSK A 111 12.83 -23.51 7.92
CA CSK A 111 13.14 -24.04 9.22
C CSK A 111 14.63 -23.83 9.53
O CSK A 111 15.45 -23.50 8.62
CB CSK A 111 12.64 -25.49 9.25
SG CSK A 111 10.87 -25.54 9.34
SE CSK A 111 10.21 -24.83 11.01
CM CSK A 111 9.59 -23.10 10.37
N ILE A 112 15.09 -24.43 10.65
CA ILE A 112 16.54 -24.38 10.99
C ILE A 112 16.87 -25.59 11.83
N ALA A 113 18.03 -26.20 11.54
CA ALA A 113 18.58 -27.21 12.43
C ALA A 113 20.02 -26.81 12.71
N ALA A 114 20.57 -27.29 13.82
CA ALA A 114 21.90 -26.90 14.22
C ALA A 114 22.56 -28.01 15.03
N VAL A 115 23.87 -28.21 14.77
CA VAL A 115 24.67 -29.13 15.57
C VAL A 115 26.05 -28.57 15.86
N PHE A 116 26.54 -28.85 17.05
CA PHE A 116 27.99 -28.79 17.28
C PHE A 116 28.52 -30.14 16.75
N LEU A 117 29.65 -30.13 16.06
CA LEU A 117 30.25 -31.37 15.64
C LEU A 117 30.76 -32.14 16.86
N ALA A 118 30.42 -33.42 16.86
CA ALA A 118 30.76 -34.32 17.93
C ALA A 118 32.21 -34.70 18.00
N GLY A 119 32.65 -34.92 19.24
CA GLY A 119 33.89 -35.64 19.49
C GLY A 119 35.10 -34.76 19.40
N THR A 120 34.90 -33.47 19.46
CA THR A 120 36.02 -32.53 19.52
C THR A 120 35.70 -31.54 20.61
N ASP A 121 36.77 -30.99 21.18
CA ASP A 121 36.63 -29.97 22.16
C ASP A 121 36.47 -28.62 21.48
N ALA A 122 36.91 -28.53 20.21
CA ALA A 122 36.75 -27.29 19.45
C ALA A 122 35.25 -27.01 19.23
N LEU A 123 34.92 -25.75 19.12
CA LEU A 123 33.55 -25.35 18.90
C LEU A 123 33.38 -25.21 17.38
N GLN A 124 32.79 -26.22 16.76
CA GLN A 124 32.54 -26.24 15.36
C GLN A 124 31.06 -26.46 15.18
N LEU A 125 30.43 -25.55 14.45
CA LEU A 125 29.01 -25.57 14.25
C LEU A 125 28.63 -25.80 12.81
N ARG A 126 27.53 -26.53 12.61
CA ARG A 126 26.85 -26.63 11.34
C ARG A 126 25.39 -26.31 11.52
N ILE A 127 24.93 -25.33 10.74
CA ILE A 127 23.56 -24.83 10.76
C ILE A 127 22.98 -25.14 9.37
N TYR A 128 21.73 -25.61 9.31
CA TYR A 128 21.02 -26.00 8.10
C TYR A 128 19.75 -25.19 8.01
N ALA A 129 19.53 -24.56 6.85
CA ALA A 129 18.33 -23.78 6.60
C ALA A 129 18.02 -23.85 5.12
N GLN A 130 16.91 -23.24 4.72
CA GLN A 130 16.39 -23.36 3.35
C GLN A 130 16.49 -21.99 2.67
N LYS A 131 17.24 -21.91 1.57
CA LYS A 131 17.39 -20.68 0.80
C LYS A 131 16.13 -20.36 0.03
N PRO A 132 16.03 -19.14 -0.52
CA PRO A 132 14.86 -18.80 -1.31
C PRO A 132 14.60 -19.68 -2.56
N ASP A 133 15.64 -20.36 -3.03
CA ASP A 133 15.52 -21.29 -4.16
C ASP A 133 15.09 -22.74 -3.72
N ASN A 134 14.81 -22.85 -2.42
CA ASN A 134 14.32 -24.05 -1.76
C ASN A 134 15.35 -25.11 -1.53
N THR A 135 16.61 -24.81 -1.78
CA THR A 135 17.69 -25.75 -1.45
C THR A 135 18.08 -25.63 0.01
N ILE A 136 18.56 -26.77 0.56
CA ILE A 136 19.03 -26.83 1.93
C ILE A 136 20.49 -26.43 1.94
N GLN A 137 20.77 -25.33 2.63
CA GLN A 137 22.13 -24.84 2.75
C GLN A 137 22.73 -25.08 4.11
N GLU A 138 24.00 -25.52 4.14
CA GLU A 138 24.78 -25.62 5.36
C GLU A 138 25.59 -24.35 5.56
N TYR A 139 25.66 -23.92 6.82
CA TYR A 139 26.46 -22.77 7.25
C TYR A 139 27.40 -23.23 8.32
N MET A 140 28.67 -22.81 8.22
CA MET A 140 29.75 -23.36 9.04
C MET A 140 30.38 -22.30 9.92
N TRP A 141 30.71 -22.70 11.13
CA TRP A 141 31.66 -22.00 11.99
C TRP A 141 32.75 -22.95 12.40
N ASN A 142 34.00 -22.64 11.98
CA ASN A 142 35.16 -23.43 12.35
C ASN A 142 36.19 -22.59 13.08
N GLY A 143 35.74 -21.58 13.80
CA GLY A 143 36.63 -20.81 14.65
C GLY A 143 37.13 -19.55 14.01
N ASP A 144 36.79 -19.29 12.75
CA ASP A 144 37.38 -18.17 12.02
CA ASP A 144 37.37 -18.19 12.00
C ASP A 144 36.40 -17.44 11.12
N GLY A 145 35.18 -17.27 11.62
CA GLY A 145 34.15 -16.58 10.89
C GLY A 145 33.16 -17.51 10.25
N TRP A 146 31.95 -16.97 10.07
CA TRP A 146 30.88 -17.71 9.43
C TRP A 146 31.04 -17.74 7.92
N LYS A 147 30.81 -18.91 7.33
CA LYS A 147 30.78 -19.04 5.91
C LYS A 147 29.82 -20.15 5.49
N GLU A 148 29.45 -20.15 4.23
CA GLU A 148 28.62 -21.22 3.70
C GLU A 148 29.43 -22.47 3.58
N GLY A 149 28.79 -23.58 3.95
CA GLY A 149 29.28 -24.93 3.68
C GLY A 149 28.63 -25.55 2.45
N THR A 150 28.32 -26.83 2.54
CA THR A 150 27.81 -27.61 1.42
C THR A 150 26.34 -27.34 1.21
N ASN A 151 25.94 -27.21 -0.04
CA ASN A 151 24.54 -27.19 -0.36
C ASN A 151 24.07 -28.59 -0.62
N LEU A 152 22.97 -28.96 0.03
CA LEU A 152 22.46 -30.32 0.01
C LEU A 152 21.23 -30.57 -0.87
N GLY A 153 20.90 -29.60 -1.71
CA GLY A 153 19.90 -29.82 -2.78
C GLY A 153 18.48 -29.42 -2.39
N GLY A 154 17.58 -29.63 -3.31
CA GLY A 154 16.21 -29.17 -3.13
C GLY A 154 15.43 -29.90 -2.08
N ALA A 155 14.44 -29.21 -1.50
CA ALA A 155 13.51 -29.81 -0.56
C ALA A 155 12.19 -29.10 -0.69
N LEU A 156 11.16 -29.71 -0.14
CA LEU A 156 9.83 -29.13 -0.10
C LEU A 156 9.92 -27.71 0.54
N PRO A 157 9.29 -26.70 -0.09
CA PRO A 157 9.37 -25.37 0.55
C PRO A 157 8.69 -25.37 1.92
N GLY A 158 9.50 -25.00 2.91
CA GLY A 158 9.07 -24.98 4.31
C GLY A 158 9.28 -26.30 5.04
N THR A 159 10.05 -27.18 4.44
CA THR A 159 10.39 -28.45 5.08
C THR A 159 10.88 -28.28 6.52
N GLY A 160 10.49 -29.19 7.40
CA GLY A 160 11.16 -29.33 8.66
C GLY A 160 12.58 -29.82 8.35
N ILE A 161 13.47 -29.53 9.30
CA ILE A 161 14.85 -30.03 9.23
C ILE A 161 15.33 -30.59 10.62
N GLY A 162 15.71 -31.88 10.64
CA GLY A 162 16.27 -32.51 11.81
C GLY A 162 17.74 -32.76 11.54
N ALA A 163 18.58 -32.63 12.57
CA ALA A 163 20.01 -32.85 12.44
C ALA A 163 20.61 -33.46 13.69
N THR A 164 21.63 -34.31 13.50
CA THR A 164 22.43 -34.80 14.58
C THR A 164 23.85 -34.96 14.16
N SER A 165 24.78 -34.82 15.10
CA SER A 165 26.19 -35.21 14.90
C SER A 165 26.64 -36.18 15.97
N PHE A 166 27.45 -37.15 15.56
CA PHE A 166 28.01 -38.12 16.48
C PHE A 166 29.40 -38.45 15.94
N ARG A 167 30.19 -39.13 16.78
CA ARG A 167 31.51 -39.57 16.33
C ARG A 167 31.68 -41.01 16.76
N TYR A 168 31.84 -41.87 15.76
CA TYR A 168 32.14 -43.27 16.02
C TYR A 168 33.46 -43.36 16.77
N THR A 169 33.57 -44.30 17.70
CA THR A 169 34.78 -44.38 18.51
C THR A 169 36.01 -44.87 17.71
N ASP A 170 35.78 -45.45 16.56
CA ASP A 170 36.83 -45.91 15.64
C ASP A 170 37.10 -44.90 14.52
N TYR A 171 36.42 -43.75 14.49
CA TYR A 171 36.65 -42.76 13.47
C TYR A 171 37.49 -41.63 14.01
N ASN A 172 38.11 -40.89 13.12
CA ASN A 172 38.94 -39.76 13.53
C ASN A 172 38.34 -38.39 13.22
N GLY A 173 37.03 -38.36 13.02
CA GLY A 173 36.33 -37.11 12.72
C GLY A 173 34.85 -37.36 12.86
N PRO A 174 34.06 -36.28 12.83
CA PRO A 174 32.63 -36.34 13.08
C PRO A 174 31.77 -36.82 11.91
N SER A 175 30.63 -37.44 12.24
CA SER A 175 29.58 -37.72 11.30
C SER A 175 28.41 -36.76 11.54
N ILE A 176 27.63 -36.53 10.50
CA ILE A 176 26.41 -35.73 10.54
C ILE A 176 25.34 -36.51 9.81
N ARG A 177 24.11 -36.44 10.32
CA ARG A 177 22.96 -36.92 9.57
C ARG A 177 21.91 -35.82 9.64
N ILE A 178 21.22 -35.56 8.53
CA ILE A 178 20.17 -34.57 8.51
C ILE A 178 18.96 -35.25 7.87
N TRP A 179 17.77 -34.79 8.21
CA TRP A 179 16.55 -35.31 7.62
C TRP A 179 15.64 -34.15 7.23
N PHE A 180 14.99 -34.29 6.08
CA PHE A 180 14.05 -33.28 5.60
C PHE A 180 13.03 -33.92 4.69
N GLN A 181 12.11 -33.11 4.17
CA GLN A 181 11.03 -33.57 3.32
C GLN A 181 11.23 -33.10 1.91
N THR A 182 11.09 -34.03 0.94
CA THR A 182 11.21 -33.63 -0.47
C THR A 182 9.84 -33.23 -1.06
N ASP A 183 9.86 -32.71 -2.27
CA ASP A 183 8.65 -32.26 -2.92
C ASP A 183 7.59 -33.34 -3.08
N ASP A 184 8.00 -34.60 -3.11
CA ASP A 184 7.06 -35.69 -3.21
C ASP A 184 6.44 -36.08 -1.88
N LEU A 185 6.76 -35.31 -0.83
CA LEU A 185 6.23 -35.48 0.56
C LEU A 185 6.90 -36.58 1.37
N LYS A 186 7.85 -37.30 0.77
CA LYS A 186 8.67 -38.29 1.51
C LYS A 186 9.58 -37.60 2.51
N LEU A 187 9.97 -38.33 3.55
CA LEU A 187 11.01 -37.90 4.48
C LEU A 187 12.28 -38.67 4.12
N VAL A 188 13.39 -37.93 4.04
CA VAL A 188 14.65 -38.51 3.63
C VAL A 188 15.77 -38.11 4.56
N GLN A 189 16.84 -38.88 4.46
CA GLN A 189 18.06 -38.69 5.23
C GLN A 189 19.17 -38.34 4.28
N ARG A 190 19.98 -37.30 4.60
CA ARG A 190 21.32 -37.16 4.02
C ARG A 190 22.40 -37.37 5.06
N ALA A 191 23.58 -37.82 4.62
CA ALA A 191 24.57 -38.31 5.53
C ALA A 191 25.96 -37.80 5.17
N TYR A 192 26.71 -37.41 6.19
CA TYR A 192 28.13 -37.05 6.10
C TYR A 192 28.97 -37.95 6.98
N ASP A 193 29.98 -38.59 6.39
CA ASP A 193 31.04 -39.31 7.13
C ASP A 193 32.38 -38.79 6.60
N PRO A 194 33.43 -38.83 7.43
CA PRO A 194 34.71 -38.22 7.07
C PRO A 194 35.44 -38.88 5.89
N HIS A 195 35.15 -40.15 5.58
CA HIS A 195 35.79 -40.83 4.45
C HIS A 195 35.02 -40.65 3.16
N LYS A 196 33.74 -40.27 3.22
CA LYS A 196 32.91 -40.15 2.02
C LYS A 196 32.39 -38.74 1.75
N GLY A 197 32.58 -37.83 2.68
CA GLY A 197 31.96 -36.55 2.62
C GLY A 197 30.46 -36.77 2.69
N TRP A 198 29.69 -35.92 2.00
CA TRP A 198 28.25 -36.20 1.85
C TRP A 198 27.97 -37.31 0.90
N TYR A 199 27.37 -38.37 1.40
CA TYR A 199 27.02 -39.48 0.54
C TYR A 199 26.06 -38.96 -0.56
N PRO A 200 26.20 -39.47 -1.77
CA PRO A 200 25.24 -39.01 -2.79
C PRO A 200 23.76 -39.42 -2.51
N ASP A 201 23.51 -40.49 -1.79
CA ASP A 201 22.15 -41.00 -1.70
C ASP A 201 21.28 -40.33 -0.65
N LEU A 202 20.02 -40.16 -1.01
CA LEU A 202 18.99 -39.75 -0.09
C LEU A 202 18.26 -41.02 0.27
N VAL A 203 18.29 -41.34 1.55
CA VAL A 203 17.67 -42.55 2.06
C VAL A 203 16.26 -42.17 2.54
N THR A 204 15.25 -42.82 1.97
CA THR A 204 13.86 -42.60 2.41
C THR A 204 13.62 -43.24 3.75
N ILE A 205 13.16 -42.44 4.72
CA ILE A 205 12.81 -42.99 6.01
C ILE A 205 11.29 -43.07 6.25
N PHE A 206 10.49 -42.33 5.49
CA PHE A 206 9.06 -42.42 5.60
C PHE A 206 8.48 -42.06 4.26
N ASP A 207 7.48 -42.82 3.82
CA ASP A 207 7.02 -42.70 2.46
C ASP A 207 6.24 -41.47 2.11
N ARG A 208 5.39 -40.99 3.02
CA ARG A 208 4.57 -39.82 2.78
C ARG A 208 4.27 -39.21 4.15
N ALA A 209 4.41 -37.91 4.27
CA ALA A 209 4.11 -37.24 5.51
C ALA A 209 3.40 -35.94 5.22
N PRO A 210 2.76 -35.33 6.21
CA PRO A 210 2.05 -34.04 5.91
C PRO A 210 3.03 -32.97 5.38
N PRO A 211 2.57 -32.09 4.51
CA PRO A 211 3.47 -31.08 4.02
C PRO A 211 3.94 -30.12 5.14
N ARG A 212 5.25 -29.87 5.20
CA ARG A 212 5.86 -29.02 6.24
C ARG A 212 5.66 -29.58 7.64
N THR A 213 5.49 -30.90 7.75
CA THR A 213 5.53 -31.53 9.06
C THR A 213 6.85 -31.23 9.80
N ALA A 214 6.73 -31.05 11.11
CA ALA A 214 7.87 -30.93 12.00
C ALA A 214 8.74 -32.17 11.92
N ILE A 215 10.06 -31.98 11.96
CA ILE A 215 11.04 -33.06 11.94
C ILE A 215 12.12 -32.80 12.99
N ALA A 216 12.40 -33.77 13.84
CA ALA A 216 13.38 -33.62 14.90
C ALA A 216 14.11 -34.91 15.10
N ALA A 217 15.41 -34.83 15.35
CA ALA A 217 16.19 -36.06 15.47
C ALA A 217 17.24 -36.03 16.58
N THR A 218 17.60 -37.22 17.06
CA THR A 218 18.70 -37.38 18.01
C THR A 218 19.51 -38.65 17.68
N SER A 219 20.68 -38.74 18.29
CA SER A 219 21.51 -39.95 18.21
C SER A 219 22.16 -40.20 19.57
N PHE A 220 22.52 -41.45 19.83
CA PHE A 220 23.11 -41.80 21.10
C PHE A 220 23.88 -43.09 20.95
N GLY A 221 24.75 -43.35 21.91
CA GLY A 221 25.39 -44.64 21.97
C GLY A 221 26.40 -44.95 20.89
N ALA A 222 27.10 -43.94 20.41
CA ALA A 222 28.15 -44.17 19.44
C ALA A 222 29.16 -45.18 19.94
N GLY A 223 29.48 -46.13 19.08
CA GLY A 223 30.59 -47.07 19.34
C GLY A 223 31.43 -47.25 18.11
N ASN A 224 32.04 -48.45 17.98
CA ASN A 224 32.84 -48.72 16.80
C ASN A 224 32.00 -49.00 15.57
N SER A 225 31.93 -48.03 14.68
CA SER A 225 31.12 -48.13 13.48
C SER A 225 29.66 -48.44 13.79
N SER A 226 29.19 -47.99 14.94
CA SER A 226 27.84 -48.27 15.46
C SER A 226 27.20 -46.96 16.05
N ILE A 227 25.90 -46.79 15.83
CA ILE A 227 25.14 -45.65 16.33
C ILE A 227 23.70 -46.10 16.52
N TYR A 228 22.94 -45.32 17.30
CA TYR A 228 21.50 -45.40 17.47
C TYR A 228 20.91 -44.04 17.16
N MET A 229 19.83 -44.02 16.39
CA MET A 229 19.19 -42.75 16.04
C MET A 229 17.69 -42.83 16.14
N ARG A 230 17.06 -41.70 16.42
CA ARG A 230 15.61 -41.62 16.48
C ARG A 230 15.19 -40.35 15.76
N ILE A 231 14.25 -40.46 14.83
CA ILE A 231 13.71 -39.30 14.09
C ILE A 231 12.23 -39.22 14.43
N TYR A 232 11.72 -38.00 14.64
CA TYR A 232 10.33 -37.78 15.02
C TYR A 232 9.69 -36.83 14.04
N PHE A 233 8.42 -37.06 13.68
CA PHE A 233 7.68 -36.12 12.84
C PHE A 233 6.21 -36.21 13.23
N VAL A 234 5.44 -35.25 12.80
CA VAL A 234 4.01 -35.30 13.02
C VAL A 234 3.30 -35.90 11.83
N ASN A 235 2.60 -37.01 12.03
CA ASN A 235 1.95 -37.70 10.94
C ASN A 235 0.53 -37.15 10.72
N SER A 236 -0.14 -37.66 9.70
CA SER A 236 -1.48 -37.21 9.31
C SER A 236 -2.56 -37.56 10.34
N ASP A 237 -2.27 -38.51 11.24
CA ASP A 237 -3.11 -38.86 12.38
C ASP A 237 -2.99 -37.90 13.58
N ASN A 238 -2.26 -36.80 13.39
CA ASN A 238 -2.04 -35.83 14.45
C ASN A 238 -1.40 -36.46 15.69
N THR A 239 -0.41 -37.33 15.45
CA THR A 239 0.45 -37.83 16.50
C THR A 239 1.91 -37.66 16.06
N ILE A 240 2.82 -37.65 17.02
CA ILE A 240 4.24 -37.82 16.72
C ILE A 240 4.51 -39.29 16.42
N TRP A 241 5.19 -39.54 15.31
CA TRP A 241 5.71 -40.84 14.95
C TRP A 241 7.21 -40.82 15.13
N GLN A 242 7.75 -41.97 15.55
CA GLN A 242 9.16 -42.19 15.70
C GLN A 242 9.67 -43.16 14.61
N VAL A 243 10.88 -42.92 14.12
CA VAL A 243 11.56 -43.79 13.17
C VAL A 243 12.88 -44.21 13.85
N CSD A 244 13.20 -45.51 13.85
CA CSD A 244 14.31 -46.02 14.66
CB CSD A 244 13.87 -47.11 15.68
SG CSD A 244 12.70 -46.68 16.82
C CSD A 244 15.39 -46.59 13.74
O CSD A 244 15.14 -47.49 12.94
OD1 CSD A 244 11.17 -46.71 16.12
OD2 CSD A 244 12.53 -47.84 17.69
N TRP A 245 16.60 -46.09 13.93
CA TRP A 245 17.85 -46.73 13.49
C TRP A 245 18.49 -47.37 14.73
N ASP A 246 18.69 -48.72 14.73
CA ASP A 246 19.48 -49.34 15.76
C ASP A 246 20.60 -50.15 15.14
N HIS A 247 21.78 -50.05 15.71
CA HIS A 247 22.95 -50.73 15.12
C HIS A 247 22.67 -52.19 14.95
N GLY A 248 23.00 -52.71 13.78
CA GLY A 248 22.80 -54.16 13.49
C GLY A 248 21.46 -54.43 12.83
N LYS A 249 20.48 -53.53 12.97
CA LYS A 249 19.20 -53.66 12.27
C LYS A 249 18.89 -52.54 11.26
N GLY A 250 19.63 -51.47 11.32
CA GLY A 250 19.34 -50.34 10.45
C GLY A 250 18.03 -49.65 10.78
N TYR A 251 17.40 -49.09 9.75
CA TYR A 251 16.09 -48.46 9.83
C TYR A 251 15.07 -49.60 9.82
N HIS A 252 14.71 -50.08 10.99
CA HIS A 252 13.91 -51.32 11.07
C HIS A 252 12.49 -51.17 11.61
N ASP A 253 12.16 -50.03 12.20
CA ASP A 253 10.85 -49.90 12.85
C ASP A 253 10.42 -48.43 12.84
N LYS A 254 9.11 -48.24 12.95
CA LYS A 254 8.53 -46.94 13.13
C LYS A 254 7.15 -47.11 13.72
N GLY A 255 6.65 -46.12 14.43
CA GLY A 255 5.33 -46.19 15.03
C GLY A 255 4.97 -44.92 15.74
N THR A 256 3.70 -44.81 16.07
CA THR A 256 3.18 -43.69 16.86
C THR A 256 3.69 -43.65 18.28
N ILE A 257 3.87 -42.43 18.79
CA ILE A 257 4.35 -42.17 20.13
C ILE A 257 3.29 -41.51 21.02
N THR A 258 2.76 -40.36 20.59
CA THR A 258 1.81 -39.62 21.42
C THR A 258 1.05 -38.60 20.60
N PRO A 259 -0.23 -38.35 20.94
CA PRO A 259 -0.98 -37.32 20.19
C PRO A 259 -0.45 -35.90 20.38
N VAL A 260 -0.68 -35.06 19.40
CA VAL A 260 -0.27 -33.67 19.46
C VAL A 260 -1.34 -32.82 18.79
N ILE A 261 -1.29 -31.53 19.05
CA ILE A 261 -2.17 -30.63 18.30
C ILE A 261 -1.81 -30.67 16.82
N GLN A 262 -2.80 -30.37 15.97
CA GLN A 262 -2.54 -30.10 14.57
C GLN A 262 -1.43 -29.12 14.39
N GLY A 263 -0.43 -29.51 13.61
CA GLY A 263 0.69 -28.62 13.35
C GLY A 263 1.61 -28.38 14.51
N SER A 264 1.64 -29.23 15.55
CA SER A 264 2.64 -29.06 16.61
C SER A 264 4.06 -29.13 16.08
N GLU A 265 4.95 -28.37 16.70
CA GLU A 265 6.36 -28.52 16.50
C GLU A 265 6.86 -29.56 17.46
N VAL A 266 8.13 -29.94 17.31
CA VAL A 266 8.70 -31.07 18.09
C VAL A 266 10.18 -30.85 18.36
N ALA A 267 10.61 -31.14 19.59
CA ALA A 267 12.03 -31.18 19.91
C ALA A 267 12.37 -32.45 20.66
N ILE A 268 13.58 -32.95 20.46
CA ILE A 268 14.06 -34.17 21.07
C ILE A 268 15.46 -33.92 21.67
N ILE A 269 15.70 -34.45 22.86
CA ILE A 269 17.04 -34.56 23.44
C ILE A 269 17.19 -36.01 23.95
N SER A 270 18.44 -36.41 24.09
CA SER A 270 18.78 -37.76 24.65
C SER A 270 20.06 -37.73 25.42
N TRP A 271 20.25 -38.78 26.24
CA TRP A 271 21.54 -39.00 26.87
C TRP A 271 21.66 -40.44 27.25
N GLY A 272 22.89 -40.88 27.43
CA GLY A 272 23.13 -42.27 27.83
C GLY A 272 23.02 -43.23 26.65
N SER A 273 22.88 -44.53 26.94
CA SER A 273 22.93 -45.53 25.90
C SER A 273 22.40 -46.83 26.46
N PHE A 274 22.05 -47.73 25.58
CA PHE A 274 21.58 -49.04 26.03
C PHE A 274 22.60 -49.71 26.96
N ALA A 275 23.88 -49.59 26.63
CA ALA A 275 24.93 -50.22 27.42
C ALA A 275 25.08 -49.62 28.81
N ASN A 276 24.73 -48.35 28.99
CA ASN A 276 24.91 -47.67 30.29
C ASN A 276 23.57 -47.27 30.96
N ASN A 277 22.66 -48.23 31.07
CA ASN A 277 21.38 -48.05 31.74
C ASN A 277 20.53 -46.94 31.14
N GLY A 278 20.62 -46.84 29.82
CA GLY A 278 19.82 -45.86 29.06
C GLY A 278 19.30 -46.45 27.81
N PRO A 279 19.06 -45.63 26.78
CA PRO A 279 19.16 -44.17 26.79
C PRO A 279 18.03 -43.55 27.60
N ASP A 280 18.12 -42.23 27.76
CA ASP A 280 17.02 -41.39 28.21
C ASP A 280 16.65 -40.52 27.01
N LEU A 281 15.36 -40.53 26.67
CA LEU A 281 14.82 -39.61 25.66
C LEU A 281 13.82 -38.64 26.28
N ARG A 282 13.78 -37.39 25.78
CA ARG A 282 12.72 -36.46 26.18
C ARG A 282 12.29 -35.72 24.93
N LEU A 283 10.99 -35.76 24.69
CA LEU A 283 10.36 -35.08 23.56
C LEU A 283 9.53 -33.95 24.09
N TYR A 284 9.49 -32.84 23.35
CA TYR A 284 8.72 -31.64 23.72
C TYR A 284 7.85 -31.30 22.54
N PHE A 285 6.62 -30.85 22.83
CA PHE A 285 5.58 -30.65 21.83
C PHE A 285 4.38 -29.97 22.49
N GLN A 286 3.36 -29.68 21.69
CA GLN A 286 2.08 -29.20 22.19
C GLN A 286 1.02 -30.25 21.90
N ASN A 287 0.28 -30.66 22.93
CA ASN A 287 -0.81 -31.62 22.79
C ASN A 287 -2.14 -31.11 23.31
N GLY A 288 -2.21 -29.81 23.52
CA GLY A 288 -3.44 -29.20 24.01
C GLY A 288 -3.57 -29.10 25.51
N THR A 289 -2.52 -29.44 26.26
CA THR A 289 -2.55 -29.25 27.73
C THR A 289 -2.66 -27.76 28.05
N TYR A 290 -3.71 -27.40 28.78
CA TYR A 290 -3.97 -25.97 29.07
C TYR A 290 -4.00 -25.14 27.77
N ILE A 291 -4.48 -25.79 26.69
CA ILE A 291 -4.56 -25.30 25.36
C ILE A 291 -3.22 -25.12 24.67
N SER A 292 -2.36 -24.28 25.25
CA SER A 292 -1.17 -23.84 24.56
C SER A 292 0.13 -24.17 25.31
N ALA A 293 0.05 -24.92 26.40
CA ALA A 293 1.31 -25.31 27.12
C ALA A 293 2.12 -26.28 26.27
N VAL A 294 3.41 -26.31 26.56
CA VAL A 294 4.34 -27.29 26.03
C VAL A 294 4.31 -28.50 27.00
N SER A 295 4.27 -29.71 26.46
CA SER A 295 4.27 -30.97 27.23
C SER A 295 5.50 -31.79 26.89
N GLU A 296 5.79 -32.77 27.74
CA GLU A 296 6.94 -33.61 27.64
C GLU A 296 6.56 -35.09 27.56
N TRP A 297 7.29 -35.86 26.78
CA TRP A 297 7.22 -37.33 26.76
C TRP A 297 8.58 -37.85 27.14
N VAL A 298 8.56 -38.91 27.96
CA VAL A 298 9.76 -39.55 28.52
C VAL A 298 9.94 -40.99 28.03
N TRP A 299 11.16 -41.34 27.69
CA TRP A 299 11.53 -42.75 27.63
C TRP A 299 12.70 -42.93 28.53
N ASN A 300 12.66 -43.95 29.40
CA ASN A 300 13.85 -44.31 30.15
C ASN A 300 13.77 -45.80 30.50
N ARG A 301 14.83 -46.29 31.09
CA ARG A 301 14.90 -47.73 31.39
C ARG A 301 14.03 -48.10 32.57
N ALA A 302 13.79 -47.17 33.47
CA ALA A 302 12.98 -47.46 34.66
C ALA A 302 11.54 -47.81 34.33
N HIS A 303 10.92 -47.00 33.47
CA HIS A 303 9.49 -47.10 33.18
C HIS A 303 9.10 -47.06 31.73
N GLY A 304 10.08 -47.03 30.82
CA GLY A 304 9.73 -47.11 29.41
C GLY A 304 9.07 -45.84 28.91
N SER A 305 8.06 -45.98 28.06
CA SER A 305 7.36 -44.83 27.46
C SER A 305 6.36 -44.24 28.42
N GLN A 306 6.47 -42.96 28.73
CA GLN A 306 5.51 -42.31 29.64
C GLN A 306 5.40 -40.84 29.34
N LEU A 307 4.21 -40.28 29.42
CA LEU A 307 4.13 -38.80 29.43
C LEU A 307 4.85 -38.28 30.67
N GLY A 308 5.59 -37.18 30.52
CA GLY A 308 6.34 -36.58 31.61
C GLY A 308 5.62 -35.34 32.09
N ARG A 309 6.37 -34.25 32.23
CA ARG A 309 5.78 -33.02 32.72
C ARG A 309 4.59 -32.63 31.85
N SER A 310 3.44 -32.41 32.49
CA SER A 310 2.23 -32.16 31.77
C SER A 310 2.25 -30.81 31.04
N ALA A 311 2.84 -29.82 31.70
CA ALA A 311 2.84 -28.47 31.18
C ALA A 311 4.09 -27.79 31.74
N LEU A 312 5.03 -27.48 30.85
CA LEU A 312 6.25 -26.80 31.22
C LEU A 312 5.96 -25.39 31.69
N PRO A 313 6.83 -24.90 32.58
CA PRO A 313 6.81 -23.44 32.89
C PRO A 313 6.81 -22.68 31.59
N PRO A 314 5.99 -21.64 31.49
CA PRO A 314 5.38 -20.91 32.59
C PRO A 314 3.97 -21.35 32.91
N ALA A 315 3.54 -22.50 32.37
CA ALA A 315 2.17 -22.96 32.58
C ALA A 315 1.88 -23.25 34.02
N SER B 2 6.02 -26.31 -5.61
CA SER B 2 5.19 -25.09 -5.31
C SER B 2 5.34 -24.09 -6.50
N THR B 3 4.94 -22.83 -6.31
CA THR B 3 5.27 -21.73 -7.23
C THR B 3 5.72 -20.50 -6.40
N PRO B 4 6.43 -19.56 -7.01
CA PRO B 4 6.88 -18.43 -6.24
C PRO B 4 5.72 -17.67 -5.60
N GLY B 5 4.63 -17.56 -6.35
CA GLY B 5 3.43 -16.93 -5.87
C GLY B 5 2.82 -17.65 -4.70
N ALA B 6 2.65 -18.97 -4.81
CA ALA B 6 2.10 -19.76 -3.70
C ALA B 6 2.99 -19.61 -2.45
N GLN B 7 4.29 -19.50 -2.68
CA GLN B 7 5.25 -19.42 -1.56
C GLN B 7 5.14 -18.10 -0.81
N GLN B 8 4.49 -17.11 -1.41
CA GLN B 8 4.31 -15.82 -0.76
C GLN B 8 3.13 -15.86 0.26
N VAL B 9 2.29 -16.87 0.18
CA VAL B 9 1.12 -17.01 1.05
C VAL B 9 1.54 -17.63 2.35
N LEU B 10 1.21 -17.00 3.47
CA LEU B 10 1.59 -17.56 4.79
C LEU B 10 0.89 -18.91 5.02
N PHE B 11 1.65 -19.92 5.46
CA PHE B 11 1.07 -21.21 5.81
C PHE B 11 0.22 -21.04 7.08
N ARG B 12 -1.06 -21.48 7.02
CA ARG B 12 -2.07 -21.21 8.08
C ARG B 12 -2.43 -19.73 8.21
N THR B 13 -2.27 -18.98 7.13
CA THR B 13 -2.83 -17.64 7.04
C THR B 13 -4.27 -17.55 7.50
N GLY B 14 -4.59 -16.46 8.17
CA GLY B 14 -6.00 -16.07 8.31
C GLY B 14 -6.57 -15.87 6.90
N ILE B 15 -7.86 -16.20 6.72
CA ILE B 15 -8.53 -16.02 5.45
C ILE B 15 -9.93 -15.38 5.70
N ALA B 16 -10.27 -14.42 4.86
CA ALA B 16 -11.59 -13.83 4.90
C ALA B 16 -12.04 -13.62 3.45
N ALA B 17 -13.35 -13.57 3.26
CA ALA B 17 -13.90 -13.38 1.92
C ALA B 17 -15.20 -12.54 2.01
N VAL B 18 -15.40 -11.71 0.99
CA VAL B 18 -16.66 -11.00 0.79
C VAL B 18 -17.11 -11.12 -0.64
N ASN B 19 -18.37 -10.76 -0.89
CA ASN B 19 -18.91 -10.87 -2.23
C ASN B 19 -20.15 -10.01 -2.46
N SER B 20 -20.38 -9.73 -3.74
CA SER B 20 -21.71 -9.36 -4.22
C SER B 20 -22.05 -10.41 -5.29
N THR B 21 -23.05 -11.24 -4.98
CA THR B 21 -23.32 -12.51 -5.71
C THR B 21 -21.99 -13.18 -6.15
N ASN B 22 -21.72 -13.28 -7.44
CA ASN B 22 -20.52 -14.00 -7.92
C ASN B 22 -19.31 -13.14 -8.21
N HIS B 23 -19.31 -11.91 -7.68
CA HIS B 23 -18.21 -11.00 -7.68
C HIS B 23 -17.55 -11.13 -6.31
N LEU B 24 -16.31 -11.61 -6.29
CA LEU B 24 -15.67 -12.12 -5.04
C LEU B 24 -14.38 -11.40 -4.72
N ARG B 25 -14.10 -11.30 -3.42
CA ARG B 25 -12.80 -10.83 -2.88
C ARG B 25 -12.38 -11.78 -1.75
N VAL B 26 -11.09 -12.13 -1.77
CA VAL B 26 -10.50 -13.01 -0.76
C VAL B 26 -9.29 -12.31 -0.22
N TYR B 27 -9.21 -12.26 1.11
CA TYR B 27 -8.11 -11.62 1.86
C TYR B 27 -7.29 -12.68 2.59
N PHE B 28 -5.98 -12.51 2.56
CA PHE B 28 -5.08 -13.42 3.26
C PHE B 28 -3.83 -12.64 3.64
N GLN B 29 -2.97 -13.25 4.42
CA GLN B 29 -1.70 -12.61 4.81
C GLN B 29 -0.52 -13.27 4.07
N ASP B 30 0.40 -12.43 3.64
CA ASP B 30 1.62 -12.98 3.05
C ASP B 30 2.68 -13.24 4.11
N VAL B 31 3.78 -13.84 3.65
CA VAL B 31 4.85 -14.22 4.55
C VAL B 31 5.56 -13.06 5.24
N TYR B 32 5.41 -11.82 4.71
CA TYR B 32 5.94 -10.65 5.32
C TYR B 32 4.98 -9.94 6.26
N GLY B 33 3.75 -10.41 6.36
CA GLY B 33 2.74 -9.82 7.22
C GLY B 33 1.76 -8.87 6.58
N SER B 34 1.97 -8.58 5.31
CA SER B 34 0.98 -7.77 4.54
C SER B 34 -0.30 -8.54 4.24
N ILE B 35 -1.42 -7.82 4.29
CA ILE B 35 -2.70 -8.34 3.92
C ILE B 35 -2.96 -7.97 2.48
N ARG B 36 -3.24 -9.00 1.68
CA ARG B 36 -3.44 -8.90 0.27
C ARG B 36 -4.87 -9.25 -0.11
N GLU B 37 -5.28 -8.73 -1.26
CA GLU B 37 -6.59 -9.05 -1.87
C GLU B 37 -6.47 -9.77 -3.20
N SER B 38 -7.07 -10.94 -3.30
CA SER B 38 -7.31 -11.61 -4.56
C SER B 38 -8.75 -11.33 -4.97
N LEU B 39 -9.00 -11.32 -6.29
CA LEU B 39 -10.37 -11.05 -6.74
C LEU B 39 -10.85 -11.95 -7.85
N TYR B 40 -12.16 -12.13 -7.89
CA TYR B 40 -12.81 -12.85 -8.97
C TYR B 40 -13.86 -11.89 -9.59
N GLU B 41 -13.57 -11.44 -10.79
CA GLU B 41 -14.54 -10.68 -11.61
C GLU B 41 -14.59 -11.42 -12.95
N GLY B 42 -15.32 -12.52 -13.02
CA GLY B 42 -15.37 -13.35 -14.24
C GLY B 42 -14.13 -14.21 -14.42
N SER B 43 -13.08 -13.90 -13.64
CA SER B 43 -11.80 -14.61 -13.68
C SER B 43 -10.98 -14.17 -12.46
N TRP B 44 -10.07 -15.04 -12.03
CA TRP B 44 -9.26 -14.79 -10.86
C TRP B 44 -8.08 -13.95 -11.20
N ALA B 45 -7.76 -13.02 -10.28
CA ALA B 45 -6.67 -12.08 -10.46
C ALA B 45 -6.09 -11.61 -9.11
N ASN B 46 -4.95 -10.94 -9.21
CA ASN B 46 -4.34 -10.15 -8.15
C ASN B 46 -3.74 -11.01 -7.05
N GLY B 47 -3.87 -10.61 -5.78
CA GLY B 47 -3.17 -11.38 -4.74
C GLY B 47 -1.67 -11.14 -4.74
N THR B 48 -1.16 -10.16 -5.51
CA THR B 48 0.28 -9.90 -5.56
C THR B 48 0.74 -8.84 -4.56
N GLU B 49 2.05 -8.58 -4.58
CA GLU B 49 2.63 -7.51 -3.79
C GLU B 49 2.04 -6.13 -4.16
N LYS B 50 1.44 -6.01 -5.34
CA LYS B 50 0.74 -4.78 -5.79
C LYS B 50 -0.67 -4.69 -5.21
N ASN B 51 -1.11 -5.72 -4.49
CA ASN B 51 -2.50 -5.81 -4.02
C ASN B 51 -2.57 -5.83 -2.50
N VAL B 52 -1.69 -5.07 -1.89
CA VAL B 52 -1.63 -5.01 -0.41
C VAL B 52 -2.56 -3.92 0.11
N ILE B 53 -3.42 -4.28 1.08
CA ILE B 53 -4.38 -3.30 1.64
C ILE B 53 -3.96 -2.77 3.03
N GLY B 54 -2.89 -3.33 3.60
CA GLY B 54 -2.39 -2.94 4.91
C GLY B 54 -1.49 -4.03 5.46
N ASN B 55 -1.02 -3.80 6.68
CA ASN B 55 -0.12 -4.71 7.38
C ASN B 55 -0.64 -5.03 8.76
N ALA B 56 -0.36 -6.25 9.24
CA ALA B 56 -0.83 -6.73 10.51
C ALA B 56 0.24 -7.62 11.12
N LYS B 57 0.14 -7.89 12.41
CA LYS B 57 1.08 -8.79 13.04
C LYS B 57 1.08 -10.15 12.33
N LEU B 58 2.27 -10.73 12.17
CA LEU B 58 2.35 -12.06 11.55
C LEU B 58 1.53 -13.03 12.35
N GLY B 59 0.63 -13.73 11.64
CA GLY B 59 -0.20 -14.72 12.21
C GLY B 59 -1.54 -14.17 12.65
N SER B 60 -1.79 -12.91 12.32
CA SER B 60 -3.00 -12.24 12.77
C SER B 60 -4.25 -12.95 12.29
N PRO B 61 -5.35 -12.86 13.06
CA PRO B 61 -6.67 -13.20 12.46
C PRO B 61 -6.93 -12.23 11.30
N VAL B 62 -7.75 -12.67 10.36
CA VAL B 62 -8.18 -11.84 9.21
C VAL B 62 -9.68 -12.04 9.07
N ALA B 63 -10.47 -11.00 9.31
CA ALA B 63 -11.91 -11.10 9.15
C ALA B 63 -12.33 -10.01 8.20
N ALA B 64 -13.47 -10.22 7.57
CA ALA B 64 -13.98 -9.21 6.59
C ALA B 64 -15.48 -9.31 6.46
N THR B 65 -16.09 -8.15 6.22
CA THR B 65 -17.52 -8.06 5.99
C THR B 65 -17.74 -6.96 4.94
N SER B 66 -18.88 -7.00 4.28
CA SER B 66 -19.21 -6.01 3.25
C SER B 66 -20.73 -5.76 3.14
N LYS B 67 -21.04 -4.66 2.45
CA LYS B 67 -22.36 -4.39 1.90
C LYS B 67 -22.14 -4.49 0.39
N GLU B 68 -22.48 -5.64 -0.17
CA GLU B 68 -22.14 -6.00 -1.57
C GLU B 68 -20.67 -5.71 -1.73
N LEU B 69 -20.23 -5.02 -2.78
CA LEU B 69 -18.84 -4.62 -2.89
C LEU B 69 -18.72 -3.08 -2.90
N LYS B 70 -19.77 -2.44 -2.37
CA LYS B 70 -19.77 -1.02 -2.16
C LYS B 70 -18.98 -0.57 -0.91
N HIS B 71 -19.06 -1.36 0.15
CA HIS B 71 -18.33 -1.05 1.36
C HIS B 71 -17.74 -2.35 1.83
N ILE B 72 -16.40 -2.35 1.99
CA ILE B 72 -15.69 -3.56 2.51
C ILE B 72 -14.91 -3.14 3.76
N ARG B 73 -14.89 -4.00 4.78
CA ARG B 73 -14.11 -3.70 5.98
C ARG B 73 -13.38 -4.98 6.33
N VAL B 74 -12.08 -4.85 6.54
CA VAL B 74 -11.17 -5.98 6.82
C VAL B 74 -10.51 -5.71 8.18
N TYR B 75 -10.63 -6.67 9.09
CA TYR B 75 -10.17 -6.56 10.49
C TYR B 75 -9.01 -7.52 10.79
N THR B 76 -7.96 -6.96 11.40
CA THR B 76 -6.78 -7.68 11.83
C THR B 76 -6.26 -7.09 13.17
N LEU B 77 -5.16 -7.64 13.69
CA LEU B 77 -4.50 -7.16 14.87
C LEU B 77 -3.21 -6.44 14.48
N THR B 78 -2.97 -5.33 15.15
CA THR B 78 -1.70 -4.66 15.14
C THR B 78 -0.65 -5.44 15.90
N GLU B 79 0.61 -5.06 15.71
CA GLU B 79 1.70 -5.58 16.54
C GLU B 79 1.46 -5.37 18.04
N GLY B 80 0.75 -4.31 18.42
CA GLY B 80 0.42 -4.01 19.82
C GLY B 80 -0.85 -4.70 20.33
N ASN B 81 -1.38 -5.64 19.54
CA ASN B 81 -2.60 -6.35 19.93
C ASN B 81 -3.82 -5.50 20.15
N THR B 82 -3.96 -4.51 19.28
CA THR B 82 -5.20 -3.76 19.19
C THR B 82 -5.89 -4.13 17.90
N LEU B 83 -7.23 -4.03 17.93
CA LEU B 83 -8.03 -4.19 16.71
C LEU B 83 -7.78 -3.05 15.74
N GLN B 84 -7.71 -3.39 14.47
CA GLN B 84 -7.64 -2.41 13.41
C GLN B 84 -8.45 -2.80 12.19
N GLU B 85 -8.59 -1.84 11.27
CA GLU B 85 -9.57 -1.93 10.18
C GLU B 85 -9.04 -1.27 8.93
N PHE B 86 -9.07 -2.01 7.81
CA PHE B 86 -8.79 -1.46 6.49
C PHE B 86 -10.15 -1.37 5.81
N ALA B 87 -10.44 -0.21 5.21
CA ALA B 87 -11.79 0.12 4.76
C ALA B 87 -11.75 0.52 3.31
N TYR B 88 -12.70 0.02 2.55
CA TYR B 88 -12.90 0.37 1.14
C TYR B 88 -14.33 0.89 1.01
N ASP B 89 -14.48 2.08 0.40
CA ASP B 89 -15.76 2.55 -0.02
C ASP B 89 -15.67 2.88 -1.51
N SER B 90 -16.67 2.40 -2.25
N SER B 90 -16.67 2.41 -2.25
CA SER B 90 -16.80 2.75 -3.68
CA SER B 90 -16.72 2.73 -3.66
C SER B 90 -16.70 4.25 -3.82
C SER B 90 -16.68 4.24 -3.81
N GLY B 91 -15.82 4.71 -4.72
CA GLY B 91 -15.64 6.15 -4.92
C GLY B 91 -14.55 6.81 -4.08
N THR B 92 -14.08 6.10 -3.04
CA THR B 92 -12.97 6.56 -2.19
C THR B 92 -11.72 5.68 -2.34
N GLY B 93 -11.93 4.37 -2.45
CA GLY B 93 -10.83 3.41 -2.42
C GLY B 93 -10.57 2.95 -0.99
N TRP B 94 -9.35 2.47 -0.77
CA TRP B 94 -8.90 1.92 0.51
C TRP B 94 -8.33 2.96 1.38
N TYR B 95 -8.59 2.83 2.67
CA TYR B 95 -8.01 3.75 3.63
C TYR B 95 -7.93 3.06 4.99
N ASN B 96 -7.15 3.64 5.91
CA ASN B 96 -7.06 3.12 7.27
C ASN B 96 -8.34 3.53 8.01
N GLY B 97 -9.15 2.55 8.43
CA GLY B 97 -10.40 2.86 9.09
C GLY B 97 -10.21 3.36 10.50
N GLY B 98 -11.30 3.86 11.11
CA GLY B 98 -11.29 4.47 12.43
C GLY B 98 -11.09 3.56 13.63
N LEU B 99 -11.28 2.25 13.44
CA LEU B 99 -11.24 1.33 14.56
C LEU B 99 -9.95 1.44 15.36
N GLY B 100 -8.83 1.50 14.66
CA GLY B 100 -7.53 1.42 15.33
C GLY B 100 -7.31 2.56 16.30
N GLY B 101 -7.91 3.72 16.01
CA GLY B 101 -7.86 4.88 16.89
C GLY B 101 -8.48 4.68 18.26
N ALA B 102 -9.43 3.75 18.36
CA ALA B 102 -10.08 3.42 19.62
C ALA B 102 -9.15 2.60 20.53
N LYS B 103 -8.09 2.02 19.96
CA LYS B 103 -7.09 1.27 20.73
C LYS B 103 -7.71 0.21 21.65
N PHE B 104 -8.57 -0.63 21.09
CA PHE B 104 -9.18 -1.74 21.81
C PHE B 104 -8.15 -2.86 21.90
N GLN B 105 -7.65 -3.06 23.11
CA GLN B 105 -6.63 -4.08 23.36
C GLN B 105 -7.33 -5.37 23.56
N VAL B 106 -6.88 -6.39 22.83
CA VAL B 106 -7.45 -7.71 22.96
C VAL B 106 -6.33 -8.71 23.31
N ALA B 107 -6.71 -9.92 23.69
CA ALA B 107 -5.71 -10.98 23.88
C ALA B 107 -4.83 -11.15 22.68
N PRO B 108 -3.55 -11.43 22.90
CA PRO B 108 -2.69 -11.62 21.74
C PRO B 108 -3.11 -12.75 20.82
N TYR B 109 -3.73 -13.75 21.40
CA TYR B 109 -4.24 -14.92 20.69
C TYR B 109 -5.71 -14.81 20.24
N SER B 110 -6.28 -13.62 20.33
CA SER B 110 -7.68 -13.39 19.91
C SER B 110 -7.89 -13.69 18.43
N CSK B 111 -9.09 -14.21 18.15
CA CSK B 111 -9.57 -14.17 16.78
C CSK B 111 -10.38 -12.91 16.60
O CSK B 111 -10.64 -12.21 17.62
CB CSK B 111 -10.29 -15.51 16.55
SG CSK B 111 -9.14 -16.91 16.40
SE CSK B 111 -8.13 -16.71 14.69
CM CSK B 111 -6.45 -16.06 15.39
N ILE B 112 -11.02 -12.85 15.43
CA ILE B 112 -11.95 -11.72 15.10
C ILE B 112 -13.05 -12.20 14.17
N ALA B 113 -14.28 -11.75 14.43
CA ALA B 113 -15.40 -11.89 13.48
C ALA B 113 -16.04 -10.55 13.31
N ALA B 114 -16.68 -10.33 12.16
CA ALA B 114 -17.22 -9.02 11.86
C ALA B 114 -18.47 -9.16 10.99
N VAL B 115 -19.51 -8.37 11.29
CA VAL B 115 -20.70 -8.27 10.43
C VAL B 115 -21.14 -6.81 10.26
N PHE B 116 -21.61 -6.48 9.06
CA PHE B 116 -22.50 -5.35 8.87
C PHE B 116 -23.89 -5.81 9.28
N LEU B 117 -24.66 -5.01 10.00
CA LEU B 117 -26.00 -5.44 10.36
C LEU B 117 -26.90 -5.50 9.12
N ALA B 118 -27.68 -6.58 9.04
CA ALA B 118 -28.48 -6.87 7.85
C ALA B 118 -29.72 -6.00 7.83
N GLY B 119 -30.15 -5.68 6.61
CA GLY B 119 -31.52 -5.18 6.40
C GLY B 119 -31.63 -3.68 6.57
N THR B 120 -30.50 -3.01 6.54
CA THR B 120 -30.50 -1.56 6.61
C THR B 120 -29.48 -1.00 5.66
N ASP B 121 -29.72 0.24 5.23
CA ASP B 121 -28.80 0.90 4.37
C ASP B 121 -27.76 1.61 5.19
N ALA B 122 -28.02 1.82 6.48
CA ALA B 122 -27.05 2.45 7.38
C ALA B 122 -25.81 1.55 7.47
N LEU B 123 -24.65 2.16 7.63
CA LEU B 123 -23.44 1.38 7.90
C LEU B 123 -23.35 1.13 9.42
N GLN B 124 -23.75 -0.04 9.86
CA GLN B 124 -23.65 -0.44 11.26
C GLN B 124 -22.85 -1.72 11.36
N LEU B 125 -21.81 -1.70 12.19
CA LEU B 125 -20.86 -2.80 12.31
C LEU B 125 -20.83 -3.32 13.72
N ARG B 126 -20.63 -4.64 13.81
CA ARG B 126 -20.41 -5.36 15.04
C ARG B 126 -19.21 -6.25 14.81
N ILE B 127 -18.20 -6.07 15.67
CA ILE B 127 -16.91 -6.77 15.62
C ILE B 127 -16.84 -7.57 16.93
N TYR B 128 -16.38 -8.82 16.86
CA TYR B 128 -16.29 -9.73 18.03
C TYR B 128 -14.82 -10.12 18.17
N ALA B 129 -14.26 -9.93 19.34
CA ALA B 129 -12.91 -10.38 19.63
C ALA B 129 -12.84 -10.86 21.09
N GLN B 130 -11.70 -11.39 21.55
CA GLN B 130 -11.58 -11.96 22.88
C GLN B 130 -10.59 -11.08 23.68
N LYS B 131 -11.01 -10.66 24.86
CA LYS B 131 -10.20 -9.81 25.74
C LYS B 131 -9.22 -10.66 26.50
N PRO B 132 -8.26 -10.03 27.18
CA PRO B 132 -7.30 -10.78 27.97
C PRO B 132 -7.90 -11.66 29.04
N ASP B 133 -9.10 -11.31 29.52
CA ASP B 133 -9.77 -12.14 30.51
C ASP B 133 -10.53 -13.31 29.85
N ASN B 134 -10.33 -13.51 28.53
CA ASN B 134 -10.94 -14.58 27.72
C ASN B 134 -12.42 -14.46 27.48
N THR B 135 -13.02 -13.33 27.88
CA THR B 135 -14.38 -13.04 27.46
C THR B 135 -14.46 -12.55 26.00
N ILE B 136 -15.58 -12.84 25.38
CA ILE B 136 -15.88 -12.39 24.04
C ILE B 136 -16.55 -11.04 24.10
N GLN B 137 -15.95 -10.03 23.49
CA GLN B 137 -16.46 -8.67 23.56
C GLN B 137 -16.91 -8.24 22.17
N GLU B 138 -18.07 -7.60 22.12
CA GLU B 138 -18.58 -6.99 20.93
C GLU B 138 -18.17 -5.51 20.90
N TYR B 139 -17.80 -5.04 19.74
CA TYR B 139 -17.42 -3.62 19.49
C TYR B 139 -18.37 -3.10 18.39
N MET B 140 -18.88 -1.88 18.55
CA MET B 140 -19.95 -1.36 17.71
C MET B 140 -19.56 -0.14 16.99
N TRP B 141 -20.04 -0.03 15.77
CA TRP B 141 -20.04 1.29 15.08
C TRP B 141 -21.43 1.55 14.63
N ASN B 142 -21.99 2.68 15.06
CA ASN B 142 -23.33 3.12 14.68
C ASN B 142 -23.35 4.55 14.16
N GLY B 143 -22.24 4.98 13.58
CA GLY B 143 -22.20 6.26 12.86
C GLY B 143 -21.60 7.39 13.66
N ASP B 144 -21.23 7.12 14.91
CA ASP B 144 -20.85 8.12 15.90
C ASP B 144 -19.70 7.64 16.78
N GLY B 145 -18.70 7.01 16.16
CA GLY B 145 -17.56 6.48 16.86
C GLY B 145 -17.69 5.04 17.31
N TRP B 146 -16.56 4.44 17.60
CA TRP B 146 -16.54 3.08 18.06
C TRP B 146 -16.78 2.99 19.53
N LYS B 147 -17.60 2.03 19.95
CA LYS B 147 -17.97 1.84 21.34
C LYS B 147 -18.02 0.38 21.66
N GLU B 148 -17.73 0.04 22.90
CA GLU B 148 -18.00 -1.32 23.34
C GLU B 148 -19.50 -1.63 23.41
N GLY B 149 -19.87 -2.78 22.90
CA GLY B 149 -21.23 -3.31 22.98
C GLY B 149 -21.32 -4.35 24.05
N THR B 150 -22.05 -5.41 23.74
CA THR B 150 -22.35 -6.44 24.70
C THR B 150 -21.15 -7.35 24.88
N ASN B 151 -20.91 -7.79 26.11
CA ASN B 151 -19.91 -8.80 26.39
C ASN B 151 -20.64 -10.14 26.51
N LEU B 152 -20.13 -11.15 25.79
CA LEU B 152 -20.82 -12.42 25.67
C LEU B 152 -20.28 -13.53 26.54
N GLY B 153 -19.41 -13.18 27.49
CA GLY B 153 -18.95 -14.17 28.48
C GLY B 153 -17.71 -14.94 28.07
N GLY B 154 -17.34 -15.91 28.90
CA GLY B 154 -16.10 -16.60 28.67
C GLY B 154 -16.12 -17.54 27.47
N ALA B 155 -14.93 -17.76 26.92
CA ALA B 155 -14.75 -18.75 25.87
C ALA B 155 -13.34 -19.32 26.02
N LEU B 156 -13.07 -20.40 25.29
CA LEU B 156 -11.74 -21.01 25.27
C LEU B 156 -10.70 -19.96 24.80
N PRO B 157 -9.58 -19.87 25.51
CA PRO B 157 -8.61 -18.86 25.01
C PRO B 157 -8.08 -19.18 23.60
N GLY B 158 -8.22 -18.23 22.69
CA GLY B 158 -7.85 -18.43 21.31
C GLY B 158 -8.93 -19.03 20.46
N THR B 159 -10.14 -19.07 21.00
CA THR B 159 -11.27 -19.60 20.24
C THR B 159 -11.40 -18.97 18.88
N GLY B 160 -11.81 -19.81 17.92
CA GLY B 160 -12.34 -19.28 16.67
C GLY B 160 -13.65 -18.55 16.96
N ILE B 161 -13.97 -17.60 16.08
CA ILE B 161 -15.25 -16.85 16.14
C ILE B 161 -15.85 -16.75 14.75
N GLY B 162 -17.04 -17.33 14.61
CA GLY B 162 -17.84 -17.10 13.44
C GLY B 162 -19.02 -16.20 13.75
N ALA B 163 -19.43 -15.43 12.76
CA ALA B 163 -20.55 -14.50 12.93
C ALA B 163 -21.30 -14.30 11.61
N THR B 164 -22.60 -14.10 11.74
CA THR B 164 -23.45 -13.70 10.63
C THR B 164 -24.61 -12.81 11.10
N SER B 165 -25.06 -11.96 10.21
CA SER B 165 -26.26 -11.14 10.48
C SER B 165 -27.23 -11.34 9.33
N PHE B 166 -28.51 -11.45 9.70
CA PHE B 166 -29.58 -11.53 8.70
C PHE B 166 -30.77 -10.77 9.24
N ARG B 167 -31.76 -10.51 8.38
CA ARG B 167 -32.95 -9.85 8.85
C ARG B 167 -34.14 -10.66 8.36
N TYR B 168 -34.88 -11.20 9.30
CA TYR B 168 -36.13 -11.86 8.94
C TYR B 168 -37.05 -10.84 8.24
N THR B 169 -37.72 -11.24 7.17
CA THR B 169 -38.57 -10.33 6.40
C THR B 169 -39.81 -9.79 7.17
N ASP B 170 -40.19 -10.45 8.25
CA ASP B 170 -41.30 -10.01 9.15
C ASP B 170 -40.79 -9.26 10.41
N TYR B 171 -39.48 -9.07 10.51
CA TYR B 171 -38.92 -8.30 11.62
C TYR B 171 -38.56 -6.92 11.16
N ASN B 172 -38.47 -5.95 12.09
CA ASN B 172 -38.03 -4.61 11.69
C ASN B 172 -36.65 -4.24 12.25
N GLY B 173 -35.83 -5.25 12.54
CA GLY B 173 -34.46 -4.99 12.98
C GLY B 173 -33.67 -6.25 12.74
N PRO B 174 -32.35 -6.15 12.89
CA PRO B 174 -31.43 -7.23 12.53
C PRO B 174 -31.26 -8.30 13.59
N SER B 175 -30.93 -9.51 13.13
CA SER B 175 -30.55 -10.62 13.99
C SER B 175 -29.06 -10.90 13.83
N ILE B 176 -28.46 -11.50 14.85
CA ILE B 176 -27.04 -11.79 14.79
C ILE B 176 -26.90 -13.16 15.38
N ARG B 177 -26.04 -13.97 14.79
CA ARG B 177 -25.71 -15.27 15.38
C ARG B 177 -24.17 -15.32 15.44
N ILE B 178 -23.62 -15.80 16.55
CA ILE B 178 -22.17 -15.99 16.62
C ILE B 178 -21.86 -17.36 17.15
N TRP B 179 -20.71 -17.91 16.77
CA TRP B 179 -20.33 -19.21 17.25
C TRP B 179 -18.88 -19.16 17.72
N PHE B 180 -18.63 -19.90 18.77
CA PHE B 180 -17.30 -19.98 19.36
C PHE B 180 -17.15 -21.23 20.18
N GLN B 181 -15.95 -21.45 20.71
CA GLN B 181 -15.61 -22.67 21.45
C GLN B 181 -15.49 -22.35 22.91
N THR B 182 -16.04 -23.21 23.75
CA THR B 182 -15.90 -23.06 25.18
C THR B 182 -14.80 -23.93 25.75
N ASP B 183 -14.51 -23.73 27.03
CA ASP B 183 -13.40 -24.41 27.68
C ASP B 183 -13.48 -25.94 27.59
N ASP B 184 -14.68 -26.48 27.60
CA ASP B 184 -14.89 -27.92 27.50
C ASP B 184 -14.72 -28.45 26.07
N LEU B 185 -14.37 -27.56 25.12
CA LEU B 185 -14.00 -27.88 23.73
C LEU B 185 -15.21 -28.02 22.80
N LYS B 186 -16.42 -27.85 23.34
CA LYS B 186 -17.57 -27.88 22.49
C LYS B 186 -17.70 -26.56 21.72
N LEU B 187 -18.47 -26.60 20.65
CA LEU B 187 -18.79 -25.41 19.82
C LEU B 187 -20.22 -25.01 20.08
N VAL B 188 -20.38 -23.73 20.34
CA VAL B 188 -21.67 -23.22 20.81
C VAL B 188 -22.08 -22.03 19.94
N GLN B 189 -23.40 -21.78 19.91
CA GLN B 189 -24.00 -20.58 19.31
C GLN B 189 -24.49 -19.65 20.39
N ARG B 190 -24.31 -18.35 20.17
CA ARG B 190 -25.06 -17.34 20.93
C ARG B 190 -25.85 -16.49 19.94
N ALA B 191 -26.99 -15.95 20.37
CA ALA B 191 -27.96 -15.42 19.40
C ALA B 191 -28.51 -14.10 19.90
N TYR B 192 -28.65 -13.15 18.97
CA TYR B 192 -29.31 -11.88 19.21
C TYR B 192 -30.51 -11.76 18.29
N ASP B 193 -31.68 -11.48 18.85
CA ASP B 193 -32.81 -10.93 18.08
C ASP B 193 -33.27 -9.60 18.72
N PRO B 194 -33.94 -8.72 17.97
CA PRO B 194 -34.22 -7.40 18.51
C PRO B 194 -35.16 -7.42 19.72
N HIS B 195 -36.05 -8.41 19.79
CA HIS B 195 -36.90 -8.52 20.95
C HIS B 195 -36.28 -9.16 22.16
N LYS B 196 -35.57 -10.26 21.97
CA LYS B 196 -35.06 -11.02 23.09
C LYS B 196 -33.69 -10.49 23.53
N GLY B 197 -33.12 -9.58 22.74
CA GLY B 197 -31.72 -9.18 22.91
C GLY B 197 -30.83 -10.41 22.74
N TRP B 198 -29.70 -10.45 23.45
CA TRP B 198 -28.93 -11.68 23.50
C TRP B 198 -29.63 -12.73 24.33
N TYR B 199 -29.96 -13.87 23.71
CA TYR B 199 -30.59 -14.97 24.43
C TYR B 199 -29.67 -15.44 25.53
N PRO B 200 -30.23 -15.85 26.67
CA PRO B 200 -29.34 -16.24 27.76
C PRO B 200 -28.58 -17.55 27.57
N ASP B 201 -29.08 -18.47 26.75
CA ASP B 201 -28.46 -19.79 26.63
C ASP B 201 -27.45 -19.87 25.48
N LEU B 202 -26.42 -20.65 25.74
CA LEU B 202 -25.52 -21.12 24.71
C LEU B 202 -26.12 -22.41 24.16
N VAL B 203 -26.28 -22.50 22.86
CA VAL B 203 -26.78 -23.71 22.17
C VAL B 203 -25.59 -24.49 21.59
N THR B 204 -25.41 -25.74 22.02
CA THR B 204 -24.30 -26.54 21.50
C THR B 204 -24.55 -27.00 20.06
N ILE B 205 -23.57 -26.78 19.19
CA ILE B 205 -23.70 -27.23 17.80
C ILE B 205 -22.75 -28.36 17.43
N PHE B 206 -21.77 -28.63 18.29
CA PHE B 206 -20.85 -29.75 18.07
C PHE B 206 -20.22 -30.12 19.41
N ASP B 207 -20.13 -31.42 19.72
CA ASP B 207 -19.81 -31.83 21.06
C ASP B 207 -18.34 -31.61 21.48
N ARG B 208 -17.42 -31.76 20.56
CA ARG B 208 -16.00 -31.66 20.87
C ARG B 208 -15.25 -31.37 19.61
N ALA B 209 -14.51 -30.27 19.59
CA ALA B 209 -13.70 -29.95 18.43
C ALA B 209 -12.27 -29.68 18.86
N PRO B 210 -11.30 -29.72 17.91
CA PRO B 210 -9.89 -29.41 18.24
C PRO B 210 -9.76 -28.06 18.92
N PRO B 211 -8.80 -27.93 19.85
CA PRO B 211 -8.65 -26.67 20.58
C PRO B 211 -8.20 -25.56 19.64
N ARG B 212 -8.90 -24.44 19.69
CA ARG B 212 -8.63 -23.31 18.79
C ARG B 212 -8.86 -23.60 17.29
N THR B 213 -9.76 -24.54 17.00
CA THR B 213 -10.16 -24.79 15.62
C THR B 213 -10.73 -23.52 14.97
N ALA B 214 -10.45 -23.34 13.69
CA ALA B 214 -11.08 -22.30 12.90
C ALA B 214 -12.62 -22.46 12.90
N ILE B 215 -13.34 -21.34 12.94
CA ILE B 215 -14.82 -21.34 12.89
C ILE B 215 -15.25 -20.27 11.93
N ALA B 216 -16.13 -20.60 10.98
CA ALA B 216 -16.58 -19.63 9.97
C ALA B 216 -18.07 -19.93 9.68
N ALA B 217 -18.87 -18.88 9.45
CA ALA B 217 -20.32 -19.08 9.31
C ALA B 217 -20.90 -18.15 8.28
N THR B 218 -22.00 -18.63 7.69
CA THR B 218 -22.79 -17.82 6.79
C THR B 218 -24.29 -18.06 7.02
N SER B 219 -25.09 -17.16 6.49
CA SER B 219 -26.59 -17.37 6.51
C SER B 219 -27.15 -16.90 5.19
N PHE B 220 -28.32 -17.43 4.79
CA PHE B 220 -28.92 -17.07 3.48
C PHE B 220 -30.43 -17.40 3.52
N GLY B 221 -31.16 -16.79 2.59
CA GLY B 221 -32.58 -17.08 2.36
C GLY B 221 -33.55 -16.76 3.48
N ALA B 222 -33.27 -15.63 4.13
CA ALA B 222 -34.11 -15.12 5.21
C ALA B 222 -35.54 -14.96 4.68
N GLY B 223 -36.52 -15.42 5.43
CA GLY B 223 -37.93 -15.10 5.14
C GLY B 223 -38.68 -14.75 6.42
N ASN B 224 -39.97 -15.07 6.46
CA ASN B 224 -40.74 -14.73 7.64
C ASN B 224 -40.40 -15.68 8.80
N SER B 225 -39.67 -15.16 9.79
CA SER B 225 -39.22 -15.97 10.93
C SER B 225 -38.47 -17.25 10.53
N SER B 226 -37.81 -17.17 9.38
CA SER B 226 -37.07 -18.28 8.76
C SER B 226 -35.66 -17.85 8.24
N ILE B 227 -34.72 -18.79 8.35
CA ILE B 227 -33.35 -18.58 7.95
C ILE B 227 -32.70 -19.96 7.68
N TYR B 228 -31.63 -19.93 6.92
CA TYR B 228 -30.75 -21.07 6.71
C TYR B 228 -29.34 -20.63 7.12
N MET B 229 -28.64 -21.48 7.84
CA MET B 229 -27.27 -21.15 8.24
C MET B 229 -26.31 -22.31 8.01
N ARG B 230 -25.03 -21.98 7.84
CA ARG B 230 -23.99 -23.03 7.73
C ARG B 230 -22.79 -22.57 8.52
N ILE B 231 -22.30 -23.46 9.38
CA ILE B 231 -21.12 -23.19 10.23
C ILE B 231 -20.06 -24.23 9.85
N TYR B 232 -18.82 -23.75 9.68
CA TYR B 232 -17.69 -24.60 9.23
C TYR B 232 -16.59 -24.55 10.31
N PHE B 233 -15.98 -25.69 10.56
CA PHE B 233 -14.84 -25.76 11.45
C PHE B 233 -13.90 -26.87 10.96
N VAL B 234 -12.67 -26.87 11.46
CA VAL B 234 -11.72 -27.93 11.16
C VAL B 234 -11.73 -29.02 12.23
N ASN B 235 -12.11 -30.22 11.85
CA ASN B 235 -12.26 -31.29 12.79
C ASN B 235 -10.94 -32.04 13.01
N SER B 236 -10.96 -32.95 13.99
CA SER B 236 -9.77 -33.75 14.32
C SER B 236 -9.28 -34.71 13.21
N ASP B 237 -10.14 -35.03 12.22
CA ASP B 237 -9.76 -35.71 11.00
C ASP B 237 -9.09 -34.86 9.94
N ASN B 238 -8.76 -33.61 10.27
CA ASN B 238 -8.11 -32.74 9.34
C ASN B 238 -8.94 -32.49 8.08
N THR B 239 -10.23 -32.30 8.28
CA THR B 239 -11.11 -31.83 7.21
C THR B 239 -11.98 -30.72 7.79
N ILE B 240 -12.54 -29.92 6.89
CA ILE B 240 -13.57 -28.99 7.26
C ILE B 240 -14.84 -29.78 7.39
N TRP B 241 -15.54 -29.60 8.51
CA TRP B 241 -16.91 -30.06 8.70
C TRP B 241 -17.89 -28.92 8.61
N GLN B 242 -19.10 -29.27 8.19
CA GLN B 242 -20.24 -28.33 8.05
C GLN B 242 -21.33 -28.72 9.02
N VAL B 243 -21.94 -27.71 9.67
CA VAL B 243 -23.09 -27.87 10.54
C VAL B 243 -24.21 -27.06 9.89
N CSD B 244 -25.40 -27.68 9.76
CA CSD B 244 -26.47 -27.07 9.01
CB CSD B 244 -26.99 -28.02 7.92
SG CSD B 244 -25.87 -28.52 6.79
C CSD B 244 -27.65 -26.77 9.90
O CSD B 244 -28.12 -27.63 10.69
OD1 CSD B 244 -25.01 -29.69 7.35
OD2 CSD B 244 -26.58 -29.15 5.66
N TRP B 245 -28.10 -25.51 9.79
CA TRP B 245 -29.43 -25.07 10.26
C TRP B 245 -30.28 -24.87 9.04
N ASP B 246 -31.42 -25.58 8.98
CA ASP B 246 -32.37 -25.35 7.90
C ASP B 246 -33.74 -25.10 8.49
N HIS B 247 -34.41 -24.08 7.98
CA HIS B 247 -35.72 -23.77 8.52
C HIS B 247 -36.63 -24.97 8.50
N GLY B 248 -37.29 -25.23 9.62
CA GLY B 248 -38.20 -26.38 9.71
C GLY B 248 -37.56 -27.59 10.34
N LYS B 249 -36.23 -27.71 10.20
CA LYS B 249 -35.49 -28.82 10.76
C LYS B 249 -34.55 -28.43 11.88
N GLY B 250 -34.17 -27.16 11.97
CA GLY B 250 -33.27 -26.75 13.03
C GLY B 250 -31.85 -27.21 12.71
N TYR B 251 -31.08 -27.46 13.76
CA TYR B 251 -29.74 -28.01 13.64
C TYR B 251 -29.85 -29.53 13.49
N HIS B 252 -29.96 -29.99 12.26
CA HIS B 252 -30.36 -31.38 12.00
C HIS B 252 -29.31 -32.24 11.32
N ASP B 253 -28.17 -31.66 10.93
CA ASP B 253 -27.15 -32.44 10.20
C ASP B 253 -25.77 -31.80 10.30
N LYS B 254 -24.76 -32.64 10.12
CA LYS B 254 -23.35 -32.30 10.31
C LYS B 254 -22.60 -33.33 9.46
N GLY B 255 -21.52 -32.91 8.84
CA GLY B 255 -20.62 -33.86 8.16
C GLY B 255 -19.43 -33.23 7.52
N THR B 256 -18.50 -34.07 7.05
CA THR B 256 -17.28 -33.58 6.40
C THR B 256 -17.54 -32.96 5.02
N ILE B 257 -16.74 -31.96 4.63
CA ILE B 257 -16.80 -31.27 3.37
C ILE B 257 -15.57 -31.59 2.54
N THR B 258 -14.36 -31.28 3.02
CA THR B 258 -13.17 -31.39 2.18
C THR B 258 -11.91 -31.46 3.10
N PRO B 259 -10.86 -32.17 2.68
CA PRO B 259 -9.66 -32.20 3.49
C PRO B 259 -8.96 -30.86 3.51
N VAL B 260 -8.26 -30.60 4.63
CA VAL B 260 -7.43 -29.40 4.77
C VAL B 260 -6.09 -29.72 5.40
N ILE B 261 -5.13 -28.80 5.29
CA ILE B 261 -3.88 -28.93 6.08
C ILE B 261 -4.23 -28.86 7.58
N GLN B 262 -3.40 -29.53 8.41
CA GLN B 262 -3.50 -29.40 9.84
C GLN B 262 -3.51 -27.90 10.21
N GLY B 263 -4.47 -27.49 11.01
CA GLY B 263 -4.58 -26.08 11.42
C GLY B 263 -4.95 -25.07 10.34
N SER B 264 -5.61 -25.51 9.27
CA SER B 264 -6.05 -24.55 8.24
C SER B 264 -7.04 -23.57 8.85
N GLU B 265 -7.04 -22.36 8.35
CA GLU B 265 -8.14 -21.42 8.59
C GLU B 265 -9.20 -21.62 7.49
N VAL B 266 -10.32 -20.91 7.65
CA VAL B 266 -11.50 -21.16 6.80
C VAL B 266 -12.25 -19.88 6.64
N ALA B 267 -12.68 -19.59 5.41
CA ALA B 267 -13.65 -18.51 5.13
C ALA B 267 -14.81 -19.05 4.31
N ILE B 268 -15.98 -18.44 4.49
CA ILE B 268 -17.21 -18.85 3.77
C ILE B 268 -17.89 -17.61 3.27
N ILE B 269 -18.38 -17.67 2.03
CA ILE B 269 -19.34 -16.66 1.54
C ILE B 269 -20.53 -17.41 0.91
N SER B 270 -21.65 -16.69 0.77
CA SER B 270 -22.82 -17.25 0.13
C SER B 270 -23.65 -16.18 -0.60
N TRP B 271 -24.52 -16.67 -1.47
CA TRP B 271 -25.53 -15.78 -2.07
C TRP B 271 -26.65 -16.63 -2.59
N GLY B 272 -27.81 -16.00 -2.80
CA GLY B 272 -28.99 -16.72 -3.27
C GLY B 272 -29.73 -17.52 -2.21
N SER B 273 -30.62 -18.40 -2.66
CA SER B 273 -31.51 -19.11 -1.76
C SER B 273 -32.10 -20.30 -2.45
N PHE B 274 -32.51 -21.26 -1.62
CA PHE B 274 -33.24 -22.46 -2.03
C PHE B 274 -34.46 -22.14 -2.89
N ALA B 275 -35.12 -21.03 -2.59
CA ALA B 275 -36.30 -20.59 -3.35
C ALA B 275 -35.96 -20.04 -4.74
N ASN B 276 -34.71 -19.66 -5.02
CA ASN B 276 -34.34 -18.97 -6.30
C ASN B 276 -33.09 -19.56 -7.02
N ASN B 277 -33.09 -20.87 -7.24
CA ASN B 277 -32.05 -21.54 -8.02
C ASN B 277 -30.66 -21.48 -7.33
N GLY B 278 -30.68 -21.45 -6.01
CA GLY B 278 -29.45 -21.42 -5.19
C GLY B 278 -29.59 -22.27 -3.96
N PRO B 279 -28.82 -21.97 -2.89
CA PRO B 279 -27.81 -20.94 -2.83
C PRO B 279 -26.55 -21.33 -3.58
N ASP B 280 -25.61 -20.42 -3.60
CA ASP B 280 -24.22 -20.67 -3.94
C ASP B 280 -23.39 -20.48 -2.66
N LEU B 281 -22.51 -21.44 -2.38
CA LEU B 281 -21.52 -21.36 -1.31
C LEU B 281 -20.10 -21.41 -1.89
N ARG B 282 -19.18 -20.69 -1.27
CA ARG B 282 -17.74 -20.80 -1.62
C ARG B 282 -16.96 -20.82 -0.32
N LEU B 283 -16.11 -21.83 -0.13
CA LEU B 283 -15.23 -21.93 1.03
C LEU B 283 -13.82 -21.75 0.51
N TYR B 284 -12.99 -21.07 1.31
CA TYR B 284 -11.57 -20.89 1.09
C TYR B 284 -10.80 -21.44 2.31
N PHE B 285 -9.64 -22.03 2.07
CA PHE B 285 -8.93 -22.81 3.08
C PHE B 285 -7.58 -23.17 2.43
N GLN B 286 -6.72 -23.84 3.18
CA GLN B 286 -5.51 -24.40 2.59
C GLN B 286 -5.59 -25.90 2.69
N ASN B 287 -5.28 -26.58 1.57
CA ASN B 287 -5.28 -28.06 1.59
C ASN B 287 -4.01 -28.65 1.06
N GLY B 288 -2.98 -27.83 0.94
CA GLY B 288 -1.66 -28.30 0.49
C GLY B 288 -1.41 -28.15 -0.99
N THR B 289 -2.31 -27.51 -1.73
CA THR B 289 -2.05 -27.23 -3.15
C THR B 289 -0.91 -26.27 -3.29
N TYR B 290 0.13 -26.67 -4.04
CA TYR B 290 1.36 -25.84 -4.13
C TYR B 290 1.92 -25.54 -2.72
N ILE B 291 1.64 -26.49 -1.83
CA ILE B 291 2.04 -26.48 -0.39
C ILE B 291 1.21 -25.42 0.38
N SER B 292 1.30 -24.16 -0.05
CA SER B 292 0.79 -23.01 0.74
C SER B 292 -0.25 -22.19 0.01
N ALA B 293 -0.68 -22.62 -1.16
CA ALA B 293 -1.74 -21.88 -1.83
C ALA B 293 -3.04 -21.98 -1.09
N VAL B 294 -3.93 -21.02 -1.37
CA VAL B 294 -5.34 -21.06 -0.91
C VAL B 294 -6.18 -21.74 -2.00
N SER B 295 -7.06 -22.64 -1.59
CA SER B 295 -7.95 -23.39 -2.49
C SER B 295 -9.41 -23.02 -2.18
N GLU B 296 -10.28 -23.32 -3.14
CA GLU B 296 -11.71 -23.03 -3.09
C GLU B 296 -12.54 -24.33 -3.20
N TRP B 297 -13.63 -24.37 -2.43
CA TRP B 297 -14.69 -25.36 -2.59
C TRP B 297 -15.99 -24.65 -2.96
N VAL B 298 -16.77 -25.32 -3.82
CA VAL B 298 -17.99 -24.73 -4.42
C VAL B 298 -19.19 -25.62 -4.09
N TRP B 299 -20.29 -24.99 -3.69
CA TRP B 299 -21.58 -25.64 -3.77
C TRP B 299 -22.50 -24.78 -4.60
N ASN B 300 -23.17 -25.42 -5.56
CA ASN B 300 -24.30 -24.79 -6.24
C ASN B 300 -25.38 -25.83 -6.59
N ARG B 301 -26.51 -25.33 -7.09
CA ARG B 301 -27.69 -26.19 -7.24
C ARG B 301 -27.47 -27.26 -8.35
N ALA B 302 -26.85 -26.84 -9.44
CA ALA B 302 -26.49 -27.69 -10.57
C ALA B 302 -25.77 -29.00 -10.17
N HIS B 303 -24.62 -28.86 -9.49
CA HIS B 303 -23.67 -29.96 -9.24
C HIS B 303 -23.44 -30.29 -7.81
N GLY B 304 -23.82 -29.38 -6.91
CA GLY B 304 -23.63 -29.63 -5.52
C GLY B 304 -22.15 -29.40 -5.24
N SER B 305 -21.58 -30.32 -4.50
CA SER B 305 -20.27 -30.15 -3.89
C SER B 305 -19.18 -30.48 -4.93
N GLN B 306 -18.32 -29.51 -5.19
CA GLN B 306 -17.22 -29.63 -6.17
C GLN B 306 -16.05 -28.80 -5.67
N LEU B 307 -14.81 -29.22 -5.93
CA LEU B 307 -13.69 -28.31 -5.73
C LEU B 307 -13.71 -27.25 -6.81
N GLY B 308 -13.39 -26.01 -6.43
CA GLY B 308 -13.30 -24.92 -7.35
C GLY B 308 -11.85 -24.61 -7.72
N ARG B 309 -11.52 -23.34 -7.74
CA ARG B 309 -10.18 -22.86 -8.07
C ARG B 309 -9.14 -23.61 -7.25
N SER B 310 -8.21 -24.27 -7.94
CA SER B 310 -7.26 -25.13 -7.25
C SER B 310 -6.30 -24.31 -6.40
N ALA B 311 -5.87 -23.22 -6.95
CA ALA B 311 -4.83 -22.39 -6.31
C ALA B 311 -5.22 -20.94 -6.62
N LEU B 312 -5.63 -20.19 -5.61
CA LEU B 312 -6.01 -18.81 -5.82
C LEU B 312 -4.80 -17.99 -6.20
N PRO B 313 -4.99 -16.88 -6.94
CA PRO B 313 -3.89 -15.95 -7.07
C PRO B 313 -3.31 -15.58 -5.71
N PRO B 314 -1.98 -15.39 -5.60
CA PRO B 314 -1.02 -15.29 -6.69
C PRO B 314 -0.35 -16.60 -7.08
N ALA B 315 -0.88 -17.74 -6.66
CA ALA B 315 -0.27 -19.04 -6.97
C ALA B 315 -0.03 -19.26 -8.45
N SER C 2 -5.49 26.89 5.57
CA SER C 2 -4.10 27.21 5.13
C SER C 2 -3.46 28.26 6.08
N THR C 3 -2.37 28.88 5.65
CA THR C 3 -1.70 29.94 6.40
C THR C 3 -1.22 30.94 5.36
N PRO C 4 -0.99 32.21 5.73
CA PRO C 4 -0.50 33.17 4.72
C PRO C 4 0.78 32.74 4.05
N GLY C 5 1.70 32.15 4.82
CA GLY C 5 2.91 31.61 4.27
C GLY C 5 2.69 30.46 3.28
N ALA C 6 1.82 29.53 3.63
CA ALA C 6 1.56 28.36 2.73
C ALA C 6 0.94 28.86 1.44
N GLN C 7 0.11 29.89 1.53
CA GLN C 7 -0.53 30.49 0.35
C GLN C 7 0.45 31.15 -0.59
N GLN C 8 1.66 31.47 -0.13
CA GLN C 8 2.67 32.03 -1.03
C GLN C 8 3.35 30.98 -1.90
N VAL C 9 3.28 29.70 -1.50
CA VAL C 9 3.91 28.60 -2.24
C VAL C 9 3.04 28.24 -3.48
N LEU C 10 3.66 28.20 -4.65
CA LEU C 10 2.90 27.88 -5.88
C LEU C 10 2.44 26.44 -5.82
N PHE C 11 1.17 26.20 -6.15
CA PHE C 11 0.59 24.84 -6.16
C PHE C 11 1.21 24.17 -7.40
N ARG C 12 1.80 23.03 -7.21
CA ARG C 12 2.56 22.31 -8.22
C ARG C 12 3.85 22.98 -8.55
N THR C 13 4.37 23.75 -7.60
CA THR C 13 5.72 24.30 -7.72
C THR C 13 6.74 23.26 -8.06
N GLY C 14 7.72 23.66 -8.89
CA GLY C 14 8.96 22.89 -8.98
C GLY C 14 9.64 22.87 -7.63
N ILE C 15 10.30 21.76 -7.32
CA ILE C 15 11.01 21.61 -6.07
C ILE C 15 12.40 20.99 -6.27
N ALA C 16 13.38 21.52 -5.55
CA ALA C 16 14.74 21.00 -5.57
C ALA C 16 15.31 21.09 -4.19
N ALA C 17 16.33 20.28 -3.92
CA ALA C 17 16.94 20.28 -2.59
C ALA C 17 18.42 19.89 -2.69
N VAL C 18 19.22 20.47 -1.79
CA VAL C 18 20.64 20.14 -1.70
C VAL C 18 20.94 20.01 -0.22
N ASN C 19 22.09 19.46 0.05
CA ASN C 19 22.52 19.22 1.43
C ASN C 19 24.00 18.98 1.59
N SER C 20 24.45 19.16 2.84
CA SER C 20 25.70 18.60 3.35
C SER C 20 25.28 17.85 4.60
N THR C 21 25.33 16.52 4.53
CA THR C 21 24.71 15.63 5.51
C THR C 21 23.36 16.19 5.95
N ASN C 22 23.17 16.48 7.23
CA ASN C 22 21.90 16.97 7.70
C ASN C 22 21.69 18.48 7.70
N HIS C 23 22.51 19.20 6.95
CA HIS C 23 22.34 20.63 6.70
C HIS C 23 21.66 20.75 5.34
N LEU C 24 20.41 21.25 5.33
CA LEU C 24 19.52 21.11 4.17
C LEU C 24 19.13 22.46 3.62
N ARG C 25 18.93 22.47 2.30
CA ARG C 25 18.28 23.60 1.64
C ARG C 25 17.25 23.09 0.67
N VAL C 26 16.10 23.79 0.58
CA VAL C 26 15.01 23.37 -0.29
C VAL C 26 14.60 24.63 -1.11
N TYR C 27 14.47 24.46 -2.41
CA TYR C 27 14.11 25.54 -3.33
C TYR C 27 12.76 25.28 -3.94
N PHE C 28 12.01 26.37 -4.08
CA PHE C 28 10.66 26.29 -4.64
C PHE C 28 10.29 27.63 -5.22
N GLN C 29 9.15 27.66 -5.91
CA GLN C 29 8.68 28.88 -6.58
C GLN C 29 7.44 29.41 -5.83
N ASP C 30 7.41 30.70 -5.59
CA ASP C 30 6.25 31.36 -5.01
C ASP C 30 5.24 31.74 -6.12
N VAL C 31 4.09 32.16 -5.69
CA VAL C 31 3.00 32.43 -6.60
C VAL C 31 3.27 33.63 -7.52
N TYR C 32 4.31 34.43 -7.20
CA TYR C 32 4.74 35.55 -8.04
C TYR C 32 5.87 35.23 -9.00
N GLY C 33 6.36 34.00 -8.95
CA GLY C 33 7.44 33.52 -9.82
C GLY C 33 8.84 33.57 -9.25
N SER C 34 8.98 34.09 -8.05
CA SER C 34 10.28 34.16 -7.38
C SER C 34 10.66 32.78 -6.90
N ILE C 35 11.96 32.51 -6.96
CA ILE C 35 12.50 31.26 -6.42
C ILE C 35 13.02 31.54 -5.03
N ARG C 36 12.59 30.75 -4.04
CA ARG C 36 12.93 30.97 -2.66
C ARG C 36 13.66 29.78 -2.10
N GLU C 37 14.41 30.03 -1.03
CA GLU C 37 15.15 29.02 -0.29
C GLU C 37 14.69 28.89 1.14
N SER C 38 14.29 27.68 1.52
CA SER C 38 14.12 27.31 2.88
C SER C 38 15.32 26.52 3.36
N LEU C 39 15.56 26.57 4.68
CA LEU C 39 16.79 25.95 5.22
C LEU C 39 16.58 25.19 6.48
N TYR C 40 17.42 24.18 6.68
CA TYR C 40 17.44 23.42 7.93
C TYR C 40 18.86 23.36 8.44
N GLU C 41 19.06 24.08 9.55
CA GLU C 41 20.32 24.10 10.27
C GLU C 41 19.95 23.82 11.73
N GLY C 42 19.76 22.54 12.02
CA GLY C 42 19.24 22.15 13.33
C GLY C 42 17.76 22.48 13.53
N SER C 43 17.17 23.32 12.68
CA SER C 43 15.75 23.61 12.74
C SER C 43 15.37 24.27 11.44
N TRP C 44 14.10 24.28 11.09
CA TRP C 44 13.61 24.91 9.86
C TRP C 44 13.43 26.38 9.94
N ALA C 45 13.80 27.06 8.87
CA ALA C 45 13.68 28.49 8.78
C ALA C 45 13.54 28.94 7.31
N ASN C 46 13.23 30.23 7.15
CA ASN C 46 13.37 31.00 5.92
C ASN C 46 12.22 30.68 4.94
N GLY C 47 12.50 30.55 3.66
CA GLY C 47 11.41 30.48 2.67
C GLY C 47 10.52 31.72 2.53
N THR C 48 10.94 32.87 3.07
CA THR C 48 10.11 34.08 3.05
C THR C 48 10.50 34.99 1.90
N GLU C 49 9.86 36.16 1.82
CA GLU C 49 10.20 37.16 0.81
C GLU C 49 11.63 37.67 1.03
N LYS C 50 12.18 37.41 2.22
CA LYS C 50 13.59 37.75 2.46
C LYS C 50 14.57 36.70 1.94
N ASN C 51 14.05 35.56 1.43
CA ASN C 51 14.90 34.47 0.99
C ASN C 51 14.74 34.17 -0.52
N VAL C 52 14.50 35.21 -1.31
CA VAL C 52 14.41 35.11 -2.76
C VAL C 52 15.81 35.09 -3.38
N ILE C 53 16.08 34.12 -4.24
CA ILE C 53 17.37 34.01 -4.93
C ILE C 53 17.35 34.42 -6.42
N GLY C 54 16.16 34.64 -6.95
CA GLY C 54 15.99 35.10 -8.33
C GLY C 54 14.57 34.85 -8.77
N ASN C 55 14.35 35.10 -10.07
CA ASN C 55 13.03 34.97 -10.67
C ASN C 55 13.07 34.09 -11.88
N ALA C 56 11.94 33.40 -12.13
CA ALA C 56 11.83 32.50 -13.26
C ALA C 56 10.42 32.54 -13.79
N LYS C 57 10.24 32.06 -15.00
CA LYS C 57 8.88 31.98 -15.54
C LYS C 57 7.95 31.22 -14.61
N LEU C 58 6.71 31.69 -14.48
CA LEU C 58 5.72 30.93 -13.68
C LEU C 58 5.53 29.52 -14.14
N GLY C 59 5.66 28.59 -13.19
CA GLY C 59 5.60 27.17 -13.48
C GLY C 59 6.90 26.53 -13.96
N SER C 60 8.02 27.25 -13.80
CA SER C 60 9.29 26.77 -14.27
C SER C 60 9.69 25.49 -13.57
N PRO C 61 10.43 24.63 -14.30
CA PRO C 61 11.15 23.60 -13.54
C PRO C 61 12.12 24.26 -12.57
N VAL C 62 12.45 23.52 -11.50
CA VAL C 62 13.43 23.98 -10.54
C VAL C 62 14.32 22.83 -10.19
N ALA C 63 15.60 22.94 -10.52
CA ALA C 63 16.60 21.91 -10.24
C ALA C 63 17.74 22.50 -9.49
N ALA C 64 18.42 21.67 -8.70
CA ALA C 64 19.56 22.20 -7.95
C ALA C 64 20.55 21.10 -7.66
N THR C 65 21.83 21.46 -7.57
CA THR C 65 22.91 20.57 -7.20
C THR C 65 23.95 21.33 -6.41
N SER C 66 24.74 20.61 -5.63
CA SER C 66 25.74 21.24 -4.78
C SER C 66 26.99 20.39 -4.59
N LYS C 67 28.04 21.10 -4.15
CA LYS C 67 29.19 20.48 -3.52
C LYS C 67 29.09 20.85 -2.05
N GLU C 68 28.61 19.90 -1.25
CA GLU C 68 28.22 20.19 0.14
C GLU C 68 27.38 21.44 0.17
N LEU C 69 27.63 22.40 1.06
CA LEU C 69 26.96 23.71 0.98
C LEU C 69 27.96 24.82 0.69
N LYS C 70 29.08 24.45 0.09
CA LYS C 70 30.12 25.43 -0.31
C LYS C 70 29.79 26.04 -1.70
N HIS C 71 29.23 25.21 -2.60
CA HIS C 71 28.82 25.65 -3.94
C HIS C 71 27.47 25.05 -4.23
N ILE C 72 26.49 25.94 -4.45
CA ILE C 72 25.12 25.54 -4.82
C ILE C 72 24.78 26.16 -6.15
N ARG C 73 24.04 25.46 -7.00
CA ARG C 73 23.61 26.01 -8.32
C ARG C 73 22.16 25.58 -8.51
N VAL C 74 21.32 26.55 -8.87
CA VAL C 74 19.88 26.34 -9.00
C VAL C 74 19.48 26.74 -10.43
N TYR C 75 18.79 25.84 -11.14
CA TYR C 75 18.48 25.96 -12.56
C TYR C 75 16.99 26.10 -12.78
N THR C 76 16.60 27.08 -13.59
CA THR C 76 15.19 27.32 -13.94
C THR C 76 15.17 27.84 -15.40
N LEU C 77 13.98 28.13 -15.90
CA LEU C 77 13.79 28.77 -17.20
C LEU C 77 13.40 30.24 -17.06
N THR C 78 13.97 31.05 -17.96
CA THR C 78 13.55 32.42 -18.13
C THR C 78 12.21 32.47 -18.85
N GLU C 79 11.62 33.65 -18.88
CA GLU C 79 10.39 33.87 -19.69
C GLU C 79 10.58 33.52 -21.17
N GLY C 80 11.79 33.75 -21.67
CA GLY C 80 12.21 33.35 -23.00
C GLY C 80 12.52 31.91 -23.26
N ASN C 81 12.32 31.06 -22.26
CA ASN C 81 12.60 29.62 -22.45
C ASN C 81 14.07 29.29 -22.74
N THR C 82 14.94 30.04 -22.09
CA THR C 82 16.36 29.72 -22.02
C THR C 82 16.70 29.26 -20.62
N LEU C 83 17.71 28.40 -20.51
CA LEU C 83 18.22 27.95 -19.21
C LEU C 83 18.92 29.08 -18.48
N GLN C 84 18.70 29.16 -17.18
CA GLN C 84 19.41 30.13 -16.37
C GLN C 84 19.81 29.45 -15.06
N GLU C 85 20.66 30.14 -14.34
CA GLU C 85 21.38 29.60 -13.18
C GLU C 85 21.54 30.65 -12.09
N PHE C 86 21.15 30.30 -10.88
CA PHE C 86 21.46 31.10 -9.71
C PHE C 86 22.53 30.36 -8.96
N ALA C 87 23.63 31.06 -8.62
CA ALA C 87 24.81 30.43 -8.08
C ALA C 87 25.13 30.98 -6.72
N TYR C 88 25.45 30.07 -5.79
CA TYR C 88 25.97 30.42 -4.47
C TYR C 88 27.39 29.82 -4.30
N ASP C 89 28.34 30.66 -3.90
CA ASP C 89 29.63 30.20 -3.42
C ASP C 89 29.91 30.79 -2.05
N SER C 90 30.42 30.00 -1.13
CA SER C 90 30.79 30.50 0.21
CA SER C 90 30.79 30.49 0.18
C SER C 90 31.66 31.74 0.05
N GLY C 91 31.28 32.81 0.73
CA GLY C 91 31.98 34.07 0.73
C GLY C 91 31.46 35.06 -0.28
N THR C 92 31.01 34.54 -1.42
CA THR C 92 30.49 35.37 -2.51
C THR C 92 29.03 35.63 -2.32
N GLY C 93 28.31 34.63 -1.78
CA GLY C 93 26.89 34.68 -1.73
C GLY C 93 26.29 34.31 -3.08
N TRP C 94 25.07 34.82 -3.31
CA TRP C 94 24.26 34.48 -4.50
C TRP C 94 24.54 35.43 -5.60
N TYR C 95 24.62 34.91 -6.80
CA TYR C 95 24.82 35.70 -7.98
C TYR C 95 24.19 35.01 -9.20
N ASN C 96 23.98 35.80 -10.25
CA ASN C 96 23.53 35.29 -11.51
C ASN C 96 24.64 34.51 -12.20
N GLY C 97 24.48 33.19 -12.33
CA GLY C 97 25.51 32.40 -12.96
C GLY C 97 25.65 32.60 -14.46
N GLY C 98 26.76 32.12 -15.00
CA GLY C 98 27.06 32.19 -16.40
C GLY C 98 26.14 31.49 -17.41
N LEU C 99 25.35 30.53 -16.94
CA LEU C 99 24.58 29.72 -17.88
C LEU C 99 23.68 30.57 -18.77
N GLY C 100 23.01 31.54 -18.16
CA GLY C 100 22.05 32.42 -18.87
C GLY C 100 22.64 33.06 -20.10
N GLY C 101 23.90 33.43 -19.98
CA GLY C 101 24.61 34.10 -21.10
C GLY C 101 24.68 33.30 -22.36
N ALA C 102 24.70 31.98 -22.25
CA ALA C 102 24.76 31.08 -23.39
C ALA C 102 23.44 31.04 -24.15
N LYS C 103 22.36 31.49 -23.52
CA LYS C 103 21.04 31.53 -24.18
C LYS C 103 20.65 30.22 -24.84
N PHE C 104 20.79 29.12 -24.10
CA PHE C 104 20.38 27.83 -24.58
C PHE C 104 18.84 27.75 -24.59
N GLN C 105 18.27 27.66 -25.78
CA GLN C 105 16.83 27.62 -25.96
C GLN C 105 16.33 26.21 -25.84
N VAL C 106 15.36 26.02 -24.96
CA VAL C 106 14.74 24.74 -24.73
C VAL C 106 13.20 24.79 -25.01
N ALA C 107 12.59 23.63 -25.09
CA ALA C 107 11.12 23.56 -25.27
C ALA C 107 10.49 24.36 -24.13
N PRO C 108 9.38 25.02 -24.36
CA PRO C 108 8.76 25.70 -23.21
C PRO C 108 8.32 24.80 -22.05
N TYR C 109 8.01 23.56 -22.39
CA TYR C 109 7.58 22.54 -21.44
C TYR C 109 8.73 21.68 -20.92
N SER C 110 9.97 22.09 -21.15
CA SER C 110 11.14 21.31 -20.70
C SER C 110 11.19 21.21 -19.17
N CSK C 111 11.64 20.10 -18.68
CA CSK C 111 12.15 19.98 -17.37
C CSK C 111 13.65 20.12 -17.36
O CSK C 111 14.25 20.46 -18.38
CB CSK C 111 11.75 18.62 -16.84
SG CSK C 111 9.98 18.50 -16.54
SE CSK C 111 9.54 19.67 -14.99
CM CSK C 111 8.62 21.09 -15.95
N ILE C 112 14.28 20.21 -16.18
CA ILE C 112 15.72 20.37 -15.95
C ILE C 112 16.21 19.38 -14.92
N ALA C 113 17.34 18.74 -15.17
CA ALA C 113 18.10 18.05 -14.11
C ALA C 113 19.54 18.57 -14.10
N ALA C 114 20.21 18.52 -12.94
CA ALA C 114 21.57 19.06 -12.81
C ALA C 114 22.37 18.21 -11.82
N VAL C 115 23.63 17.96 -12.18
CA VAL C 115 24.60 17.35 -11.26
C VAL C 115 25.97 18.02 -11.37
N PHE C 116 26.65 18.11 -10.21
CA PHE C 116 28.09 18.25 -10.16
C PHE C 116 28.64 16.87 -10.29
N LEU C 117 29.66 16.69 -11.13
CA LEU C 117 30.22 15.39 -11.31
C LEU C 117 30.94 14.90 -10.02
N ALA C 118 30.72 13.63 -9.65
CA ALA C 118 31.22 13.09 -8.38
C ALA C 118 32.72 12.83 -8.39
N GLY C 119 33.33 12.91 -7.22
CA GLY C 119 34.67 12.36 -7.01
C GLY C 119 35.79 13.26 -7.39
N THR C 120 35.47 14.53 -7.59
CA THR C 120 36.48 15.53 -7.88
C THR C 120 36.17 16.82 -7.16
N ASP C 121 37.24 17.53 -6.83
CA ASP C 121 37.16 18.83 -6.25
C ASP C 121 36.90 19.89 -7.30
N ALA C 122 37.16 19.58 -8.57
CA ALA C 122 36.88 20.55 -9.64
C ALA C 122 35.36 20.76 -9.70
N LEU C 123 34.96 21.96 -10.10
CA LEU C 123 33.56 22.25 -10.32
C LEU C 123 33.20 21.92 -11.78
N GLN C 124 32.66 20.73 -11.99
CA GLN C 124 32.23 20.25 -13.30
C GLN C 124 30.73 19.94 -13.20
N LEU C 125 29.95 20.59 -14.07
CA LEU C 125 28.48 20.48 -14.09
C LEU C 125 27.98 19.85 -15.39
N ARG C 126 26.94 19.03 -15.24
CA ARG C 126 26.15 18.53 -16.33
C ARG C 126 24.67 18.85 -16.04
N ILE C 127 24.08 19.58 -16.98
CA ILE C 127 22.68 19.97 -16.95
C ILE C 127 21.96 19.26 -18.10
N TYR C 128 20.74 18.77 -17.84
CA TYR C 128 19.93 18.06 -18.81
C TYR C 128 18.60 18.77 -18.99
N ALA C 129 18.20 18.98 -20.24
CA ALA C 129 16.92 19.62 -20.55
C ALA C 129 16.46 19.11 -21.92
N GLN C 130 15.28 19.57 -22.37
CA GLN C 130 14.67 19.06 -23.57
C GLN C 130 14.54 20.16 -24.60
N LYS C 131 15.12 19.90 -25.78
CA LYS C 131 15.08 20.89 -26.86
C LYS C 131 13.73 20.93 -27.53
N PRO C 132 13.48 21.95 -28.38
CA PRO C 132 12.19 21.95 -29.06
C PRO C 132 11.87 20.74 -29.94
N ASP C 133 12.90 20.01 -30.38
CA ASP C 133 12.70 18.77 -31.13
C ASP C 133 12.45 17.53 -30.26
N ASN C 134 12.32 17.77 -28.96
CA ASN C 134 12.03 16.79 -27.91
C ASN C 134 13.15 15.88 -27.50
N THR C 135 14.33 16.11 -28.05
CA THR C 135 15.51 15.39 -27.62
C THR C 135 16.04 15.94 -26.29
N ILE C 136 16.65 15.03 -25.54
CA ILE C 136 17.29 15.39 -24.28
C ILE C 136 18.73 15.82 -24.56
N GLN C 137 19.02 17.07 -24.24
CA GLN C 137 20.36 17.63 -24.40
C GLN C 137 21.10 17.84 -23.10
N GLU C 138 22.36 17.43 -23.06
CA GLU C 138 23.28 17.70 -21.98
C GLU C 138 24.05 18.99 -22.26
N TYR C 139 24.20 19.82 -21.22
CA TYR C 139 24.96 21.08 -21.27
C TYR C 139 26.07 20.96 -20.21
N MET C 140 27.30 21.35 -20.58
CA MET C 140 28.47 21.11 -19.74
C MET C 140 29.17 22.38 -19.33
N TRP C 141 29.65 22.38 -18.09
CA TRP C 141 30.65 23.34 -17.62
C TRP C 141 31.85 22.58 -17.12
N ASN C 142 33.02 22.82 -17.74
CA ASN C 142 34.30 22.26 -17.28
C ASN C 142 35.37 23.32 -17.04
N GLY C 143 34.95 24.51 -16.66
CA GLY C 143 35.84 25.58 -16.25
C GLY C 143 36.19 26.55 -17.34
N ASP C 144 35.70 26.32 -18.54
CA ASP C 144 36.02 27.21 -19.66
C ASP C 144 34.79 27.48 -20.51
N GLY C 145 33.73 27.89 -19.83
CA GLY C 145 32.51 28.25 -20.54
C GLY C 145 31.53 27.10 -20.75
N TRP C 146 30.25 27.48 -20.92
CA TRP C 146 29.21 26.50 -21.16
C TRP C 146 29.21 26.02 -22.58
N LYS C 147 29.06 24.71 -22.76
CA LYS C 147 29.05 24.11 -24.08
C LYS C 147 28.02 23.01 -24.09
N GLU C 148 27.50 22.68 -25.27
CA GLU C 148 26.69 21.51 -25.45
C GLU C 148 27.53 20.26 -25.33
N GLY C 149 26.99 19.31 -24.59
CA GLY C 149 27.54 18.01 -24.47
C GLY C 149 26.80 17.00 -25.32
N THR C 150 26.59 15.80 -24.80
CA THR C 150 25.98 14.71 -25.53
C THR C 150 24.46 14.94 -25.64
N ASN C 151 23.92 14.62 -26.79
CA ASN C 151 22.46 14.54 -26.97
C ASN C 151 22.03 13.10 -26.80
N LEU C 152 21.00 12.90 -25.96
CA LEU C 152 20.62 11.58 -25.54
C LEU C 152 19.37 11.08 -26.23
N GLY C 153 18.92 11.78 -27.25
CA GLY C 153 17.85 11.22 -28.06
C GLY C 153 16.45 11.67 -27.62
N GLY C 154 15.43 11.11 -28.26
CA GLY C 154 14.07 11.58 -28.08
C GLY C 154 13.49 11.12 -26.76
N ALA C 155 12.54 11.92 -26.26
CA ALA C 155 11.82 11.64 -25.05
C ALA C 155 10.43 12.23 -25.18
N LEU C 156 9.54 11.79 -24.32
CA LEU C 156 8.16 12.31 -24.29
C LEU C 156 8.20 13.83 -24.08
N PRO C 157 7.39 14.59 -24.85
CA PRO C 157 7.49 16.03 -24.68
C PRO C 157 6.98 16.49 -23.30
N GLY C 158 7.87 17.11 -22.54
CA GLY C 158 7.55 17.50 -21.17
C GLY C 158 7.93 16.47 -20.15
N THR C 159 8.73 15.49 -20.57
CA THR C 159 9.22 14.47 -19.64
C THR C 159 9.87 15.10 -18.41
N GLY C 160 9.66 14.43 -17.28
CA GLY C 160 10.48 14.69 -16.11
C GLY C 160 11.88 14.20 -16.43
N ILE C 161 12.86 14.76 -15.72
CA ILE C 161 14.26 14.26 -15.85
C ILE C 161 14.87 14.16 -14.45
N GLY C 162 15.30 12.95 -14.11
CA GLY C 162 16.07 12.70 -12.91
C GLY C 162 17.52 12.46 -13.28
N ALA C 163 18.46 12.88 -12.43
CA ALA C 163 19.91 12.67 -12.67
C ALA C 163 20.67 12.46 -11.36
N THR C 164 21.70 11.61 -11.42
CA THR C 164 22.67 11.50 -10.32
C THR C 164 24.05 11.24 -10.87
N SER C 165 25.06 11.69 -10.14
CA SER C 165 26.45 11.30 -10.44
C SER C 165 27.07 10.69 -9.20
N PHE C 166 27.82 9.62 -9.41
CA PHE C 166 28.58 8.96 -8.35
C PHE C 166 29.94 8.56 -8.94
N ARG C 167 30.90 8.22 -8.07
CA ARG C 167 32.20 7.73 -8.53
C ARG C 167 32.51 6.44 -7.78
N TYR C 168 32.49 5.33 -8.51
CA TYR C 168 32.92 4.07 -7.93
C TYR C 168 34.35 4.21 -7.39
N THR C 169 34.66 3.54 -6.29
CA THR C 169 35.95 3.77 -5.61
C THR C 169 37.12 3.06 -6.34
N ASP C 170 36.78 2.19 -7.28
CA ASP C 170 37.74 1.54 -8.20
C ASP C 170 37.81 2.20 -9.58
N TYR C 171 37.09 3.30 -9.80
CA TYR C 171 37.14 3.98 -11.08
C TYR C 171 37.96 5.23 -11.01
N ASN C 172 38.43 5.72 -12.15
CA ASN C 172 39.23 6.91 -12.22
C ASN C 172 38.49 8.10 -12.77
N GLY C 173 37.16 8.00 -12.87
CA GLY C 173 36.35 9.14 -13.22
C GLY C 173 34.91 8.89 -12.82
N PRO C 174 34.06 9.89 -13.02
CA PRO C 174 32.66 9.88 -12.62
C PRO C 174 31.74 9.06 -13.52
N SER C 175 30.66 8.60 -12.93
CA SER C 175 29.57 7.96 -13.62
C SER C 175 28.37 8.88 -13.56
N ILE C 176 27.49 8.76 -14.54
CA ILE C 176 26.24 9.55 -14.53
C ILE C 176 25.11 8.59 -14.84
N ARG C 177 23.98 8.75 -14.16
CA ARG C 177 22.75 8.03 -14.53
C ARG C 177 21.66 9.07 -14.68
N ILE C 178 20.85 8.96 -15.73
CA ILE C 178 19.70 9.87 -15.95
C ILE C 178 18.44 9.00 -16.22
N TRP C 179 17.26 9.50 -15.82
CA TRP C 179 16.01 8.81 -16.08
C TRP C 179 15.04 9.82 -16.65
N PHE C 180 14.23 9.33 -17.57
CA PHE C 180 13.20 10.12 -18.25
C PHE C 180 12.14 9.20 -18.81
N GLN C 181 11.15 9.80 -19.47
CA GLN C 181 9.98 9.05 -19.97
C GLN C 181 9.95 9.12 -21.48
N THR C 182 9.70 7.98 -22.10
CA THR C 182 9.63 7.93 -23.54
C THR C 182 8.17 8.01 -24.01
N ASP C 183 8.01 8.17 -25.32
CA ASP C 183 6.67 8.41 -25.89
C ASP C 183 5.65 7.33 -25.52
N ASP C 184 6.11 6.09 -25.32
CA ASP C 184 5.23 5.00 -24.92
C ASP C 184 4.83 5.01 -23.47
N LEU C 185 5.29 6.05 -22.74
CA LEU C 185 4.97 6.31 -21.34
C LEU C 185 5.79 5.49 -20.35
N LYS C 186 6.74 4.66 -20.81
CA LYS C 186 7.66 3.97 -19.93
C LYS C 186 8.65 4.95 -19.34
N LEU C 187 9.22 4.61 -18.19
CA LEU C 187 10.31 5.35 -17.56
C LEU C 187 11.60 4.51 -17.81
N VAL C 188 12.63 5.19 -18.30
CA VAL C 188 13.88 4.55 -18.73
C VAL C 188 15.06 5.23 -18.07
N GLN C 189 16.16 4.47 -18.04
CA GLN C 189 17.43 4.94 -17.58
C GLN C 189 18.35 5.04 -18.77
N ARG C 190 19.19 6.08 -18.80
CA ARG C 190 20.39 6.08 -19.61
C ARG C 190 21.61 6.25 -18.70
N ALA C 191 22.75 5.73 -19.16
CA ALA C 191 23.88 5.57 -18.26
C ALA C 191 25.19 5.95 -18.94
N TYR C 192 26.01 6.68 -18.20
CA TYR C 192 27.36 7.04 -18.60
C TYR C 192 28.36 6.44 -17.63
N ASP C 193 29.34 5.69 -18.16
CA ASP C 193 30.53 5.31 -17.39
C ASP C 193 31.78 5.65 -18.23
N PRO C 194 32.92 5.89 -17.58
CA PRO C 194 34.09 6.40 -18.32
C PRO C 194 34.70 5.43 -19.32
N HIS C 195 34.39 4.14 -19.23
CA HIS C 195 34.92 3.16 -20.21
C HIS C 195 34.04 2.93 -21.37
N LYS C 196 32.76 3.24 -21.19
CA LYS C 196 31.78 3.01 -22.25
C LYS C 196 31.17 4.26 -22.83
N GLY C 197 31.45 5.43 -22.24
CA GLY C 197 30.65 6.58 -22.51
C GLY C 197 29.19 6.34 -22.17
N TRP C 198 28.30 6.93 -22.98
CA TRP C 198 26.89 6.66 -22.85
C TRP C 198 26.56 5.32 -23.43
N TYR C 199 26.04 4.44 -22.59
CA TYR C 199 25.64 3.11 -23.04
C TYR C 199 24.59 3.27 -24.15
N PRO C 200 24.65 2.40 -25.18
CA PRO C 200 23.68 2.53 -26.27
C PRO C 200 22.23 2.22 -25.89
N ASP C 201 21.99 1.45 -24.84
CA ASP C 201 20.64 0.93 -24.56
C ASP C 201 19.94 1.78 -23.49
N LEU C 202 18.63 1.96 -23.66
CA LEU C 202 17.73 2.47 -22.62
C LEU C 202 17.30 1.28 -21.77
N VAL C 203 17.37 1.41 -20.45
CA VAL C 203 16.93 0.39 -19.52
C VAL C 203 15.59 0.82 -18.91
N THR C 204 14.53 0.02 -19.09
CA THR C 204 13.21 0.33 -18.53
C THR C 204 13.21 0.12 -17.04
N ILE C 205 12.78 1.14 -16.29
CA ILE C 205 12.63 1.00 -14.87
C ILE C 205 11.16 0.92 -14.43
N PHE C 206 10.24 1.36 -15.28
CA PHE C 206 8.81 1.28 -14.95
C PHE C 206 8.01 1.22 -16.24
N ASP C 207 7.06 0.30 -16.31
CA ASP C 207 6.42 0.01 -17.58
C ASP C 207 5.52 1.09 -18.10
N ARG C 208 4.80 1.79 -17.22
CA ARG C 208 3.84 2.81 -17.69
C ARG C 208 3.61 3.80 -16.54
N ALA C 209 3.91 5.07 -16.77
CA ALA C 209 3.67 6.10 -15.77
C ALA C 209 2.82 7.18 -16.37
N PRO C 210 2.22 8.04 -15.52
CA PRO C 210 1.42 9.15 -16.03
C PRO C 210 2.25 10.03 -16.96
N PRO C 211 1.62 10.61 -18.00
CA PRO C 211 2.34 11.51 -18.87
C PRO C 211 2.88 12.71 -18.15
N ARG C 212 4.15 13.00 -18.35
CA ARG C 212 4.80 14.14 -17.71
C ARG C 212 4.87 14.03 -16.19
N THR C 213 4.87 12.81 -15.67
CA THR C 213 5.09 12.63 -14.26
C THR C 213 6.45 13.21 -13.83
N ALA C 214 6.50 13.73 -12.62
CA ALA C 214 7.75 14.15 -11.99
C ALA C 214 8.66 12.91 -11.83
N ILE C 215 9.95 13.14 -11.96
CA ILE C 215 10.98 12.12 -11.78
C ILE C 215 12.16 12.75 -11.02
N ALA C 216 12.61 12.07 -9.96
CA ALA C 216 13.72 12.58 -9.19
C ALA C 216 14.55 11.37 -8.74
N ALA C 217 15.89 11.53 -8.63
CA ALA C 217 16.76 10.45 -8.33
C ALA C 217 17.90 10.85 -7.41
N THR C 218 18.44 9.83 -6.73
CA THR C 218 19.58 9.98 -5.87
C THR C 218 20.40 8.66 -5.93
N SER C 219 21.63 8.77 -5.48
CA SER C 219 22.49 7.58 -5.29
C SER C 219 23.32 7.82 -4.03
N PHE C 220 23.79 6.71 -3.46
CA PHE C 220 24.59 6.73 -2.26
C PHE C 220 25.37 5.43 -2.14
N GLY C 221 26.40 5.50 -1.31
CA GLY C 221 27.11 4.29 -0.90
C GLY C 221 28.06 3.68 -1.93
N ALA C 222 28.68 4.53 -2.77
CA ALA C 222 29.56 4.06 -3.83
C ALA C 222 30.73 3.26 -3.24
N GLY C 223 31.01 2.12 -3.86
CA GLY C 223 32.17 1.31 -3.47
C GLY C 223 32.82 0.79 -4.72
N ASN C 224 33.50 -0.35 -4.59
CA ASN C 224 34.15 -0.92 -5.76
C ASN C 224 33.17 -1.57 -6.72
N SER C 225 32.94 -0.87 -7.83
CA SER C 225 31.96 -1.30 -8.82
C SER C 225 30.56 -1.54 -8.22
N SER C 226 30.24 -0.80 -7.15
CA SER C 226 28.99 -0.95 -6.43
C SER C 226 28.36 0.42 -6.12
N ILE C 227 27.02 0.48 -6.20
CA ILE C 227 26.28 1.70 -5.93
C ILE C 227 24.85 1.32 -5.48
N TYR C 228 24.18 2.24 -4.82
CA TYR C 228 22.76 2.13 -4.50
C TYR C 228 22.07 3.37 -5.11
N MET C 229 20.94 3.16 -5.73
CA MET C 229 20.20 4.27 -6.35
C MET C 229 18.73 4.20 -5.99
N ARG C 230 18.09 5.38 -5.94
CA ARG C 230 16.66 5.44 -5.74
C ARG C 230 16.08 6.43 -6.71
N ILE C 231 14.99 6.02 -7.38
CA ILE C 231 14.28 6.90 -8.29
C ILE C 231 12.83 7.01 -7.84
N TYR C 232 12.30 8.21 -7.91
CA TYR C 232 10.95 8.54 -7.45
C TYR C 232 10.16 9.13 -8.60
N PHE C 233 8.88 8.77 -8.67
CA PHE C 233 7.97 9.43 -9.63
C PHE C 233 6.56 9.39 -9.03
N VAL C 234 5.67 10.16 -9.61
CA VAL C 234 4.30 10.20 -9.19
C VAL C 234 3.45 9.29 -10.06
N ASN C 235 2.88 8.28 -9.42
CA ASN C 235 2.14 7.30 -10.16
C ASN C 235 0.68 7.68 -10.35
N SER C 236 -0.05 6.86 -11.09
CA SER C 236 -1.48 7.09 -11.34
C SER C 236 -2.40 7.04 -10.14
N ASP C 237 -1.94 6.39 -9.05
CA ASP C 237 -2.59 6.46 -7.75
C ASP C 237 -2.37 7.70 -6.89
N ASN C 238 -1.75 8.74 -7.47
CA ASN C 238 -1.52 9.98 -6.77
C ASN C 238 -0.67 9.74 -5.51
N THR C 239 0.34 8.87 -5.66
CA THR C 239 1.38 8.71 -4.67
C THR C 239 2.74 8.77 -5.34
N ILE C 240 3.77 9.11 -4.57
CA ILE C 240 5.14 8.88 -4.97
C ILE C 240 5.42 7.39 -4.87
N TRP C 241 6.00 6.86 -5.94
CA TRP C 241 6.57 5.52 -5.95
C TRP C 241 8.06 5.63 -5.99
N GLN C 242 8.72 4.63 -5.40
CA GLN C 242 10.13 4.48 -5.41
C GLN C 242 10.54 3.25 -6.22
N VAL C 243 11.68 3.39 -6.92
CA VAL C 243 12.31 2.29 -7.66
C VAL C 243 13.72 2.11 -7.11
N CSD C 244 14.05 0.87 -6.71
CA CSD C 244 15.32 0.59 -6.01
CB CSD C 244 15.10 -0.16 -4.67
SG CSD C 244 14.09 0.59 -3.56
C CSD C 244 16.33 -0.17 -6.87
O CSD C 244 16.02 -1.23 -7.46
OD1 CSD C 244 12.58 0.32 -3.98
OD2 CSD C 244 14.14 -0.22 -2.31
N TRP C 245 17.49 0.44 -7.03
CA TRP C 245 18.72 -0.29 -7.39
C TRP C 245 19.53 -0.51 -6.13
N ASP C 246 19.78 -1.78 -5.78
CA ASP C 246 20.70 -2.12 -4.70
C ASP C 246 21.78 -3.05 -5.21
N HIS C 247 23.02 -2.78 -4.80
CA HIS C 247 24.14 -3.56 -5.30
C HIS C 247 23.95 -5.01 -4.98
N GLY C 248 24.16 -5.86 -5.98
CA GLY C 248 24.03 -7.32 -5.82
C GLY C 248 22.67 -7.83 -6.24
N LYS C 249 21.70 -6.92 -6.40
CA LYS C 249 20.32 -7.26 -6.76
C LYS C 249 19.79 -6.52 -8.00
N GLY C 250 20.46 -5.43 -8.35
CA GLY C 250 20.02 -4.60 -9.46
C GLY C 250 18.72 -3.91 -9.16
N TYR C 251 17.93 -3.73 -10.23
CA TYR C 251 16.60 -3.12 -10.16
C TYR C 251 15.64 -4.20 -9.73
N HIS C 252 15.44 -4.36 -8.44
CA HIS C 252 14.76 -5.55 -7.89
C HIS C 252 13.46 -5.26 -7.19
N ASP C 253 13.15 -3.99 -6.89
CA ASP C 253 11.92 -3.67 -6.19
C ASP C 253 11.46 -2.28 -6.56
N LYS C 254 10.19 -2.03 -6.20
CA LYS C 254 9.52 -0.76 -6.40
C LYS C 254 8.21 -0.77 -5.63
N GLY C 255 7.74 0.41 -5.29
CA GLY C 255 6.43 0.48 -4.60
C GLY C 255 6.13 1.88 -4.11
N THR C 256 4.93 2.03 -3.56
CA THR C 256 4.43 3.30 -3.10
C THR C 256 5.15 3.75 -1.82
N ILE C 257 5.31 5.06 -1.71
CA ILE C 257 5.94 5.67 -0.55
C ILE C 257 4.95 6.52 0.21
N THR C 258 4.34 7.53 -0.44
CA THR C 258 3.51 8.46 0.31
C THR C 258 2.53 9.17 -0.64
N PRO C 259 1.31 9.52 -0.17
CA PRO C 259 0.37 10.20 -1.06
C PRO C 259 0.83 11.63 -1.37
N VAL C 260 0.46 12.12 -2.56
CA VAL C 260 0.72 13.53 -2.93
C VAL C 260 -0.49 14.11 -3.61
N ILE C 261 -0.47 15.42 -3.82
CA ILE C 261 -1.50 16.06 -4.64
C ILE C 261 -1.34 15.59 -6.08
N GLN C 262 -2.44 15.52 -6.82
CA GLN C 262 -2.39 15.34 -8.26
C GLN C 262 -1.34 16.25 -8.88
N GLY C 263 -0.39 15.68 -9.63
CA GLY C 263 0.64 16.48 -10.32
C GLY C 263 1.70 17.11 -9.43
N SER C 264 1.90 16.61 -8.20
CA SER C 264 2.98 17.14 -7.37
C SER C 264 4.31 16.93 -8.06
N GLU C 265 5.21 17.86 -7.85
CA GLU C 265 6.61 17.65 -8.13
C GLU C 265 7.29 16.96 -6.96
N VAL C 266 8.56 16.61 -7.14
CA VAL C 266 9.27 15.81 -6.14
C VAL C 266 10.75 16.15 -6.17
N ALA C 267 11.36 16.21 -4.98
CA ALA C 267 12.83 16.32 -4.82
C ALA C 267 13.30 15.31 -3.83
N ILE C 268 14.51 14.83 -4.03
CA ILE C 268 15.16 13.83 -3.14
C ILE C 268 16.59 14.31 -2.83
N ILE C 269 16.99 14.12 -1.58
CA ILE C 269 18.40 14.24 -1.14
C ILE C 269 18.74 13.05 -0.27
N SER C 270 20.02 12.71 -0.21
CA SER C 270 20.46 11.58 0.61
C SER C 270 21.86 11.86 1.15
N TRP C 271 22.23 11.08 2.16
CA TRP C 271 23.61 11.08 2.63
C TRP C 271 23.82 9.81 3.38
N GLY C 272 25.09 9.47 3.57
CA GLY C 272 25.44 8.26 4.35
C GLY C 272 25.30 6.99 3.54
N SER C 273 25.30 5.84 4.22
CA SER C 273 25.30 4.56 3.55
C SER C 273 24.89 3.44 4.46
N PHE C 274 24.48 2.35 3.84
CA PHE C 274 24.11 1.15 4.63
C PHE C 274 25.26 0.67 5.49
N ALA C 275 26.47 0.80 4.99
CA ALA C 275 27.64 0.35 5.78
C ALA C 275 27.86 1.15 7.07
N ASN C 276 27.48 2.41 7.07
CA ASN C 276 27.79 3.35 8.12
C ASN C 276 26.49 3.86 8.77
N ASN C 277 25.60 2.93 9.07
CA ASN C 277 24.37 3.20 9.87
C ASN C 277 23.44 4.20 9.20
N GLY C 278 23.35 4.08 7.88
CA GLY C 278 22.52 5.01 7.07
C GLY C 278 21.90 4.13 6.00
N PRO C 279 21.54 4.71 4.86
CA PRO C 279 21.58 6.13 4.54
C PRO C 279 20.48 6.93 5.24
N ASP C 280 20.50 8.24 5.04
CA ASP C 280 19.39 9.11 5.31
C ASP C 280 18.83 9.57 3.97
N LEU C 281 17.50 9.53 3.84
CA LEU C 281 16.80 10.07 2.66
C LEU C 281 15.80 11.12 3.12
N ARG C 282 15.63 12.14 2.30
CA ARG C 282 14.59 13.12 2.53
C ARG C 282 13.94 13.41 1.18
N LEU C 283 12.62 13.24 1.15
CA LEU C 283 11.80 13.64 -0.02
C LEU C 283 10.99 14.85 0.28
N TYR C 284 10.81 15.71 -0.73
CA TYR C 284 10.01 16.92 -0.64
C TYR C 284 8.97 16.90 -1.77
N PHE C 285 7.76 17.34 -1.45
CA PHE C 285 6.64 17.16 -2.41
C PHE C 285 5.49 18.01 -1.82
N GLN C 286 4.35 17.99 -2.47
CA GLN C 286 3.12 18.61 -1.92
C GLN C 286 2.13 17.50 -1.75
N ASN C 287 1.52 17.44 -0.55
CA ASN C 287 0.49 16.45 -0.28
C ASN C 287 -0.81 17.06 0.23
N GLY C 288 -0.96 18.36 0.09
CA GLY C 288 -2.14 19.07 0.58
C GLY C 288 -2.10 19.66 1.93
N THR C 289 -0.94 19.56 2.62
CA THR C 289 -0.83 20.18 3.92
C THR C 289 -0.94 21.70 3.80
N TYR C 290 -1.89 22.29 4.56
CA TYR C 290 -2.17 23.70 4.43
C TYR C 290 -2.48 24.08 2.97
N ILE C 291 -3.06 23.13 2.26
CA ILE C 291 -3.40 23.20 0.83
C ILE C 291 -2.16 23.17 -0.09
N SER C 292 -1.28 24.15 0.07
CA SER C 292 -0.15 24.35 -0.83
C SER C 292 1.22 24.30 -0.18
N ALA C 293 1.34 23.95 1.09
CA ALA C 293 2.67 23.80 1.66
C ALA C 293 3.44 22.65 1.03
N VAL C 294 4.76 22.73 1.15
CA VAL C 294 5.67 21.66 0.84
C VAL C 294 5.87 20.78 2.09
N SER C 295 5.79 19.48 1.94
CA SER C 295 5.98 18.52 3.05
C SER C 295 7.21 17.65 2.79
N GLU C 296 7.64 16.96 3.86
CA GLU C 296 8.86 16.15 3.87
C GLU C 296 8.54 14.73 4.29
N TRP C 297 9.26 13.78 3.70
CA TRP C 297 9.25 12.38 4.10
C TRP C 297 10.67 11.99 4.41
N VAL C 298 10.81 11.16 5.45
CA VAL C 298 12.12 10.77 6.00
C VAL C 298 12.29 9.27 5.93
N TRP C 299 13.49 8.87 5.50
CA TRP C 299 13.92 7.49 5.76
C TRP C 299 15.23 7.55 6.49
N ASN C 300 15.32 6.75 7.58
CA ASN C 300 16.57 6.56 8.29
C ASN C 300 16.58 5.17 8.95
N ARG C 301 17.73 4.82 9.54
CA ARG C 301 17.89 3.48 10.10
C ARG C 301 17.12 3.35 11.40
N ALA C 302 17.15 4.42 12.18
CA ALA C 302 16.45 4.50 13.47
C ALA C 302 14.96 4.13 13.40
N HIS C 303 14.21 4.73 12.46
CA HIS C 303 12.75 4.57 12.39
C HIS C 303 12.18 4.21 11.02
N GLY C 304 13.04 4.05 10.00
CA GLY C 304 12.57 3.67 8.67
C GLY C 304 11.74 4.81 8.10
N SER C 305 10.66 4.45 7.43
CA SER C 305 9.82 5.40 6.68
C SER C 305 8.94 6.21 7.65
N GLN C 306 8.99 7.55 7.59
CA GLN C 306 8.17 8.39 8.45
C GLN C 306 7.90 9.70 7.74
N LEU C 307 6.76 10.30 7.97
CA LEU C 307 6.63 11.72 7.55
C LEU C 307 7.48 12.58 8.44
N GLY C 308 8.12 13.57 7.83
CA GLY C 308 8.97 14.53 8.51
C GLY C 308 8.20 15.81 8.72
N ARG C 309 8.86 16.93 8.43
CA ARG C 309 8.26 18.23 8.59
C ARG C 309 6.95 18.30 7.84
N SER C 310 5.87 18.66 8.52
CA SER C 310 4.57 18.61 7.93
C SER C 310 4.39 19.74 6.92
N ALA C 311 4.92 20.91 7.24
CA ALA C 311 4.83 22.07 6.35
C ALA C 311 6.11 22.87 6.44
N LEU C 312 6.90 22.86 5.36
CA LEU C 312 8.12 23.64 5.39
C LEU C 312 7.86 25.12 5.51
N PRO C 313 8.85 25.85 6.03
CA PRO C 313 8.83 27.30 5.92
C PRO C 313 8.59 27.71 4.45
N PRO C 314 7.79 28.74 4.17
CA PRO C 314 7.24 29.76 5.04
C PRO C 314 5.89 29.42 5.62
N ALA C 315 5.44 28.17 5.52
CA ALA C 315 4.09 27.78 5.99
C ALA C 315 3.86 27.97 7.48
N SER D 2 3.17 12.77 -29.47
CA SER D 2 2.47 14.09 -29.41
C SER D 2 2.39 14.61 -30.84
N THR D 3 1.91 15.83 -31.01
CA THR D 3 1.94 16.48 -32.31
C THR D 3 2.45 17.85 -32.05
N PRO D 4 3.00 18.52 -33.07
CA PRO D 4 3.46 19.88 -32.83
C PRO D 4 2.37 20.80 -32.33
N GLY D 5 1.19 20.69 -32.93
CA GLY D 5 0.06 21.40 -32.46
C GLY D 5 -0.25 21.18 -30.99
N ALA D 6 -0.32 19.92 -30.61
CA ALA D 6 -0.69 19.60 -29.23
C ALA D 6 0.31 20.20 -28.26
N GLN D 7 1.57 20.21 -28.66
CA GLN D 7 2.67 20.74 -27.83
C GLN D 7 2.53 22.27 -27.56
N GLN D 8 1.71 22.98 -28.34
CA GLN D 8 1.45 24.37 -28.12
C GLN D 8 0.49 24.64 -26.97
N VAL D 9 -0.29 23.63 -26.58
CA VAL D 9 -1.28 23.74 -25.53
C VAL D 9 -0.66 23.58 -24.16
N LEU D 10 -0.92 24.53 -23.24
CA LEU D 10 -0.36 24.41 -21.91
C LEU D 10 -0.93 23.21 -21.18
N PHE D 11 -0.03 22.45 -20.58
CA PHE D 11 -0.46 21.32 -19.72
C PHE D 11 -1.13 21.84 -18.48
N ARG D 12 -2.35 21.39 -18.25
CA ARG D 12 -3.25 21.93 -17.22
C ARG D 12 -3.70 23.35 -17.51
N THR D 13 -3.80 23.70 -18.78
CA THR D 13 -4.45 24.94 -19.14
C THR D 13 -5.84 25.10 -18.52
N GLY D 14 -6.13 26.33 -18.15
CA GLY D 14 -7.52 26.74 -17.96
C GLY D 14 -8.28 26.47 -19.28
N ILE D 15 -9.55 26.13 -19.14
CA ILE D 15 -10.43 25.85 -20.28
C ILE D 15 -11.81 26.46 -20.05
N ALA D 16 -12.31 27.12 -21.08
CA ALA D 16 -13.66 27.63 -21.05
C ALA D 16 -14.34 27.36 -22.41
N ALA D 17 -15.66 27.33 -22.42
CA ALA D 17 -16.40 27.10 -23.64
C ALA D 17 -17.69 27.92 -23.63
N VAL D 18 -18.10 28.34 -24.84
CA VAL D 18 -19.39 28.97 -25.07
C VAL D 18 -20.03 28.39 -26.34
N ASN D 19 -21.32 28.66 -26.54
CA ASN D 19 -22.03 28.11 -27.67
C ASN D 19 -23.34 28.82 -27.96
N SER D 20 -23.77 28.64 -29.20
CA SER D 20 -25.17 28.85 -29.58
C SER D 20 -25.59 27.56 -30.24
N THR D 21 -26.49 26.85 -29.56
CA THR D 21 -26.75 25.44 -29.80
C THR D 21 -25.43 24.70 -30.17
N ASN D 22 -25.33 24.11 -31.36
CA ASN D 22 -24.19 23.29 -31.71
C ASN D 22 -23.06 24.03 -32.39
N HIS D 23 -23.09 25.37 -32.32
CA HIS D 23 -22.01 26.24 -32.76
C HIS D 23 -21.21 26.62 -31.55
N LEU D 24 -19.95 26.18 -31.52
CA LEU D 24 -19.17 26.16 -30.30
C LEU D 24 -17.88 26.97 -30.42
N ARG D 25 -17.44 27.50 -29.28
CA ARG D 25 -16.10 28.06 -29.14
C ARG D 25 -15.48 27.51 -27.86
N VAL D 26 -14.18 27.21 -27.90
CA VAL D 26 -13.41 26.73 -26.76
C VAL D 26 -12.17 27.60 -26.62
N TYR D 27 -11.93 28.06 -25.41
CA TYR D 27 -10.79 28.91 -25.01
C TYR D 27 -9.80 28.16 -24.13
N PHE D 28 -8.52 28.42 -24.36
CA PHE D 28 -7.46 27.76 -23.62
C PHE D 28 -6.22 28.61 -23.69
N GLN D 29 -5.20 28.23 -22.92
CA GLN D 29 -3.94 28.99 -22.93
C GLN D 29 -2.83 28.18 -23.55
N ASP D 30 -2.04 28.86 -24.40
CA ASP D 30 -0.84 28.22 -24.99
C ASP D 30 0.37 28.34 -24.06
N VAL D 31 1.46 27.67 -24.43
CA VAL D 31 2.59 27.54 -23.55
C VAL D 31 3.29 28.88 -23.36
N TYR D 32 2.96 29.87 -24.20
CA TYR D 32 3.52 31.23 -24.09
C TYR D 32 2.66 32.20 -23.29
N GLY D 33 1.49 31.74 -22.89
CA GLY D 33 0.57 32.54 -22.12
C GLY D 33 -0.53 33.20 -22.91
N SER D 34 -0.56 33.04 -24.23
CA SER D 34 -1.64 33.63 -25.02
C SER D 34 -2.90 32.82 -24.85
N ILE D 35 -4.04 33.49 -24.88
CA ILE D 35 -5.33 32.85 -24.89
C ILE D 35 -5.83 32.73 -26.34
N ARG D 36 -6.16 31.52 -26.71
CA ARG D 36 -6.56 31.14 -28.07
C ARG D 36 -7.96 30.58 -28.09
N GLU D 37 -8.58 30.72 -29.27
CA GLU D 37 -9.93 30.25 -29.52
C GLU D 37 -9.94 29.17 -30.60
N SER D 38 -10.50 28.01 -30.26
CA SER D 38 -10.86 26.99 -31.23
C SER D 38 -12.34 27.08 -31.48
N LEU D 39 -12.76 26.60 -32.64
CA LEU D 39 -14.10 26.84 -33.10
C LEU D 39 -14.70 25.59 -33.73
N TYR D 40 -16.00 25.40 -33.52
CA TYR D 40 -16.74 24.30 -34.19
C TYR D 40 -17.98 24.88 -34.86
N GLU D 41 -17.95 24.87 -36.20
CA GLU D 41 -19.08 25.27 -37.04
C GLU D 41 -19.29 24.16 -38.07
N GLY D 42 -19.61 22.97 -37.56
CA GLY D 42 -19.75 21.78 -38.38
C GLY D 42 -18.50 20.99 -38.48
N SER D 43 -17.36 21.65 -38.22
CA SER D 43 -16.08 21.00 -38.10
C SER D 43 -15.20 21.81 -37.14
N TRP D 44 -14.15 21.17 -36.63
CA TRP D 44 -13.20 21.82 -35.73
C TRP D 44 -12.18 22.63 -36.47
N ALA D 45 -11.93 23.84 -35.98
CA ALA D 45 -11.03 24.78 -36.61
C ALA D 45 -10.25 25.64 -35.59
N ASN D 46 -9.20 26.33 -36.10
CA ASN D 46 -8.53 27.43 -35.43
C ASN D 46 -7.62 26.95 -34.29
N GLY D 47 -7.57 27.70 -33.18
CA GLY D 47 -6.72 27.32 -32.06
C GLY D 47 -5.25 27.52 -32.35
N THR D 48 -4.96 28.27 -33.41
CA THR D 48 -3.57 28.50 -33.83
C THR D 48 -3.05 29.81 -33.24
N GLU D 49 -1.80 30.14 -33.53
CA GLU D 49 -1.26 31.41 -33.09
C GLU D 49 -1.88 32.61 -33.76
N LYS D 50 -2.60 32.38 -34.86
CA LYS D 50 -3.40 33.42 -35.48
C LYS D 50 -4.79 33.57 -34.86
N ASN D 51 -5.12 32.72 -33.88
CA ASN D 51 -6.43 32.80 -33.23
C ASN D 51 -6.29 33.18 -31.75
N VAL D 52 -5.35 34.07 -31.48
CA VAL D 52 -5.09 34.64 -30.16
C VAL D 52 -6.00 35.83 -29.92
N ILE D 53 -6.71 35.78 -28.79
CA ILE D 53 -7.63 36.89 -28.38
C ILE D 53 -7.07 37.79 -27.26
N GLY D 54 -5.89 37.45 -26.75
CA GLY D 54 -5.21 38.25 -25.73
C GLY D 54 -4.22 37.40 -24.95
N ASN D 55 -3.67 37.99 -23.90
CA ASN D 55 -2.64 37.33 -23.08
C ASN D 55 -2.97 37.43 -21.61
N ALA D 56 -2.52 36.43 -20.85
CA ALA D 56 -2.77 36.38 -19.42
C ALA D 56 -1.57 35.76 -18.75
N LYS D 57 -1.50 35.91 -17.44
CA LYS D 57 -0.40 35.31 -16.68
C LYS D 57 -0.39 33.81 -16.98
N LEU D 58 0.80 33.23 -17.06
CA LEU D 58 0.90 31.79 -17.26
C LEU D 58 0.24 31.07 -16.11
N GLY D 59 -0.63 30.12 -16.48
CA GLY D 59 -1.38 29.37 -15.53
C GLY D 59 -2.69 30.01 -15.09
N SER D 60 -3.07 31.09 -15.76
CA SER D 60 -4.27 31.80 -15.41
C SER D 60 -5.52 30.94 -15.46
N PRO D 61 -6.51 31.25 -14.61
CA PRO D 61 -7.83 30.68 -14.89
C PRO D 61 -8.34 31.22 -16.21
N VAL D 62 -9.25 30.48 -16.82
CA VAL D 62 -9.89 30.92 -18.04
C VAL D 62 -11.36 30.63 -17.88
N ALA D 63 -12.20 31.67 -17.96
CA ALA D 63 -13.68 31.54 -17.86
C ALA D 63 -14.31 32.26 -19.02
N ALA D 64 -15.52 31.85 -19.37
CA ALA D 64 -16.19 32.49 -20.52
C ALA D 64 -17.67 32.35 -20.39
N THR D 65 -18.38 33.34 -20.92
CA THR D 65 -19.85 33.26 -20.93
C THR D 65 -20.32 34.00 -22.17
N SER D 66 -21.53 33.73 -22.63
CA SER D 66 -22.02 34.36 -23.84
C SER D 66 -23.53 34.54 -23.82
N LYS D 67 -24.00 35.41 -24.70
CA LYS D 67 -25.37 35.42 -25.17
C LYS D 67 -25.33 34.84 -26.55
N GLU D 68 -25.72 33.56 -26.73
CA GLU D 68 -25.52 32.86 -28.03
C GLU D 68 -24.07 33.10 -28.53
N LEU D 69 -23.84 33.44 -29.80
CA LEU D 69 -22.48 33.85 -30.24
C LEU D 69 -22.50 35.30 -30.67
N LYS D 70 -23.51 36.01 -30.18
CA LYS D 70 -23.63 37.47 -30.44
C LYS D 70 -22.70 38.28 -29.53
N HIS D 71 -22.57 37.86 -28.27
CA HIS D 71 -21.74 38.53 -27.28
C HIS D 71 -21.00 37.43 -26.54
N ILE D 72 -19.66 37.51 -26.55
CA ILE D 72 -18.81 36.53 -25.83
C ILE D 72 -17.90 37.30 -24.91
N ARG D 73 -17.74 36.85 -23.68
CA ARG D 73 -16.80 37.52 -22.75
C ARG D 73 -15.89 36.44 -22.16
N VAL D 74 -14.57 36.67 -22.21
CA VAL D 74 -13.55 35.72 -21.72
C VAL D 74 -12.73 36.37 -20.62
N TYR D 75 -12.63 35.72 -19.47
CA TYR D 75 -12.08 36.27 -18.25
C TYR D 75 -10.82 35.52 -17.85
N THR D 76 -9.78 36.28 -17.54
CA THR D 76 -8.50 35.72 -17.07
C THR D 76 -7.84 36.72 -16.09
N LEU D 77 -6.68 36.35 -15.60
CA LEU D 77 -5.85 37.20 -14.69
C LEU D 77 -4.65 37.82 -15.44
N THR D 78 -4.39 39.09 -15.16
CA THR D 78 -3.21 39.75 -15.58
C THR D 78 -2.02 39.29 -14.73
N GLU D 79 -0.83 39.65 -15.18
CA GLU D 79 0.36 39.44 -14.37
C GLU D 79 0.29 40.06 -12.96
N GLY D 80 -0.43 41.17 -12.83
CA GLY D 80 -0.72 41.78 -11.55
C GLY D 80 -1.86 41.21 -10.73
N ASN D 81 -2.38 40.05 -11.15
CA ASN D 81 -3.47 39.40 -10.42
C ASN D 81 -4.70 40.27 -10.32
N THR D 82 -4.96 41.00 -11.38
CA THR D 82 -6.22 41.65 -11.54
C THR D 82 -7.06 40.96 -12.62
N LEU D 83 -8.36 41.08 -12.47
CA LEU D 83 -9.32 40.47 -13.40
C LEU D 83 -9.29 41.24 -14.70
N GLN D 84 -9.36 40.55 -15.82
CA GLN D 84 -9.47 41.22 -17.11
C GLN D 84 -10.40 40.42 -18.02
N GLU D 85 -10.78 41.04 -19.12
CA GLU D 85 -11.90 40.62 -19.97
C GLU D 85 -11.58 40.88 -21.43
N PHE D 86 -11.70 39.85 -22.27
CA PHE D 86 -11.62 39.98 -23.69
C PHE D 86 -13.06 39.86 -24.17
N ALA D 87 -13.47 40.78 -25.06
CA ALA D 87 -14.88 40.90 -25.44
C ALA D 87 -15.09 40.80 -26.91
N TYR D 88 -16.08 39.98 -27.32
CA TYR D 88 -16.49 39.87 -28.70
C TYR D 88 -17.94 40.31 -28.82
N ASP D 89 -18.24 41.28 -29.70
CA ASP D 89 -19.62 41.59 -30.09
C ASP D 89 -19.75 41.45 -31.60
N SER D 90 -20.85 40.83 -32.05
N SER D 90 -20.83 40.82 -32.05
CA SER D 90 -21.12 40.73 -33.49
CA SER D 90 -21.06 40.67 -33.49
C SER D 90 -21.10 42.10 -34.10
C SER D 90 -21.14 42.05 -34.11
N GLY D 91 -20.49 42.21 -35.26
CA GLY D 91 -20.41 43.52 -35.94
C GLY D 91 -19.33 44.47 -35.41
N THR D 92 -18.62 44.07 -34.35
CA THR D 92 -17.40 44.76 -33.90
C THR D 92 -16.17 43.88 -33.99
N GLY D 93 -16.29 42.66 -33.46
CA GLY D 93 -15.16 41.77 -33.35
C GLY D 93 -14.68 41.79 -31.90
N TRP D 94 -13.40 41.45 -31.73
CA TRP D 94 -12.77 41.40 -30.43
C TRP D 94 -12.18 42.74 -30.01
N TYR D 95 -12.28 43.03 -28.72
CA TYR D 95 -11.69 44.18 -28.09
C TYR D 95 -11.42 43.90 -26.61
N ASN D 96 -10.63 44.76 -25.99
CA ASN D 96 -10.37 44.69 -24.58
C ASN D 96 -11.56 45.23 -23.81
N GLY D 97 -12.19 44.38 -23.01
CA GLY D 97 -13.35 44.78 -22.27
C GLY D 97 -13.03 45.70 -21.07
N GLY D 98 -14.06 46.34 -20.52
CA GLY D 98 -13.92 47.23 -19.42
C GLY D 98 -13.44 46.71 -18.08
N LEU D 99 -13.53 45.39 -17.84
CA LEU D 99 -13.22 44.87 -16.55
C LEU D 99 -11.80 45.22 -16.04
N GLY D 100 -10.82 45.09 -16.92
CA GLY D 100 -9.41 45.26 -16.58
C GLY D 100 -9.17 46.60 -15.95
N GLY D 101 -9.86 47.59 -16.47
CA GLY D 101 -9.68 48.97 -15.98
C GLY D 101 -10.13 49.18 -14.56
N ALA D 102 -11.04 48.35 -14.04
CA ALA D 102 -11.48 48.44 -12.65
C ALA D 102 -10.36 48.04 -11.67
N LYS D 103 -9.37 47.31 -12.17
CA LYS D 103 -8.25 46.75 -11.39
C LYS D 103 -8.68 46.03 -10.14
N PHE D 104 -9.62 45.10 -10.31
CA PHE D 104 -10.03 44.31 -9.20
C PHE D 104 -8.92 43.31 -8.90
N GLN D 105 -8.28 43.47 -7.76
CA GLN D 105 -7.20 42.59 -7.37
C GLN D 105 -7.74 41.38 -6.65
N VAL D 106 -7.29 40.18 -7.05
CA VAL D 106 -7.75 38.94 -6.46
C VAL D 106 -6.52 38.17 -5.96
N ALA D 107 -6.75 37.10 -5.21
CA ALA D 107 -5.62 36.23 -4.78
C ALA D 107 -4.88 35.73 -6.01
N PRO D 108 -3.56 35.62 -5.94
CA PRO D 108 -2.86 35.09 -7.11
C PRO D 108 -3.40 33.70 -7.60
N TYR D 109 -3.89 32.88 -6.66
CA TYR D 109 -4.41 31.56 -6.95
C TYR D 109 -5.90 31.49 -7.20
N SER D 110 -6.52 32.67 -7.36
CA SER D 110 -7.96 32.73 -7.60
C SER D 110 -8.34 32.00 -8.91
N CSK D 111 -9.45 31.33 -8.88
CA CSK D 111 -10.18 30.96 -10.08
C CSK D 111 -11.22 32.04 -10.39
O CSK D 111 -11.26 33.11 -9.72
CB CSK D 111 -10.83 29.61 -9.83
SG CSK D 111 -9.60 28.28 -9.67
SE CSK D 111 -8.88 27.96 -11.47
CM CSK D 111 -7.13 28.72 -11.19
N ILE D 112 -11.81 31.83 -11.57
CA ILE D 112 -12.88 32.79 -12.06
C ILE D 112 -14.09 32.00 -12.58
N ALA D 113 -15.31 32.51 -12.31
CA ALA D 113 -16.52 32.00 -12.97
C ALA D 113 -17.28 33.23 -13.48
N ALA D 114 -18.02 33.08 -14.57
CA ALA D 114 -18.73 34.20 -15.18
C ALA D 114 -20.07 33.74 -15.73
N VAL D 115 -21.07 34.60 -15.57
CA VAL D 115 -22.40 34.41 -16.20
C VAL D 115 -22.97 35.72 -16.75
N PHE D 116 -23.62 35.63 -17.89
CA PHE D 116 -24.60 36.66 -18.26
C PHE D 116 -25.86 36.26 -17.52
N LEU D 117 -26.57 37.22 -16.95
CA LEU D 117 -27.84 36.91 -16.34
C LEU D 117 -28.87 36.49 -17.37
N ALA D 118 -29.53 35.37 -17.08
CA ALA D 118 -30.51 34.81 -17.97
C ALA D 118 -31.81 35.59 -18.12
N GLY D 119 -32.38 35.48 -19.31
CA GLY D 119 -33.80 35.84 -19.54
C GLY D 119 -34.07 37.31 -19.70
N THR D 120 -33.01 38.06 -19.97
CA THR D 120 -33.17 39.46 -20.34
C THR D 120 -32.34 39.73 -21.57
N ASP D 121 -32.77 40.71 -22.37
CA ASP D 121 -32.01 41.11 -23.53
C ASP D 121 -30.84 41.99 -23.09
N ALA D 122 -30.96 42.63 -21.92
CA ALA D 122 -29.92 43.55 -21.40
C ALA D 122 -28.65 42.73 -21.13
N LEU D 123 -27.50 43.35 -21.30
CA LEU D 123 -26.25 42.64 -21.06
C LEU D 123 -25.90 42.90 -19.60
N GLN D 124 -26.15 41.91 -18.74
CA GLN D 124 -25.81 42.02 -17.35
C GLN D 124 -24.90 40.86 -16.99
N LEU D 125 -23.77 41.16 -16.39
CA LEU D 125 -22.76 40.17 -16.07
C LEU D 125 -22.52 40.04 -14.58
N ARG D 126 -22.26 38.80 -14.13
CA ARG D 126 -21.81 38.54 -12.81
C ARG D 126 -20.55 37.67 -12.88
N ILE D 127 -19.46 38.16 -12.33
CA ILE D 127 -18.14 37.47 -12.32
C ILE D 127 -17.86 37.12 -10.85
N TYR D 128 -17.27 35.95 -10.61
CA TYR D 128 -16.94 35.44 -9.31
C TYR D 128 -15.47 35.09 -9.23
N ALA D 129 -14.79 35.61 -8.21
CA ALA D 129 -13.39 35.29 -7.98
C ALA D 129 -13.10 35.31 -6.51
N GLN D 130 -11.87 35.00 -6.14
CA GLN D 130 -11.46 34.88 -4.76
C GLN D 130 -10.50 35.98 -4.39
N LYS D 131 -10.87 36.75 -3.36
CA LYS D 131 -10.04 37.84 -2.90
C LYS D 131 -8.88 37.30 -2.07
N PRO D 132 -7.88 38.18 -1.77
CA PRO D 132 -6.77 37.75 -0.96
C PRO D 132 -7.13 37.22 0.42
N ASP D 133 -8.30 37.59 0.96
CA ASP D 133 -8.78 37.09 2.24
C ASP D 133 -9.50 35.74 2.12
N ASN D 134 -9.48 35.18 0.91
CA ASN D 134 -10.06 33.86 0.56
C ASN D 134 -11.58 33.84 0.46
N THR D 135 -12.18 35.00 0.55
CA THR D 135 -13.60 35.11 0.27
C THR D 135 -13.92 35.16 -1.21
N ILE D 136 -15.12 34.66 -1.57
CA ILE D 136 -15.63 34.70 -2.95
C ILE D 136 -16.40 35.97 -3.15
N GLN D 137 -15.91 36.80 -4.04
CA GLN D 137 -16.52 38.09 -4.34
C GLN D 137 -17.17 38.06 -5.69
N GLU D 138 -18.37 38.61 -5.77
CA GLU D 138 -19.08 38.86 -7.01
C GLU D 138 -18.75 40.27 -7.50
N TYR D 139 -18.55 40.40 -8.81
CA TYR D 139 -18.33 41.69 -9.51
C TYR D 139 -19.46 41.82 -10.54
N MET D 140 -20.03 43.03 -10.73
CA MET D 140 -21.22 43.21 -11.53
C MET D 140 -21.04 44.25 -12.62
N TRP D 141 -21.64 43.96 -13.76
CA TRP D 141 -21.90 44.93 -14.82
C TRP D 141 -23.35 44.95 -15.11
N ASN D 142 -23.99 46.12 -14.91
CA ASN D 142 -25.40 46.32 -15.22
C ASN D 142 -25.60 47.46 -16.20
N GLY D 143 -24.59 47.65 -17.02
CA GLY D 143 -24.64 48.57 -18.14
C GLY D 143 -24.10 49.93 -17.85
N ASP D 144 -23.68 50.19 -16.64
N ASP D 144 -23.72 50.21 -16.61
CA ASP D 144 -23.19 51.52 -16.26
CA ASP D 144 -23.21 51.53 -16.27
C ASP D 144 -21.93 51.49 -15.44
C ASP D 144 -21.94 51.48 -15.44
N GLY D 145 -20.99 50.63 -15.84
CA GLY D 145 -19.70 50.52 -15.14
C GLY D 145 -19.59 49.31 -14.23
N TRP D 146 -18.36 48.87 -13.99
CA TRP D 146 -18.09 47.76 -13.10
C TRP D 146 -18.10 48.16 -11.65
N LYS D 147 -18.68 47.32 -10.78
CA LYS D 147 -18.67 47.54 -9.36
C LYS D 147 -18.77 46.20 -8.66
N GLU D 148 -18.30 46.13 -7.44
CA GLU D 148 -18.49 44.94 -6.63
C GLU D 148 -19.96 44.72 -6.28
N GLY D 149 -20.34 43.44 -6.29
CA GLY D 149 -21.62 42.97 -5.85
C GLY D 149 -21.47 42.33 -4.50
N THR D 150 -22.15 41.21 -4.30
CA THR D 150 -22.23 40.54 -3.02
C THR D 150 -21.01 39.71 -2.75
N ASN D 151 -20.54 39.73 -1.52
CA ASN D 151 -19.48 38.85 -1.06
C ASN D 151 -20.13 37.62 -0.48
N LEU D 152 -19.69 36.48 -0.96
CA LEU D 152 -20.33 35.21 -0.63
C LEU D 152 -19.59 34.35 0.37
N GLY D 153 -18.58 34.91 1.03
CA GLY D 153 -18.00 34.25 2.16
C GLY D 153 -16.76 33.43 1.87
N GLY D 154 -16.25 32.77 2.90
CA GLY D 154 -14.98 32.09 2.79
C GLY D 154 -15.05 30.81 1.94
N ALA D 155 -13.92 30.49 1.32
CA ALA D 155 -13.71 29.26 0.54
C ALA D 155 -12.27 28.78 0.72
N LEU D 156 -12.02 27.54 0.29
CA LEU D 156 -10.68 27.00 0.27
C LEU D 156 -9.79 27.89 -0.60
N PRO D 157 -8.56 28.25 -0.13
CA PRO D 157 -7.74 29.11 -1.00
C PRO D 157 -7.42 28.34 -2.29
N GLY D 158 -7.77 28.95 -3.44
CA GLY D 158 -7.53 28.35 -4.74
C GLY D 158 -8.70 27.47 -5.19
N THR D 159 -9.83 27.59 -4.50
CA THR D 159 -11.01 26.81 -4.90
C THR D 159 -11.34 26.99 -6.37
N GLY D 160 -11.82 25.92 -7.02
CA GLY D 160 -12.50 26.08 -8.28
C GLY D 160 -13.82 26.80 -8.05
N ILE D 161 -14.35 27.42 -9.10
CA ILE D 161 -15.63 28.08 -9.02
C ILE D 161 -16.46 27.80 -10.27
N GLY D 162 -17.65 27.21 -10.06
CA GLY D 162 -18.62 27.02 -11.12
C GLY D 162 -19.82 27.91 -10.94
N ALA D 163 -20.41 28.36 -12.06
CA ALA D 163 -21.51 29.24 -12.02
C ALA D 163 -22.45 28.98 -13.19
N THR D 164 -23.73 29.21 -12.92
CA THR D 164 -24.77 29.22 -13.97
C THR D 164 -25.89 30.20 -13.59
N SER D 165 -26.52 30.80 -14.62
CA SER D 165 -27.70 31.62 -14.46
C SER D 165 -28.79 31.08 -15.37
N PHE D 166 -30.00 30.99 -14.81
CA PHE D 166 -31.18 30.54 -15.57
C PHE D 166 -32.34 31.41 -15.09
N ARG D 167 -33.43 31.41 -15.83
CA ARG D 167 -34.62 32.11 -15.38
C ARG D 167 -35.82 31.23 -15.46
N TYR D 168 -36.45 30.99 -14.33
CA TYR D 168 -37.64 30.17 -14.32
C TYR D 168 -38.71 30.90 -15.17
N THR D 169 -39.51 30.13 -15.88
CA THR D 169 -40.48 30.73 -16.78
C THR D 169 -41.64 31.43 -16.03
N ASP D 170 -41.80 31.14 -14.74
CA ASP D 170 -42.78 31.81 -13.91
C ASP D 170 -42.20 32.92 -13.02
N TYR D 171 -40.90 33.21 -13.14
CA TYR D 171 -40.26 34.26 -12.40
C TYR D 171 -40.08 35.48 -13.26
N ASN D 172 -39.88 36.63 -12.65
CA ASN D 172 -39.63 37.87 -13.43
C ASN D 172 -38.23 38.43 -13.27
N GLY D 173 -37.32 37.57 -12.86
CA GLY D 173 -35.94 37.95 -12.65
C GLY D 173 -35.11 36.69 -12.65
N PRO D 174 -33.78 36.86 -12.76
CA PRO D 174 -32.88 35.73 -12.96
C PRO D 174 -32.50 35.07 -11.65
N SER D 175 -32.12 33.81 -11.80
CA SER D 175 -31.56 33.01 -10.72
C SER D 175 -30.09 32.78 -11.03
N ILE D 176 -29.30 32.54 -9.97
CA ILE D 176 -27.87 32.27 -10.10
C ILE D 176 -27.59 31.13 -9.17
N ARG D 177 -26.76 30.18 -9.59
CA ARG D 177 -26.22 29.17 -8.69
C ARG D 177 -24.70 29.12 -8.89
N ILE D 178 -23.96 29.05 -7.81
CA ILE D 178 -22.51 28.94 -7.89
C ILE D 178 -22.10 27.78 -6.98
N TRP D 179 -20.95 27.22 -7.31
CA TRP D 179 -20.38 26.12 -6.55
C TRP D 179 -18.91 26.31 -6.32
N PHE D 180 -18.44 25.95 -5.13
CA PHE D 180 -17.04 26.05 -4.79
C PHE D 180 -16.71 25.12 -3.67
N GLN D 181 -15.45 25.09 -3.26
CA GLN D 181 -14.98 24.16 -2.25
C GLN D 181 -14.67 24.92 -0.95
N THR D 182 -15.08 24.36 0.19
CA THR D 182 -14.77 24.97 1.47
C THR D 182 -13.53 24.36 2.09
N ASP D 183 -13.08 24.96 3.20
CA ASP D 183 -11.86 24.54 3.84
C ASP D 183 -11.83 23.10 4.26
N ASP D 184 -12.98 22.53 4.56
CA ASP D 184 -13.12 21.16 4.93
C ASP D 184 -13.09 20.17 3.73
N LEU D 185 -12.88 20.72 2.52
CA LEU D 185 -12.78 20.01 1.25
C LEU D 185 -14.10 19.59 0.63
N LYS D 186 -15.21 19.96 1.27
CA LYS D 186 -16.53 19.68 0.69
C LYS D 186 -16.76 20.62 -0.49
N LEU D 187 -17.64 20.18 -1.40
CA LEU D 187 -18.13 21.00 -2.52
C LEU D 187 -19.54 21.46 -2.15
N VAL D 188 -19.79 22.75 -2.31
CA VAL D 188 -21.02 23.36 -1.85
C VAL D 188 -21.58 24.29 -2.94
N GLN D 189 -22.88 24.54 -2.76
CA GLN D 189 -23.65 25.46 -3.60
C GLN D 189 -24.02 26.71 -2.79
N ARG D 190 -23.94 27.87 -3.45
CA ARG D 190 -24.68 29.05 -2.99
C ARG D 190 -25.68 29.42 -4.07
N ALA D 191 -26.80 30.00 -3.66
CA ALA D 191 -27.93 30.19 -4.54
C ALA D 191 -28.54 31.57 -4.40
N TYR D 192 -28.85 32.21 -5.51
CA TYR D 192 -29.56 33.49 -5.58
C TYR D 192 -30.85 33.32 -6.38
N ASP D 193 -31.96 33.70 -5.75
CA ASP D 193 -33.23 33.91 -6.44
C ASP D 193 -33.72 35.32 -6.14
N PRO D 194 -34.56 35.90 -7.02
CA PRO D 194 -34.87 37.34 -6.83
C PRO D 194 -35.66 37.65 -5.55
N HIS D 195 -36.43 36.69 -4.99
CA HIS D 195 -37.18 36.96 -3.75
C HIS D 195 -36.37 36.72 -2.51
N LYS D 196 -35.53 35.70 -2.52
CA LYS D 196 -34.81 35.31 -1.32
C LYS D 196 -33.42 35.88 -1.33
N GLY D 197 -33.03 36.51 -2.45
CA GLY D 197 -31.66 37.00 -2.64
C GLY D 197 -30.70 35.82 -2.57
N TRP D 198 -29.53 36.04 -1.99
CA TRP D 198 -28.63 34.90 -1.68
C TRP D 198 -29.10 34.17 -0.47
N TYR D 199 -29.46 32.91 -0.66
CA TYR D 199 -30.03 32.11 0.40
C TYR D 199 -28.98 32.02 1.54
N PRO D 200 -29.41 32.13 2.81
CA PRO D 200 -28.49 31.97 3.96
C PRO D 200 -28.38 30.49 4.25
N ASP D 201 -27.68 29.79 3.34
CA ASP D 201 -27.43 28.36 3.48
C ASP D 201 -26.14 28.03 2.70
N LEU D 202 -25.78 26.77 2.73
CA LEU D 202 -24.67 26.27 1.98
C LEU D 202 -24.96 24.79 1.74
N VAL D 203 -25.45 24.45 0.57
CA VAL D 203 -25.87 23.05 0.29
C VAL D 203 -24.68 22.25 -0.16
N THR D 204 -24.38 21.17 0.55
CA THR D 204 -23.31 20.28 0.16
C THR D 204 -23.70 19.44 -1.01
N ILE D 205 -22.88 19.48 -2.07
CA ILE D 205 -23.08 18.59 -3.23
C ILE D 205 -22.10 17.43 -3.33
N PHE D 206 -20.99 17.50 -2.60
CA PHE D 206 -20.06 16.39 -2.53
C PHE D 206 -19.29 16.47 -1.22
N ASP D 207 -19.12 15.33 -0.52
CA ASP D 207 -18.59 15.37 0.82
C ASP D 207 -17.12 15.68 0.96
N ARG D 208 -16.31 15.25 0.00
CA ARG D 208 -14.87 15.42 0.10
C ARG D 208 -14.30 15.33 -1.31
N ALA D 209 -13.64 16.40 -1.76
CA ALA D 209 -12.98 16.40 -3.10
C ALA D 209 -11.51 16.83 -2.99
N PRO D 210 -10.70 16.56 -4.01
CA PRO D 210 -9.29 16.93 -3.95
C PRO D 210 -9.16 18.42 -3.70
N PRO D 211 -8.12 18.87 -2.99
CA PRO D 211 -7.95 20.30 -2.80
C PRO D 211 -7.69 21.06 -4.12
N ARG D 212 -8.47 22.13 -4.31
CA ARG D 212 -8.36 22.96 -5.53
C ARG D 212 -8.74 22.17 -6.81
N THR D 213 -9.58 21.15 -6.64
CA THR D 213 -10.18 20.53 -7.78
C THR D 213 -10.92 21.52 -8.67
N ALA D 214 -10.84 21.27 -9.98
CA ALA D 214 -11.64 22.00 -10.97
C ALA D 214 -13.12 21.79 -10.74
N ILE D 215 -13.90 22.86 -10.92
CA ILE D 215 -15.35 22.84 -10.76
C ILE D 215 -15.99 23.61 -11.91
N ALA D 216 -16.93 22.97 -12.60
CA ALA D 216 -17.63 23.57 -13.75
C ALA D 216 -19.09 23.18 -13.72
N ALA D 217 -19.98 24.06 -14.11
CA ALA D 217 -21.40 23.79 -14.03
C ALA D 217 -22.18 24.37 -15.20
N THR D 218 -23.32 23.73 -15.46
CA THR D 218 -24.26 24.19 -16.47
C THR D 218 -25.69 23.98 -15.94
N SER D 219 -26.64 24.61 -16.61
CA SER D 219 -28.08 24.38 -16.33
C SER D 219 -28.82 24.37 -17.67
N PHE D 220 -29.98 23.72 -17.69
CA PHE D 220 -30.79 23.60 -18.87
C PHE D 220 -32.26 23.34 -18.50
N GLY D 221 -33.16 23.61 -19.45
CA GLY D 221 -34.54 23.19 -19.29
C GLY D 221 -35.35 23.90 -18.23
N ALA D 222 -35.09 25.19 -18.06
CA ALA D 222 -35.84 25.99 -17.10
C ALA D 222 -37.32 25.95 -17.45
N GLY D 223 -38.14 25.76 -16.42
CA GLY D 223 -39.56 25.81 -16.53
C GLY D 223 -40.20 26.56 -15.42
N ASN D 224 -41.48 26.26 -15.16
CA ASN D 224 -42.15 26.85 -14.04
C ASN D 224 -41.60 26.31 -12.70
N SER D 225 -40.82 27.13 -12.02
CA SER D 225 -40.16 26.75 -10.73
C SER D 225 -39.38 25.43 -10.84
N SER D 226 -38.82 25.18 -12.02
CA SER D 226 -38.14 23.94 -12.32
C SER D 226 -36.86 24.22 -13.13
N ILE D 227 -35.82 23.42 -12.85
CA ILE D 227 -34.52 23.53 -13.55
C ILE D 227 -33.81 22.19 -13.49
N TYR D 228 -32.85 21.99 -14.38
CA TYR D 228 -31.93 20.84 -14.40
C TYR D 228 -30.53 21.40 -14.36
N MET D 229 -29.67 20.85 -13.51
CA MET D 229 -28.27 21.34 -13.40
C MET D 229 -27.29 20.19 -13.35
N ARG D 230 -26.07 20.44 -13.78
CA ARG D 230 -25.01 19.45 -13.79
C ARG D 230 -23.77 20.17 -13.35
N ILE D 231 -23.08 19.60 -12.37
CA ILE D 231 -21.81 20.13 -11.86
C ILE D 231 -20.77 19.04 -12.02
N TYR D 232 -19.58 19.43 -12.44
CA TYR D 232 -18.47 18.51 -12.73
C TYR D 232 -17.26 18.91 -11.92
N PHE D 233 -16.50 17.92 -11.47
CA PHE D 233 -15.23 18.21 -10.78
C PHE D 233 -14.28 17.04 -11.01
N VAL D 234 -13.01 17.21 -10.69
CA VAL D 234 -12.02 16.12 -10.85
C VAL D 234 -11.86 15.44 -9.49
N ASN D 235 -12.21 14.17 -9.42
CA ASN D 235 -12.15 13.45 -8.17
C ASN D 235 -10.79 12.83 -7.96
N SER D 236 -10.61 12.17 -6.81
CA SER D 236 -9.32 11.60 -6.42
C SER D 236 -8.89 10.42 -7.28
N ASP D 237 -9.85 9.85 -8.00
CA ASP D 237 -9.60 8.80 -8.99
C ASP D 237 -9.12 9.29 -10.34
N ASN D 238 -8.78 10.57 -10.40
CA ASN D 238 -8.32 11.19 -11.67
C ASN D 238 -9.35 10.99 -12.82
N THR D 239 -10.63 11.17 -12.45
CA THR D 239 -11.72 11.22 -13.40
C THR D 239 -12.60 12.43 -13.11
N ILE D 240 -13.26 12.94 -14.13
CA ILE D 240 -14.34 13.89 -13.92
C ILE D 240 -15.53 13.14 -13.37
N TRP D 241 -16.12 13.66 -12.29
CA TRP D 241 -17.41 13.22 -11.73
C TRP D 241 -18.47 14.28 -12.01
N GLN D 242 -19.70 13.80 -12.19
CA GLN D 242 -20.85 14.62 -12.41
C GLN D 242 -21.76 14.51 -11.20
N VAL D 243 -22.38 15.64 -10.84
CA VAL D 243 -23.40 15.68 -9.82
C VAL D 243 -24.65 16.19 -10.51
N CSD D 244 -25.78 15.50 -10.35
CA CSD D 244 -27.01 15.89 -11.03
CB CSD D 244 -27.61 14.62 -11.69
SG CSD D 244 -26.61 13.89 -12.88
C CSD D 244 -28.09 16.48 -10.10
O CSD D 244 -28.44 15.87 -9.09
OD1 CSD D 244 -25.55 12.86 -12.07
OD2 CSD D 244 -27.60 13.06 -13.51
N TRP D 245 -28.65 17.61 -10.53
CA TRP D 245 -29.90 18.13 -10.05
C TRP D 245 -30.90 17.92 -11.17
N ASP D 246 -32.01 17.21 -10.87
CA ASP D 246 -33.13 17.08 -11.79
C ASP D 246 -34.39 17.48 -11.05
N HIS D 247 -35.23 18.28 -11.70
CA HIS D 247 -36.43 18.76 -11.07
C HIS D 247 -37.26 17.61 -10.55
N GLY D 248 -37.71 17.72 -9.31
CA GLY D 248 -38.58 16.68 -8.75
C GLY D 248 -37.79 15.74 -7.91
N LYS D 249 -36.51 15.57 -8.21
CA LYS D 249 -35.59 14.71 -7.43
C LYS D 249 -34.51 15.46 -6.67
N GLY D 250 -34.28 16.71 -7.05
CA GLY D 250 -33.21 17.47 -6.41
C GLY D 250 -31.83 16.92 -6.74
N TYR D 251 -30.90 17.03 -5.76
CA TYR D 251 -29.56 16.49 -5.90
C TYR D 251 -29.61 14.97 -5.56
N HIS D 252 -29.77 14.13 -6.57
CA HIS D 252 -30.12 12.72 -6.33
C HIS D 252 -29.11 11.73 -6.83
N ASP D 253 -28.12 12.15 -7.60
CA ASP D 253 -27.17 11.17 -8.13
C ASP D 253 -25.86 11.85 -8.43
N LYS D 254 -24.84 11.03 -8.59
CA LYS D 254 -23.52 11.48 -8.92
C LYS D 254 -22.72 10.27 -9.31
N GLY D 255 -21.68 10.49 -10.10
CA GLY D 255 -20.80 9.39 -10.51
C GLY D 255 -19.77 9.79 -11.51
N THR D 256 -18.88 8.86 -11.80
CA THR D 256 -17.77 9.11 -12.74
C THR D 256 -18.25 9.24 -14.19
N ILE D 257 -17.59 10.12 -14.96
CA ILE D 257 -17.87 10.39 -16.37
C ILE D 257 -16.72 9.92 -17.28
N THR D 258 -15.52 10.46 -17.06
CA THR D 258 -14.39 10.08 -17.96
C THR D 258 -13.04 10.36 -17.30
N PRO D 259 -11.99 9.60 -17.64
CA PRO D 259 -10.68 9.84 -17.03
C PRO D 259 -10.05 11.12 -17.54
N VAL D 260 -9.25 11.71 -16.68
CA VAL D 260 -8.49 12.93 -17.03
C VAL D 260 -7.07 12.83 -16.51
N ILE D 261 -6.21 13.72 -17.00
CA ILE D 261 -4.86 13.85 -16.39
C ILE D 261 -5.04 14.36 -14.95
N GLN D 262 -4.07 13.99 -14.10
CA GLN D 262 -3.94 14.64 -12.78
C GLN D 262 -4.02 16.15 -12.90
N GLY D 263 -4.96 16.73 -12.16
CA GLY D 263 -5.08 18.18 -12.19
C GLY D 263 -5.65 18.80 -13.45
N SER D 264 -6.41 18.04 -14.27
CA SER D 264 -7.05 18.63 -15.45
C SER D 264 -8.01 19.73 -15.01
N GLU D 265 -8.13 20.76 -15.83
CA GLU D 265 -9.23 21.69 -15.72
C GLU D 265 -10.40 21.14 -16.56
N VAL D 266 -11.55 21.81 -16.44
CA VAL D 266 -12.81 21.27 -17.00
C VAL D 266 -13.71 22.43 -17.42
N ALA D 267 -14.33 22.30 -18.59
CA ALA D 267 -15.37 23.26 -19.02
C ALA D 267 -16.57 22.46 -19.49
N ILE D 268 -17.75 23.05 -19.35
CA ILE D 268 -19.02 22.42 -19.77
C ILE D 268 -19.87 23.47 -20.48
N ILE D 269 -20.50 23.02 -21.55
CA ILE D 269 -21.55 23.75 -22.25
C ILE D 269 -22.75 22.82 -22.43
N SER D 270 -23.94 23.43 -22.60
CA SER D 270 -25.13 22.64 -22.89
C SER D 270 -26.09 23.41 -23.77
N TRP D 271 -27.02 22.67 -24.36
CA TRP D 271 -28.17 23.30 -25.06
C TRP D 271 -29.30 22.36 -25.14
N GLY D 272 -30.47 22.92 -25.34
CA GLY D 272 -31.68 22.12 -25.40
C GLY D 272 -32.09 21.59 -24.05
N SER D 273 -32.96 20.58 -24.09
CA SER D 273 -33.57 20.10 -22.83
C SER D 273 -34.22 18.77 -23.04
N PHE D 274 -34.63 18.11 -21.96
CA PHE D 274 -35.31 16.84 -22.12
C PHE D 274 -36.58 16.98 -22.95
N ALA D 275 -37.26 18.11 -22.79
CA ALA D 275 -38.50 18.40 -23.57
C ALA D 275 -38.31 18.63 -25.07
N ASN D 276 -37.08 18.83 -25.55
N ASN D 276 -37.09 18.77 -25.56
CA ASN D 276 -36.82 19.03 -26.98
CA ASN D 276 -36.86 19.00 -26.98
C ASN D 276 -35.73 18.13 -27.56
C ASN D 276 -35.74 18.14 -27.56
N ASN D 277 -35.80 16.84 -27.26
CA ASN D 277 -34.87 15.86 -27.82
C ASN D 277 -33.41 16.16 -27.41
N GLY D 278 -33.29 16.69 -26.20
CA GLY D 278 -32.01 16.92 -25.56
C GLY D 278 -31.99 16.46 -24.10
N PRO D 279 -31.17 17.12 -23.26
CA PRO D 279 -30.21 18.15 -23.67
C PRO D 279 -29.06 17.59 -24.48
N ASP D 280 -28.15 18.49 -24.90
CA ASP D 280 -26.83 18.14 -25.39
C ASP D 280 -25.82 18.72 -24.39
N LEU D 281 -24.83 17.93 -24.01
CA LEU D 281 -23.74 18.34 -23.14
C LEU D 281 -22.42 18.14 -23.86
N ARG D 282 -21.48 19.09 -23.68
CA ARG D 282 -20.10 18.88 -24.14
C ARG D 282 -19.16 19.31 -22.99
N LEU D 283 -18.31 18.38 -22.60
CA LEU D 283 -17.20 18.67 -21.72
C LEU D 283 -15.89 18.75 -22.41
N TYR D 284 -15.03 19.64 -21.89
CA TYR D 284 -13.63 19.85 -22.37
C TYR D 284 -12.66 19.69 -21.21
N PHE D 285 -11.54 19.04 -21.49
CA PHE D 285 -10.60 18.63 -20.41
C PHE D 285 -9.36 18.09 -21.08
N GLN D 286 -8.35 17.75 -20.30
CA GLN D 286 -7.16 17.09 -20.81
C GLN D 286 -7.14 15.67 -20.25
N ASN D 287 -7.02 14.68 -21.15
CA ASN D 287 -6.97 13.28 -20.69
C ASN D 287 -5.71 12.56 -21.19
N GLY D 288 -4.73 13.33 -21.67
CA GLY D 288 -3.45 12.78 -22.14
C GLY D 288 -3.39 12.45 -23.60
N THR D 289 -4.41 12.83 -24.36
CA THR D 289 -4.39 12.62 -25.81
C THR D 289 -3.31 13.50 -26.40
N TYR D 290 -2.39 12.89 -27.16
CA TYR D 290 -1.23 13.60 -27.66
C TYR D 290 -0.50 14.36 -26.54
N ILE D 291 -0.53 13.78 -25.34
CA ILE D 291 0.04 14.32 -24.10
C ILE D 291 -0.71 15.54 -23.60
N SER D 292 -0.78 16.62 -24.40
CA SER D 292 -1.30 17.89 -23.90
C SER D 292 -2.50 18.44 -24.69
N ALA D 293 -3.08 17.63 -25.58
CA ALA D 293 -4.25 18.12 -26.32
C ALA D 293 -5.45 18.21 -25.37
N VAL D 294 -6.39 19.07 -25.75
CA VAL D 294 -7.70 19.16 -25.12
C VAL D 294 -8.63 18.15 -25.82
N SER D 295 -9.39 17.40 -25.04
CA SER D 295 -10.36 16.43 -25.53
C SER D 295 -11.78 16.80 -25.15
N GLU D 296 -12.74 16.16 -25.83
CA GLU D 296 -14.15 16.40 -25.64
C GLU D 296 -14.90 15.15 -25.23
N TRP D 297 -15.88 15.33 -24.37
CA TRP D 297 -16.88 14.29 -24.05
C TRP D 297 -18.23 14.81 -24.44
N VAL D 298 -19.05 13.91 -25.00
CA VAL D 298 -20.38 14.26 -25.52
C VAL D 298 -21.47 13.51 -24.78
N TRP D 299 -22.59 14.19 -24.50
CA TRP D 299 -23.84 13.52 -24.10
C TRP D 299 -24.91 14.02 -25.04
N ASN D 300 -25.66 13.12 -25.66
CA ASN D 300 -26.84 13.51 -26.40
C ASN D 300 -27.87 12.40 -26.36
N ARG D 301 -29.06 12.68 -26.88
CA ARG D 301 -30.13 11.68 -26.76
C ARG D 301 -29.94 10.50 -27.72
N ALA D 302 -29.20 10.71 -28.80
CA ALA D 302 -28.99 9.68 -29.82
C ALA D 302 -28.15 8.55 -29.28
N HIS D 303 -27.04 8.90 -28.64
CA HIS D 303 -26.04 7.90 -28.25
C HIS D 303 -25.58 7.93 -26.82
N GLY D 304 -26.19 8.78 -25.99
CA GLY D 304 -25.77 8.88 -24.59
C GLY D 304 -24.35 9.40 -24.42
N SER D 305 -23.65 8.81 -23.47
CA SER D 305 -22.30 9.19 -23.04
C SER D 305 -21.30 8.65 -24.04
N GLN D 306 -20.56 9.54 -24.72
CA GLN D 306 -19.50 9.12 -25.66
C GLN D 306 -18.31 10.07 -25.64
N LEU D 307 -17.11 9.57 -25.83
CA LEU D 307 -16.02 10.49 -26.16
C LEU D 307 -16.27 11.17 -27.52
N GLY D 308 -16.03 12.47 -27.60
CA GLY D 308 -16.19 13.21 -28.82
C GLY D 308 -14.84 13.43 -29.48
N ARG D 309 -14.60 14.66 -29.94
CA ARG D 309 -13.35 15.00 -30.61
C ARG D 309 -12.15 14.62 -29.74
N SER D 310 -11.25 13.79 -30.28
CA SER D 310 -10.12 13.25 -29.55
C SER D 310 -9.16 14.35 -29.10
N ALA D 311 -8.89 15.28 -30.01
CA ALA D 311 -7.89 16.29 -29.83
C ALA D 311 -8.31 17.54 -30.56
N LEU D 312 -8.66 18.59 -29.80
CA LEU D 312 -9.13 19.82 -30.40
C LEU D 312 -7.98 20.49 -31.18
N PRO D 313 -8.32 21.31 -32.19
CA PRO D 313 -7.34 22.21 -32.76
C PRO D 313 -6.65 23.00 -31.64
N PRO D 314 -5.32 23.19 -31.73
CA PRO D 314 -4.45 22.98 -32.90
C PRO D 314 -3.81 21.59 -33.00
N ALA D 315 -4.24 20.61 -32.21
CA ALA D 315 -3.56 19.32 -32.20
C ALA D 315 -3.60 18.62 -33.56
C1 SFU E . 21.56 -21.25 33.92
C2 SFU E . 20.55 -20.44 33.11
C3 SFU E . 21.15 -20.02 31.77
C4 SFU E . 21.75 -21.17 30.99
C5 SFU E . 22.79 -21.86 31.89
C6 SFU E . 23.38 -23.10 31.26
O2 SFU E . 20.09 -19.29 33.88
O3 SFU E . 20.15 -19.33 31.00
O4 SFU E . 20.69 -22.07 30.63
O5 SFU E . 22.17 -22.25 33.11
CM SFU E . 24.11 -21.37 35.39
SE SFU E . 22.97 -19.98 34.61
C1 SFU F . 30.81 -17.29 19.42
C2 SFU F . 29.72 -16.84 18.47
C3 SFU F . 29.87 -17.52 17.10
C4 SFU F . 29.91 -19.06 17.31
C5 SFU F . 31.02 -19.43 18.27
C6 SFU F . 31.12 -20.91 18.55
O2 SFU F . 29.75 -15.41 18.39
O3 SFU F . 28.82 -17.10 16.21
O4 SFU F . 28.66 -19.49 17.86
O5 SFU F . 30.84 -18.70 19.50
CM SFU F . 33.18 -15.69 20.56
SE SFU F . 32.62 -16.61 18.89
C1 SFU G . 33.22 -29.34 5.97
C2 SFU G . 31.95 -29.06 5.18
C3 SFU G . 31.04 -30.29 5.12
C4 SFU G . 30.84 -30.85 6.52
C5 SFU G . 32.18 -31.11 7.20
C6 SFU G . 32.04 -31.61 8.60
O2 SFU G . 32.25 -28.74 3.82
O3 SFU G . 29.81 -29.94 4.46
O4 SFU G . 30.06 -29.98 7.37
O5 SFU G . 32.96 -29.88 7.24
CM SFU G . 35.61 -30.95 6.39
SE SFU G . 34.44 -30.52 4.89
C1 SFU H . 25.28 -44.97 7.09
C2 SFU H . 24.04 -44.53 6.31
C3 SFU H . 22.77 -45.00 7.05
C4 SFU H . 22.75 -44.54 8.51
C5 SFU H . 24.02 -45.06 9.19
C6 SFU H . 24.13 -44.63 10.64
O2 SFU H . 24.07 -45.02 4.95
O3 SFU H . 21.64 -44.54 6.33
O4 SFU H . 22.66 -43.11 8.48
O5 SFU H . 25.15 -44.56 8.45
CM SFU H . 27.18 -46.91 5.98
SE SFU H . 25.44 -46.97 6.93
C1 SFU I . 12.94 -48.49 21.53
C2 SFU I . 11.70 -47.72 21.13
C3 SFU I . 11.38 -46.60 22.12
C4 SFU I . 12.64 -45.79 22.43
C5 SFU I . 13.80 -46.68 22.90
C6 SFU I . 15.11 -45.93 23.15
O2 SFU I . 10.58 -48.64 20.88
O3 SFU I . 10.30 -45.82 21.65
O4 SFU I . 13.00 -45.06 21.25
O5 SFU I . 14.04 -47.66 21.89
CM SFU I . 14.12 -50.73 23.09
SE SFU I . 12.43 -49.74 22.98
C1 SFU J . 11.83 -37.19 34.44
C2 SFU J . 10.73 -36.19 34.04
C3 SFU J . 11.17 -34.74 34.22
C4 SFU J . 12.54 -34.54 33.58
C5 SFU J . 13.56 -35.50 34.21
C6 SFU J . 14.94 -35.39 33.57
O2 SFU J . 9.52 -36.45 34.79
O3 SFU J . 10.17 -33.88 33.70
O4 SFU J . 12.46 -34.78 32.19
O5 SFU J . 13.13 -36.86 33.98
CM SFU J . 13.13 -38.93 36.44
SE SFU J . 11.90 -37.41 36.41
C1 SFU K . 31.97 -11.69 17.27
C2 SFU K . 30.61 -11.12 16.86
C3 SFU K . 29.50 -11.67 17.74
C4 SFU K . 29.83 -11.51 19.20
C5 SFU K . 31.14 -12.22 19.53
C6 SFU K . 31.56 -12.16 20.99
O2 SFU K . 30.43 -11.40 15.47
O3 SFU K . 28.25 -11.00 17.50
O4 SFU K . 29.91 -10.07 19.33
O5 SFU K . 32.21 -11.66 18.70
CM SFU K . 34.02 -13.58 17.33
SE SFU K . 32.16 -13.54 16.61
C1 SFU L . -11.77 -3.43 -7.16
C2 SFU L . -10.57 -3.68 -6.28
C3 SFU L . -10.70 -3.11 -4.86
C4 SFU L . -12.00 -3.52 -4.24
C5 SFU L . -13.16 -3.16 -5.20
C6 SFU L . -14.50 -3.59 -4.62
O2 SFU L . -9.36 -3.15 -6.86
O3 SFU L . -9.56 -3.55 -4.09
O4 SFU L . -12.01 -4.92 -4.01
O5 SFU L . -12.97 -3.80 -6.46
CM SFU L . -13.65 -1.47 -8.28
SE SFU L . -11.78 -1.52 -7.63
C1 SFU M . -15.55 4.57 8.16
C2 SFU M . -14.56 3.94 9.14
C3 SFU M . -15.24 3.44 10.41
C4 SFU M . -16.41 2.52 10.06
C5 SFU M . -17.36 3.26 9.11
C6 SFU M . -18.49 2.37 8.64
O2 SFU M . -13.47 4.85 9.41
O3 SFU M . -14.28 2.86 11.30
O4 SFU M . -15.91 1.36 9.39
O5 SFU M . -16.65 3.66 7.98
CM SFU M . -15.68 7.46 7.32
SE SFU M . -16.21 6.31 8.81
C1 SFU N . -26.98 -3.05 20.28
C2 SFU N . -25.99 -3.95 21.03
C3 SFU N . -26.28 -5.44 20.84
C4 SFU N . -26.41 -5.77 19.36
C5 SFU N . -27.49 -4.88 18.77
C6 SFU N . -27.67 -5.06 17.29
O2 SFU N . -26.00 -3.60 22.43
O3 SFU N . -25.30 -6.24 21.54
O4 SFU N . -25.17 -5.51 18.64
O5 SFU N . -27.13 -3.47 18.93
CM SFU N . -29.66 -2.15 19.80
SE SFU N . -28.70 -3.04 21.28
C1 SFU O . -33.37 -19.04 17.12
C2 SFU O . -32.28 -19.79 17.91
C3 SFU O . -31.75 -20.97 17.08
C4 SFU O . -31.35 -20.51 15.68
C5 SFU O . -32.49 -19.73 14.98
C6 SFU O . -32.03 -19.21 13.64
O2 SFU O . -32.83 -20.19 19.14
O3 SFU O . -30.68 -21.63 17.76
O4 SFU O . -30.20 -19.66 15.84
O5 SFU O . -32.91 -18.65 15.82
CM SFU O . -35.20 -20.67 18.87
SE SFU O . -35.03 -20.15 17.00
C1 SFU P . -27.21 -28.93 1.84
C2 SFU P . -25.84 -29.40 2.28
C3 SFU P . -24.77 -28.83 1.38
C4 SFU P . -24.89 -27.31 1.25
C5 SFU P . -26.29 -26.95 0.71
C6 SFU P . -26.52 -25.46 0.57
O2 SFU P . -25.78 -30.83 2.30
O3 SFU P . -23.52 -29.24 1.93
O4 SFU P . -24.69 -26.76 2.56
O5 SFU P . -27.27 -27.55 1.56
CM SFU P . -28.87 -28.54 -0.56
SE SFU P . -27.76 -29.95 0.21
C1 SFU Q . -17.19 -20.97 -10.16
C2 SFU Q . -15.77 -21.16 -9.64
C3 SFU Q . -15.01 -19.86 -9.58
C4 SFU Q . -15.80 -18.80 -8.83
C5 SFU Q . -17.15 -18.62 -9.56
C6 SFU Q . -18.07 -17.61 -8.84
O2 SFU Q . -15.06 -22.11 -10.46
O3 SFU Q . -13.74 -20.11 -8.93
O4 SFU Q . -16.04 -19.25 -7.52
O5 SFU Q . -17.80 -19.85 -9.50
CM SFU Q . -19.10 -20.47 -12.46
SE SFU Q . -17.17 -20.71 -12.13
C1 SFU R . 23.26 30.33 4.22
C2 SFU R . 22.09 30.77 3.34
C3 SFU R . 22.49 30.78 1.89
C4 SFU R . 23.07 29.44 1.49
C5 SFU R . 24.27 29.07 2.40
C6 SFU R . 24.86 27.72 2.05
O2 SFU R . 21.67 32.05 3.75
O3 SFU R . 21.36 31.15 1.10
O4 SFU R . 22.10 28.37 1.51
O5 SFU R . 23.81 29.08 3.77
CM SFU R . 25.99 30.60 5.17
SE SFU R . 24.67 31.75 4.28
C1 SFU S . 30.33 30.09 -11.80
C2 SFU S . 29.12 30.18 -12.72
C3 SFU S . 29.16 29.17 -13.87
C4 SFU S . 29.35 27.79 -13.27
C5 SFU S . 30.60 27.78 -12.40
C6 SFU S . 30.77 26.43 -11.75
O2 SFU S . 28.97 31.51 -13.23
O3 SFU S . 27.97 29.27 -14.72
O4 SFU S . 28.20 27.47 -12.45
O5 SFU S . 30.49 28.73 -11.38
CM SFU S . 32.87 31.67 -11.21
SE SFU S . 31.99 30.73 -12.70
C1 SFU T . 31.95 14.59 -21.39
C2 SFU T . 30.59 14.54 -22.05
C3 SFU T . 29.73 13.33 -21.66
C4 SFU T . 29.72 13.18 -20.14
C5 SFU T . 31.16 13.15 -19.61
C6 SFU T . 31.25 13.02 -18.07
O2 SFU T . 30.78 14.59 -23.47
O3 SFU T . 28.39 13.50 -22.18
O4 SFU T . 29.04 14.30 -19.52
O5 SFU T . 31.85 14.36 -19.99
CM SFU T . 34.36 13.00 -20.83
SE SFU T . 33.09 13.21 -22.31
C1 SFU U . 25.16 -0.41 -14.88
C2 SFU U . 23.83 -0.27 -15.58
C3 SFU U . 22.69 -0.50 -14.59
C4 SFU U . 22.85 0.40 -13.34
C5 SFU U . 24.22 0.23 -12.73
C6 SFU U . 24.48 1.13 -11.52
O2 SFU U . 23.82 -1.20 -16.71
O3 SFU U . 21.45 -0.24 -15.28
O4 SFU U . 22.68 1.77 -13.76
O5 SFU U . 25.25 0.43 -13.73
CM SFU U . 27.31 -2.32 -15.16
SE SFU U . 25.49 -2.30 -14.35
C1 SFU V . 15.06 0.27 1.42
C2 SFU V . 13.74 0.89 0.99
C3 SFU V . 13.50 2.19 1.71
C4 SFU V . 14.70 3.13 1.54
C5 SFU V . 15.97 2.47 2.06
C6 SFU V . 17.24 3.28 1.82
O2 SFU V . 12.70 -0.09 1.14
O3 SFU V . 12.31 2.81 1.20
O4 SFU V . 14.78 3.48 0.13
O5 SFU V . 16.11 1.21 1.39
CM SFU V . 16.68 -1.24 3.27
SE SFU V . 14.86 -0.52 3.23
C1 SFU W . 14.74 14.96 10.83
C2 SFU W . 13.58 15.72 10.25
C3 SFU W . 13.93 17.18 9.93
C4 SFU W . 15.17 17.18 9.03
C5 SFU W . 16.30 16.50 9.78
C6 SFU W . 17.63 16.47 9.00
O2 SFU W . 12.49 15.64 11.17
O3 SFU W . 12.74 17.78 9.34
O4 SFU W . 14.90 16.44 7.84
O5 SFU W . 15.90 15.17 10.02
CM SFU W . 16.43 14.06 12.98
SE SFU W . 15.03 15.44 12.74
C1 SFU X . -16.15 33.87 -35.50
C2 SFU X . -14.80 33.87 -34.81
C3 SFU X . -14.77 34.86 -33.65
C4 SFU X . -15.96 34.68 -32.70
C5 SFU X . -17.27 34.72 -33.52
C6 SFU X . -18.45 34.35 -32.67
O2 SFU X . -13.70 34.17 -35.72
O3 SFU X . -13.51 34.76 -32.93
O4 SFU X . -15.86 33.39 -32.10
O5 SFU X . -17.23 33.78 -34.58
CM SFU X . -18.21 35.35 -36.78
SE SFU X . -16.29 35.57 -36.53
C1 SFU Y . -18.65 45.93 -22.92
C2 SFU Y . -17.49 45.68 -21.96
C3 SFU Y . -17.97 45.60 -20.53
C4 SFU Y . -19.07 44.53 -20.45
C5 SFU Y . -20.24 44.86 -21.39
C6 SFU Y . -21.35 43.81 -21.44
O2 SFU Y . -16.46 46.67 -22.18
O3 SFU Y . -16.85 45.35 -19.69
O4 SFU Y . -18.51 43.24 -20.82
O5 SFU Y . -19.72 45.02 -22.70
CM SFU Y . -19.32 48.28 -24.63
SE SFU Y . -19.41 47.75 -22.75
C1 SFU Z . -27.73 42.30 -7.52
C2 SFU Z . -26.58 41.72 -6.69
C3 SFU Z . -26.77 40.24 -6.33
C4 SFU Z . -27.12 39.42 -7.57
C5 SFU Z . -28.31 40.05 -8.28
C6 SFU Z . -28.72 39.35 -9.55
O2 SFU Z . -26.41 42.47 -5.51
O3 SFU Z . -25.62 39.75 -5.62
O4 SFU Z . -26.01 39.39 -8.48
O5 SFU Z . -27.99 41.44 -8.60
CM SFU Z . -30.65 42.81 -7.74
SE SFU Z . -29.31 42.56 -6.37
C1 SFU AA . -33.31 25.91 -4.74
C2 SFU AA . -32.08 25.43 -4.00
C3 SFU AA . -31.62 24.04 -4.45
C4 SFU AA . -31.40 24.12 -5.97
C5 SFU AA . -32.70 24.58 -6.64
C6 SFU AA . -32.56 24.63 -8.16
O2 SFU AA . -32.27 25.58 -2.56
O3 SFU AA . -30.38 23.70 -3.81
O4 SFU AA . -30.31 25.00 -6.27
O5 SFU AA . -33.08 25.87 -6.15
CM SFU AA . -36.05 26.23 -3.69
SE SFU AA . -34.84 24.76 -4.20
C1 SFU BA . -28.54 11.99 -17.03
C2 SFU BA . -27.06 11.68 -16.76
C3 SFU BA . -26.16 11.96 -17.97
C4 SFU BA . -26.48 13.35 -18.53
C5 SFU BA . -27.97 13.49 -18.80
C6 SFU BA . -28.36 14.89 -19.27
O2 SFU BA . -26.89 10.32 -16.19
O3 SFU BA . -24.79 11.87 -17.56
O4 SFU BA . -26.07 14.33 -17.54
O5 SFU BA . -28.81 13.25 -17.66
CM SFU BA . -31.13 10.88 -17.93
SE SFU BA . -29.24 10.50 -18.15
C1 SFU CA . -20.63 16.09 -31.95
C2 SFU CA . -19.11 16.10 -31.66
C3 SFU CA . -18.44 17.37 -32.18
C4 SFU CA . -19.25 18.59 -31.71
C5 SFU CA . -20.69 18.52 -32.21
C6 SFU CA . -21.53 19.75 -31.83
O2 SFU CA . -18.46 14.95 -32.22
O3 SFU CA . -17.08 17.38 -31.76
O4 SFU CA . -19.29 18.58 -30.27
O5 SFU CA . -21.28 17.33 -31.65
CM SFU CA . -22.99 15.39 -33.64
SE SFU CA . -21.04 15.62 -33.85
C1 SFU DA . -15.39 51.05 -22.15
C2 SFU DA . -14.02 50.51 -21.76
C3 SFU DA . -13.70 49.19 -22.43
C4 SFU DA . -13.92 49.25 -23.91
C5 SFU DA . -15.36 49.68 -24.22
C6 SFU DA . -15.68 49.67 -25.69
O2 SFU DA . -13.87 50.45 -20.35
O3 SFU DA . -12.33 48.82 -22.16
O4 SFU DA . -13.00 50.22 -24.41
O5 SFU DA . -15.61 50.97 -23.58
CM SFU DA . -18.18 51.07 -22.07
SE SFU DA . -16.77 50.04 -21.20
#